data_8WDX
# 
_entry.id   8WDX 
# 
_audit_conform.dict_name       mmcif_pdbx.dic 
_audit_conform.dict_version    5.383 
_audit_conform.dict_location   http://mmcif.pdb.org/dictionaries/ascii/mmcif_pdbx.dic 
# 
loop_
_database_2.database_id 
_database_2.database_code 
_database_2.pdbx_database_accession 
_database_2.pdbx_DOI 
PDB   8WDX         pdb_00008wdx 10.2210/pdb8wdx/pdb 
WWPDB D_1300041115 ?            ?                   
# 
_pdbx_audit_revision_history.ordinal             1 
_pdbx_audit_revision_history.data_content_type   'Structure model' 
_pdbx_audit_revision_history.major_revision      1 
_pdbx_audit_revision_history.minor_revision      0 
_pdbx_audit_revision_history.revision_date       2023-12-27 
# 
_pdbx_audit_revision_details.ordinal             1 
_pdbx_audit_revision_details.revision_ordinal    1 
_pdbx_audit_revision_details.data_content_type   'Structure model' 
_pdbx_audit_revision_details.provider            repository 
_pdbx_audit_revision_details.type                'Initial release' 
_pdbx_audit_revision_details.description         ? 
_pdbx_audit_revision_details.details             ? 
# 
_pdbx_database_status.status_code                     REL 
_pdbx_database_status.status_code_sf                  REL 
_pdbx_database_status.status_code_mr                  ? 
_pdbx_database_status.entry_id                        8WDX 
_pdbx_database_status.recvd_initial_deposition_date   2023-09-16 
_pdbx_database_status.SG_entry                        N 
_pdbx_database_status.deposit_site                    PDBJ 
_pdbx_database_status.process_site                    PDBJ 
_pdbx_database_status.status_code_cs                  ? 
_pdbx_database_status.status_code_nmr_data            ? 
_pdbx_database_status.methods_development_category    ? 
_pdbx_database_status.pdb_format_compatible           Y 
# 
loop_
_pdbx_contact_author.id 
_pdbx_contact_author.email 
_pdbx_contact_author.name_first 
_pdbx_contact_author.name_last 
_pdbx_contact_author.name_mi 
_pdbx_contact_author.role 
_pdbx_contact_author.identifier_ORCID 
2 ycxu@simm.ac.cn    Yechun Xu  ? 'principal investigator/group leader' 0000-0002-1581-6155 
3 xiehang@simm.ac.cn Hang   Xie ? 'principal investigator/group leader' 0000-0002-7760-2881 
# 
loop_
_audit_author.name 
_audit_author.pdbx_ordinal 
_audit_author.identifier_ORCID 
'Xie, H.'    1 ? 
'Chen, G.F.' 2 ? 
'Xu, Y.C.'   3 ? 
# 
_citation.abstract                  ? 
_citation.abstract_id_CAS           ? 
_citation.book_id_ISBN              ? 
_citation.book_publisher            ? 
_citation.book_publisher_city       ? 
_citation.book_title                ? 
_citation.coordinate_linkage        ? 
_citation.country                   FR 
_citation.database_id_Medline       ? 
_citation.details                   ? 
_citation.id                        primary 
_citation.journal_abbrev            Eur.J.Med.Chem. 
_citation.journal_id_ASTM           EJMCA5 
_citation.journal_id_CSD            0493 
_citation.journal_id_ISSN           0223-5234 
_citation.journal_full              ? 
_citation.journal_issue             ? 
_citation.journal_volume            264 
_citation.language                  ? 
_citation.page_first                115984 
_citation.page_last                 115984 
_citation.title                     'Structure-based design of potent FABP4 inhibitors with high selectivity against FABP3.' 
_citation.year                      2023 
_citation.database_id_CSD           ? 
_citation.pdbx_database_id_DOI      10.1016/j.ejmech.2023.115984 
_citation.pdbx_database_id_PubMed   38043490 
_citation.pdbx_database_id_patent   ? 
_citation.unpublished_flag          ? 
# 
loop_
_citation_author.citation_id 
_citation_author.name 
_citation_author.ordinal 
_citation_author.identifier_ORCID 
primary 'Chen, G.' 1 ? 
primary 'Xie, H.'  2 ? 
primary 'You, M.'  3 ? 
primary 'Liu, J.'  4 ? 
primary 'Shao, Q.' 5 ? 
primary 'Li, M.'   6 ? 
primary 'Su, H.'   7 ? 
primary 'Xu, Y.'   8 ? 
# 
loop_
_entity.id 
_entity.type 
_entity.src_method 
_entity.pdbx_description 
_entity.formula_weight 
_entity.pdbx_number_of_molecules 
_entity.pdbx_ec 
_entity.pdbx_mutation 
_entity.pdbx_fragment 
_entity.details 
1 polymer     man 'Fatty acid-binding protein, adipocyte'                        16911.268 1  ? ? ? ? 
2 non-polymer syn '2-[(3-chloranyl-2-phenyl-phenyl)amino]-6-methyl-benzoic acid' 337.800   1  ? ? ? ? 
3 non-polymer syn 1,2-ETHANEDIOL                                                 62.068    1  ? ? ? ? 
4 water       nat water                                                          18.015    61 ? ? ? ? 
# 
_entity_name_com.entity_id   1 
_entity_name_com.name        
'Adipocyte lipid-binding protein,ALBP,Adipocyte-type fatty acid-binding protein,AFABP,Fatty acid-binding protein 4' 
# 
_entity_poly.entity_id                      1 
_entity_poly.type                           'polypeptide(L)' 
_entity_poly.nstd_linkage                   no 
_entity_poly.nstd_monomer                   no 
_entity_poly.pdbx_seq_one_letter_code       
;MGSSHHHHHHSSGLVPRGSHMCDAFVGTWKLVSSENFDDYMKEVGVGFATRKVAGMAKPNMIISVNGDVITIKSESTFKN
TEISFILGQEFDEVTADDRKVKSTITLDGGVLVHVQKWDGKSTTIKRKREDDKLVVECVMKGVTSTRVYERA
;
_entity_poly.pdbx_seq_one_letter_code_can   
;MGSSHHHHHHSSGLVPRGSHMCDAFVGTWKLVSSENFDDYMKEVGVGFATRKVAGMAKPNMIISVNGDVITIKSESTFKN
TEISFILGQEFDEVTADDRKVKSTITLDGGVLVHVQKWDGKSTTIKRKREDDKLVVECVMKGVTSTRVYERA
;
_entity_poly.pdbx_strand_id                 A 
_entity_poly.pdbx_target_identifier         ? 
# 
loop_
_pdbx_entity_nonpoly.entity_id 
_pdbx_entity_nonpoly.name 
_pdbx_entity_nonpoly.comp_id 
2 '2-[(3-chloranyl-2-phenyl-phenyl)amino]-6-methyl-benzoic acid' W6K 
3 1,2-ETHANEDIOL                                                 EDO 
4 water                                                          HOH 
# 
loop_
_entity_poly_seq.entity_id 
_entity_poly_seq.num 
_entity_poly_seq.mon_id 
_entity_poly_seq.hetero 
1 1   MET n 
1 2   GLY n 
1 3   SER n 
1 4   SER n 
1 5   HIS n 
1 6   HIS n 
1 7   HIS n 
1 8   HIS n 
1 9   HIS n 
1 10  HIS n 
1 11  SER n 
1 12  SER n 
1 13  GLY n 
1 14  LEU n 
1 15  VAL n 
1 16  PRO n 
1 17  ARG n 
1 18  GLY n 
1 19  SER n 
1 20  HIS n 
1 21  MET n 
1 22  CYS n 
1 23  ASP n 
1 24  ALA n 
1 25  PHE n 
1 26  VAL n 
1 27  GLY n 
1 28  THR n 
1 29  TRP n 
1 30  LYS n 
1 31  LEU n 
1 32  VAL n 
1 33  SER n 
1 34  SER n 
1 35  GLU n 
1 36  ASN n 
1 37  PHE n 
1 38  ASP n 
1 39  ASP n 
1 40  TYR n 
1 41  MET n 
1 42  LYS n 
1 43  GLU n 
1 44  VAL n 
1 45  GLY n 
1 46  VAL n 
1 47  GLY n 
1 48  PHE n 
1 49  ALA n 
1 50  THR n 
1 51  ARG n 
1 52  LYS n 
1 53  VAL n 
1 54  ALA n 
1 55  GLY n 
1 56  MET n 
1 57  ALA n 
1 58  LYS n 
1 59  PRO n 
1 60  ASN n 
1 61  MET n 
1 62  ILE n 
1 63  ILE n 
1 64  SER n 
1 65  VAL n 
1 66  ASN n 
1 67  GLY n 
1 68  ASP n 
1 69  VAL n 
1 70  ILE n 
1 71  THR n 
1 72  ILE n 
1 73  LYS n 
1 74  SER n 
1 75  GLU n 
1 76  SER n 
1 77  THR n 
1 78  PHE n 
1 79  LYS n 
1 80  ASN n 
1 81  THR n 
1 82  GLU n 
1 83  ILE n 
1 84  SER n 
1 85  PHE n 
1 86  ILE n 
1 87  LEU n 
1 88  GLY n 
1 89  GLN n 
1 90  GLU n 
1 91  PHE n 
1 92  ASP n 
1 93  GLU n 
1 94  VAL n 
1 95  THR n 
1 96  ALA n 
1 97  ASP n 
1 98  ASP n 
1 99  ARG n 
1 100 LYS n 
1 101 VAL n 
1 102 LYS n 
1 103 SER n 
1 104 THR n 
1 105 ILE n 
1 106 THR n 
1 107 LEU n 
1 108 ASP n 
1 109 GLY n 
1 110 GLY n 
1 111 VAL n 
1 112 LEU n 
1 113 VAL n 
1 114 HIS n 
1 115 VAL n 
1 116 GLN n 
1 117 LYS n 
1 118 TRP n 
1 119 ASP n 
1 120 GLY n 
1 121 LYS n 
1 122 SER n 
1 123 THR n 
1 124 THR n 
1 125 ILE n 
1 126 LYS n 
1 127 ARG n 
1 128 LYS n 
1 129 ARG n 
1 130 GLU n 
1 131 ASP n 
1 132 ASP n 
1 133 LYS n 
1 134 LEU n 
1 135 VAL n 
1 136 VAL n 
1 137 GLU n 
1 138 CYS n 
1 139 VAL n 
1 140 MET n 
1 141 LYS n 
1 142 GLY n 
1 143 VAL n 
1 144 THR n 
1 145 SER n 
1 146 THR n 
1 147 ARG n 
1 148 VAL n 
1 149 TYR n 
1 150 GLU n 
1 151 ARG n 
1 152 ALA n 
# 
_entity_src_gen.entity_id                          1 
_entity_src_gen.pdbx_src_id                        1 
_entity_src_gen.pdbx_alt_source_flag               sample 
_entity_src_gen.pdbx_seq_type                      'Biological sequence' 
_entity_src_gen.pdbx_beg_seq_num                   1 
_entity_src_gen.pdbx_end_seq_num                   152 
_entity_src_gen.gene_src_common_name               human 
_entity_src_gen.gene_src_genus                     ? 
_entity_src_gen.pdbx_gene_src_gene                 FABP4 
_entity_src_gen.gene_src_species                   ? 
_entity_src_gen.gene_src_strain                    ? 
_entity_src_gen.gene_src_tissue                    ? 
_entity_src_gen.gene_src_tissue_fraction           ? 
_entity_src_gen.gene_src_details                   ? 
_entity_src_gen.pdbx_gene_src_fragment             ? 
_entity_src_gen.pdbx_gene_src_scientific_name      'Homo sapiens' 
_entity_src_gen.pdbx_gene_src_ncbi_taxonomy_id     9606 
_entity_src_gen.pdbx_gene_src_variant              ? 
_entity_src_gen.pdbx_gene_src_cell_line            ? 
_entity_src_gen.pdbx_gene_src_atcc                 ? 
_entity_src_gen.pdbx_gene_src_organ                ? 
_entity_src_gen.pdbx_gene_src_organelle            ? 
_entity_src_gen.pdbx_gene_src_cell                 ? 
_entity_src_gen.pdbx_gene_src_cellular_location    ? 
_entity_src_gen.host_org_common_name               ? 
_entity_src_gen.pdbx_host_org_scientific_name      'Escherichia coli BL21(DE3)' 
_entity_src_gen.pdbx_host_org_ncbi_taxonomy_id     469008 
_entity_src_gen.host_org_genus                     ? 
_entity_src_gen.pdbx_host_org_gene                 ? 
_entity_src_gen.pdbx_host_org_organ                ? 
_entity_src_gen.host_org_species                   ? 
_entity_src_gen.pdbx_host_org_tissue               ? 
_entity_src_gen.pdbx_host_org_tissue_fraction      ? 
_entity_src_gen.pdbx_host_org_strain               ? 
_entity_src_gen.pdbx_host_org_variant              ? 
_entity_src_gen.pdbx_host_org_cell_line            ? 
_entity_src_gen.pdbx_host_org_atcc                 ? 
_entity_src_gen.pdbx_host_org_culture_collection   ? 
_entity_src_gen.pdbx_host_org_cell                 ? 
_entity_src_gen.pdbx_host_org_organelle            ? 
_entity_src_gen.pdbx_host_org_cellular_location    ? 
_entity_src_gen.pdbx_host_org_vector_type          ? 
_entity_src_gen.pdbx_host_org_vector               ? 
_entity_src_gen.host_org_details                   ? 
_entity_src_gen.expression_system_id               ? 
_entity_src_gen.plasmid_name                       ? 
_entity_src_gen.plasmid_details                    ? 
_entity_src_gen.pdbx_description                   ? 
# 
loop_
_chem_comp.id 
_chem_comp.type 
_chem_comp.mon_nstd_flag 
_chem_comp.name 
_chem_comp.pdbx_synonyms 
_chem_comp.formula 
_chem_comp.formula_weight 
ALA 'L-peptide linking' y ALANINE                                                        ?                 'C3 H7 N O2'      
89.093  
ARG 'L-peptide linking' y ARGININE                                                       ?                 'C6 H15 N4 O2 1'  
175.209 
ASN 'L-peptide linking' y ASPARAGINE                                                     ?                 'C4 H8 N2 O3'     
132.118 
ASP 'L-peptide linking' y 'ASPARTIC ACID'                                                ?                 'C4 H7 N O4'      
133.103 
CYS 'L-peptide linking' y CYSTEINE                                                       ?                 'C3 H7 N O2 S'    
121.158 
EDO non-polymer         . 1,2-ETHANEDIOL                                                 'ETHYLENE GLYCOL' 'C2 H6 O2'        
62.068  
GLN 'L-peptide linking' y GLUTAMINE                                                      ?                 'C5 H10 N2 O3'    
146.144 
GLU 'L-peptide linking' y 'GLUTAMIC ACID'                                                ?                 'C5 H9 N O4'      
147.129 
GLY 'peptide linking'   y GLYCINE                                                        ?                 'C2 H5 N O2'      
75.067  
HIS 'L-peptide linking' y HISTIDINE                                                      ?                 'C6 H10 N3 O2 1'  
156.162 
HOH non-polymer         . WATER                                                          ?                 'H2 O'            
18.015  
ILE 'L-peptide linking' y ISOLEUCINE                                                     ?                 'C6 H13 N O2'     
131.173 
LEU 'L-peptide linking' y LEUCINE                                                        ?                 'C6 H13 N O2'     
131.173 
LYS 'L-peptide linking' y LYSINE                                                         ?                 'C6 H15 N2 O2 1'  
147.195 
MET 'L-peptide linking' y METHIONINE                                                     ?                 'C5 H11 N O2 S'   
149.211 
PHE 'L-peptide linking' y PHENYLALANINE                                                  ?                 'C9 H11 N O2'     
165.189 
PRO 'L-peptide linking' y PROLINE                                                        ?                 'C5 H9 N O2'      
115.130 
SER 'L-peptide linking' y SERINE                                                         ?                 'C3 H7 N O3'      
105.093 
THR 'L-peptide linking' y THREONINE                                                      ?                 'C4 H9 N O3'      
119.119 
TRP 'L-peptide linking' y TRYPTOPHAN                                                     ?                 'C11 H12 N2 O2'   
204.225 
TYR 'L-peptide linking' y TYROSINE                                                       ?                 'C9 H11 N O3'     
181.189 
VAL 'L-peptide linking' y VALINE                                                         ?                 'C5 H11 N O2'     
117.146 
W6K non-polymer         . '2-[(3-chloranyl-2-phenyl-phenyl)amino]-6-methyl-benzoic acid' ?                 'C20 H16 Cl N O2' 
337.800 
# 
loop_
_pdbx_poly_seq_scheme.asym_id 
_pdbx_poly_seq_scheme.entity_id 
_pdbx_poly_seq_scheme.seq_id 
_pdbx_poly_seq_scheme.mon_id 
_pdbx_poly_seq_scheme.ndb_seq_num 
_pdbx_poly_seq_scheme.pdb_seq_num 
_pdbx_poly_seq_scheme.auth_seq_num 
_pdbx_poly_seq_scheme.pdb_mon_id 
_pdbx_poly_seq_scheme.auth_mon_id 
_pdbx_poly_seq_scheme.pdb_strand_id 
_pdbx_poly_seq_scheme.pdb_ins_code 
_pdbx_poly_seq_scheme.hetero 
A 1 1   MET 1   -20 ?   ?   ?   A . n 
A 1 2   GLY 2   -19 ?   ?   ?   A . n 
A 1 3   SER 3   -18 ?   ?   ?   A . n 
A 1 4   SER 4   -17 ?   ?   ?   A . n 
A 1 5   HIS 5   -16 ?   ?   ?   A . n 
A 1 6   HIS 6   -15 ?   ?   ?   A . n 
A 1 7   HIS 7   -14 ?   ?   ?   A . n 
A 1 8   HIS 8   -13 ?   ?   ?   A . n 
A 1 9   HIS 9   -12 ?   ?   ?   A . n 
A 1 10  HIS 10  -11 ?   ?   ?   A . n 
A 1 11  SER 11  -10 ?   ?   ?   A . n 
A 1 12  SER 12  -9  ?   ?   ?   A . n 
A 1 13  GLY 13  -8  ?   ?   ?   A . n 
A 1 14  LEU 14  -7  ?   ?   ?   A . n 
A 1 15  VAL 15  -6  ?   ?   ?   A . n 
A 1 16  PRO 16  -5  ?   ?   ?   A . n 
A 1 17  ARG 17  -4  ?   ?   ?   A . n 
A 1 18  GLY 18  -3  ?   ?   ?   A . n 
A 1 19  SER 19  -2  -2  SER SER A . n 
A 1 20  HIS 20  -1  -1  HIS HIS A . n 
A 1 21  MET 21  0   0   MET MET A . n 
A 1 22  CYS 22  1   1   CYS CYS A . n 
A 1 23  ASP 23  2   2   ASP ASP A . n 
A 1 24  ALA 24  3   3   ALA ALA A . n 
A 1 25  PHE 25  4   4   PHE PHE A . n 
A 1 26  VAL 26  5   5   VAL VAL A . n 
A 1 27  GLY 27  6   6   GLY GLY A . n 
A 1 28  THR 28  7   7   THR THR A . n 
A 1 29  TRP 29  8   8   TRP TRP A . n 
A 1 30  LYS 30  9   9   LYS LYS A . n 
A 1 31  LEU 31  10  10  LEU LEU A . n 
A 1 32  VAL 32  11  11  VAL VAL A . n 
A 1 33  SER 33  12  12  SER SER A . n 
A 1 34  SER 34  13  13  SER SER A . n 
A 1 35  GLU 35  14  14  GLU GLU A . n 
A 1 36  ASN 36  15  15  ASN ASN A . n 
A 1 37  PHE 37  16  16  PHE PHE A . n 
A 1 38  ASP 38  17  17  ASP ASP A . n 
A 1 39  ASP 39  18  18  ASP ASP A . n 
A 1 40  TYR 40  19  19  TYR TYR A . n 
A 1 41  MET 41  20  20  MET MET A . n 
A 1 42  LYS 42  21  21  LYS LYS A . n 
A 1 43  GLU 43  22  22  GLU GLU A . n 
A 1 44  VAL 44  23  23  VAL VAL A . n 
A 1 45  GLY 45  24  24  GLY GLY A . n 
A 1 46  VAL 46  25  25  VAL VAL A . n 
A 1 47  GLY 47  26  26  GLY GLY A . n 
A 1 48  PHE 48  27  27  PHE PHE A . n 
A 1 49  ALA 49  28  28  ALA ALA A . n 
A 1 50  THR 50  29  29  THR THR A . n 
A 1 51  ARG 51  30  30  ARG ARG A . n 
A 1 52  LYS 52  31  31  LYS LYS A . n 
A 1 53  VAL 53  32  32  VAL VAL A . n 
A 1 54  ALA 54  33  33  ALA ALA A . n 
A 1 55  GLY 55  34  34  GLY GLY A . n 
A 1 56  MET 56  35  35  MET MET A . n 
A 1 57  ALA 57  36  36  ALA ALA A . n 
A 1 58  LYS 58  37  37  LYS LYS A . n 
A 1 59  PRO 59  38  38  PRO PRO A . n 
A 1 60  ASN 60  39  39  ASN ASN A . n 
A 1 61  MET 61  40  40  MET MET A . n 
A 1 62  ILE 62  41  41  ILE ILE A . n 
A 1 63  ILE 63  42  42  ILE ILE A . n 
A 1 64  SER 64  43  43  SER SER A . n 
A 1 65  VAL 65  44  44  VAL VAL A . n 
A 1 66  ASN 66  45  45  ASN ASN A . n 
A 1 67  GLY 67  46  46  GLY GLY A . n 
A 1 68  ASP 68  47  47  ASP ASP A . n 
A 1 69  VAL 69  48  48  VAL VAL A . n 
A 1 70  ILE 70  49  49  ILE ILE A . n 
A 1 71  THR 71  50  50  THR THR A . n 
A 1 72  ILE 72  51  51  ILE ILE A . n 
A 1 73  LYS 73  52  52  LYS LYS A . n 
A 1 74  SER 74  53  53  SER SER A . n 
A 1 75  GLU 75  54  54  GLU GLU A . n 
A 1 76  SER 76  55  55  SER SER A . n 
A 1 77  THR 77  56  56  THR THR A . n 
A 1 78  PHE 78  57  57  PHE PHE A . n 
A 1 79  LYS 79  58  58  LYS LYS A . n 
A 1 80  ASN 80  59  59  ASN ASN A . n 
A 1 81  THR 81  60  60  THR THR A . n 
A 1 82  GLU 82  61  61  GLU GLU A . n 
A 1 83  ILE 83  62  62  ILE ILE A . n 
A 1 84  SER 84  63  63  SER SER A . n 
A 1 85  PHE 85  64  64  PHE PHE A . n 
A 1 86  ILE 86  65  65  ILE ILE A . n 
A 1 87  LEU 87  66  66  LEU LEU A . n 
A 1 88  GLY 88  67  67  GLY GLY A . n 
A 1 89  GLN 89  68  68  GLN GLN A . n 
A 1 90  GLU 90  69  69  GLU GLU A . n 
A 1 91  PHE 91  70  70  PHE PHE A . n 
A 1 92  ASP 92  71  71  ASP ASP A . n 
A 1 93  GLU 93  72  72  GLU GLU A . n 
A 1 94  VAL 94  73  73  VAL VAL A . n 
A 1 95  THR 95  74  74  THR THR A . n 
A 1 96  ALA 96  75  75  ALA ALA A . n 
A 1 97  ASP 97  76  76  ASP ASP A . n 
A 1 98  ASP 98  77  77  ASP ASP A . n 
A 1 99  ARG 99  78  78  ARG ARG A . n 
A 1 100 LYS 100 79  79  LYS LYS A . n 
A 1 101 VAL 101 80  80  VAL VAL A . n 
A 1 102 LYS 102 81  81  LYS LYS A . n 
A 1 103 SER 103 82  82  SER SER A . n 
A 1 104 THR 104 83  83  THR THR A . n 
A 1 105 ILE 105 84  84  ILE ILE A . n 
A 1 106 THR 106 85  85  THR THR A . n 
A 1 107 LEU 107 86  86  LEU LEU A . n 
A 1 108 ASP 108 87  87  ASP ASP A . n 
A 1 109 GLY 109 88  88  GLY GLY A . n 
A 1 110 GLY 110 89  89  GLY GLY A . n 
A 1 111 VAL 111 90  90  VAL VAL A . n 
A 1 112 LEU 112 91  91  LEU LEU A . n 
A 1 113 VAL 113 92  92  VAL VAL A . n 
A 1 114 HIS 114 93  93  HIS HIS A . n 
A 1 115 VAL 115 94  94  VAL VAL A . n 
A 1 116 GLN 116 95  95  GLN GLN A . n 
A 1 117 LYS 117 96  96  LYS LYS A . n 
A 1 118 TRP 118 97  97  TRP TRP A . n 
A 1 119 ASP 119 98  98  ASP ASP A . n 
A 1 120 GLY 120 99  99  GLY GLY A . n 
A 1 121 LYS 121 100 100 LYS LYS A . n 
A 1 122 SER 122 101 101 SER SER A . n 
A 1 123 THR 123 102 102 THR THR A . n 
A 1 124 THR 124 103 103 THR THR A . n 
A 1 125 ILE 125 104 104 ILE ILE A . n 
A 1 126 LYS 126 105 105 LYS LYS A . n 
A 1 127 ARG 127 106 106 ARG ARG A . n 
A 1 128 LYS 128 107 107 LYS LYS A . n 
A 1 129 ARG 129 108 108 ARG ARG A . n 
A 1 130 GLU 130 109 109 GLU GLU A . n 
A 1 131 ASP 131 110 110 ASP ASP A . n 
A 1 132 ASP 132 111 111 ASP ASP A . n 
A 1 133 LYS 133 112 112 LYS LYS A . n 
A 1 134 LEU 134 113 113 LEU LEU A . n 
A 1 135 VAL 135 114 114 VAL VAL A . n 
A 1 136 VAL 136 115 115 VAL VAL A . n 
A 1 137 GLU 137 116 116 GLU GLU A . n 
A 1 138 CYS 138 117 117 CYS CYS A . n 
A 1 139 VAL 139 118 118 VAL VAL A . n 
A 1 140 MET 140 119 119 MET MET A . n 
A 1 141 LYS 141 120 120 LYS LYS A . n 
A 1 142 GLY 142 121 121 GLY GLY A . n 
A 1 143 VAL 143 122 122 VAL VAL A . n 
A 1 144 THR 144 123 123 THR THR A . n 
A 1 145 SER 145 124 124 SER SER A . n 
A 1 146 THR 146 125 125 THR THR A . n 
A 1 147 ARG 147 126 126 ARG ARG A . n 
A 1 148 VAL 148 127 127 VAL VAL A . n 
A 1 149 TYR 149 128 128 TYR TYR A . n 
A 1 150 GLU 150 129 129 GLU GLU A . n 
A 1 151 ARG 151 130 130 ARG ARG A . n 
A 1 152 ALA 152 131 131 ALA ALA A . n 
# 
loop_
_pdbx_nonpoly_scheme.asym_id 
_pdbx_nonpoly_scheme.entity_id 
_pdbx_nonpoly_scheme.mon_id 
_pdbx_nonpoly_scheme.ndb_seq_num 
_pdbx_nonpoly_scheme.pdb_seq_num 
_pdbx_nonpoly_scheme.auth_seq_num 
_pdbx_nonpoly_scheme.pdb_mon_id 
_pdbx_nonpoly_scheme.auth_mon_id 
_pdbx_nonpoly_scheme.pdb_strand_id 
_pdbx_nonpoly_scheme.pdb_ins_code 
B 2 W6K 1  201 201 W6K LIG A . 
C 3 EDO 1  202 301 EDO EDO A . 
D 4 HOH 1  301 23  HOH HOH A . 
D 4 HOH 2  302 11  HOH HOH A . 
D 4 HOH 3  303 21  HOH HOH A . 
D 4 HOH 4  304 5   HOH HOH A . 
D 4 HOH 5  305 27  HOH HOH A . 
D 4 HOH 6  306 42  HOH HOH A . 
D 4 HOH 7  307 4   HOH HOH A . 
D 4 HOH 8  308 62  HOH HOH A . 
D 4 HOH 9  309 8   HOH HOH A . 
D 4 HOH 10 310 33  HOH HOH A . 
D 4 HOH 11 311 44  HOH HOH A . 
D 4 HOH 12 312 29  HOH HOH A . 
D 4 HOH 13 313 12  HOH HOH A . 
D 4 HOH 14 314 37  HOH HOH A . 
D 4 HOH 15 315 6   HOH HOH A . 
D 4 HOH 16 316 17  HOH HOH A . 
D 4 HOH 17 317 35  HOH HOH A . 
D 4 HOH 18 318 51  HOH HOH A . 
D 4 HOH 19 319 46  HOH HOH A . 
D 4 HOH 20 320 1   HOH HOH A . 
D 4 HOH 21 321 18  HOH HOH A . 
D 4 HOH 22 322 45  HOH HOH A . 
D 4 HOH 23 323 16  HOH HOH A . 
D 4 HOH 24 324 10  HOH HOH A . 
D 4 HOH 25 325 19  HOH HOH A . 
D 4 HOH 26 326 39  HOH HOH A . 
D 4 HOH 27 327 2   HOH HOH A . 
D 4 HOH 28 328 25  HOH HOH A . 
D 4 HOH 29 329 28  HOH HOH A . 
D 4 HOH 30 330 7   HOH HOH A . 
D 4 HOH 31 331 60  HOH HOH A . 
D 4 HOH 32 332 32  HOH HOH A . 
D 4 HOH 33 333 15  HOH HOH A . 
D 4 HOH 34 334 22  HOH HOH A . 
D 4 HOH 35 335 34  HOH HOH A . 
D 4 HOH 36 336 14  HOH HOH A . 
D 4 HOH 37 337 48  HOH HOH A . 
D 4 HOH 38 338 43  HOH HOH A . 
D 4 HOH 39 339 53  HOH HOH A . 
D 4 HOH 40 340 26  HOH HOH A . 
D 4 HOH 41 341 52  HOH HOH A . 
D 4 HOH 42 342 54  HOH HOH A . 
D 4 HOH 43 343 13  HOH HOH A . 
D 4 HOH 44 344 41  HOH HOH A . 
D 4 HOH 45 345 59  HOH HOH A . 
D 4 HOH 46 346 36  HOH HOH A . 
D 4 HOH 47 347 61  HOH HOH A . 
D 4 HOH 48 348 20  HOH HOH A . 
D 4 HOH 49 349 9   HOH HOH A . 
D 4 HOH 50 350 47  HOH HOH A . 
D 4 HOH 51 351 3   HOH HOH A . 
D 4 HOH 52 352 58  HOH HOH A . 
D 4 HOH 53 353 30  HOH HOH A . 
D 4 HOH 54 354 49  HOH HOH A . 
D 4 HOH 55 355 24  HOH HOH A . 
D 4 HOH 56 356 40  HOH HOH A . 
D 4 HOH 57 357 55  HOH HOH A . 
D 4 HOH 58 358 50  HOH HOH A . 
D 4 HOH 59 359 56  HOH HOH A . 
D 4 HOH 60 360 38  HOH HOH A . 
D 4 HOH 61 361 31  HOH HOH A . 
# 
loop_
_pdbx_unobs_or_zero_occ_atoms.id 
_pdbx_unobs_or_zero_occ_atoms.PDB_model_num 
_pdbx_unobs_or_zero_occ_atoms.polymer_flag 
_pdbx_unobs_or_zero_occ_atoms.occupancy_flag 
_pdbx_unobs_or_zero_occ_atoms.auth_asym_id 
_pdbx_unobs_or_zero_occ_atoms.auth_comp_id 
_pdbx_unobs_or_zero_occ_atoms.auth_seq_id 
_pdbx_unobs_or_zero_occ_atoms.PDB_ins_code 
_pdbx_unobs_or_zero_occ_atoms.auth_atom_id 
_pdbx_unobs_or_zero_occ_atoms.label_alt_id 
_pdbx_unobs_or_zero_occ_atoms.label_asym_id 
_pdbx_unobs_or_zero_occ_atoms.label_comp_id 
_pdbx_unobs_or_zero_occ_atoms.label_seq_id 
_pdbx_unobs_or_zero_occ_atoms.label_atom_id 
1  1 Y 1 A HIS -1  ? CG  ? A HIS 20  CG  
2  1 Y 1 A HIS -1  ? ND1 ? A HIS 20  ND1 
3  1 Y 1 A HIS -1  ? CD2 ? A HIS 20  CD2 
4  1 Y 1 A HIS -1  ? CE1 ? A HIS 20  CE1 
5  1 Y 1 A HIS -1  ? NE2 ? A HIS 20  NE2 
6  1 Y 1 A GLU 14  ? CG  ? A GLU 35  CG  
7  1 Y 1 A GLU 14  ? CD  ? A GLU 35  CD  
8  1 Y 1 A GLU 14  ? OE1 ? A GLU 35  OE1 
9  1 Y 1 A GLU 14  ? OE2 ? A GLU 35  OE2 
10 1 Y 1 A GLU 109 ? CG  ? A GLU 130 CG  
11 1 Y 1 A GLU 109 ? CD  ? A GLU 130 CD  
12 1 Y 1 A GLU 109 ? OE1 ? A GLU 130 OE1 
13 1 Y 1 A GLU 109 ? OE2 ? A GLU 130 OE2 
14 1 Y 1 A GLU 116 ? CG  ? A GLU 137 CG  
15 1 Y 1 A GLU 116 ? CD  ? A GLU 137 CD  
16 1 Y 1 A GLU 116 ? OE1 ? A GLU 137 OE1 
17 1 Y 1 A GLU 116 ? OE2 ? A GLU 137 OE2 
18 1 Y 1 A GLU 129 ? CG  ? A GLU 150 CG  
19 1 Y 1 A GLU 129 ? CD  ? A GLU 150 CD  
20 1 Y 1 A GLU 129 ? OE1 ? A GLU 150 OE1 
21 1 Y 1 A GLU 129 ? OE2 ? A GLU 150 OE2 
# 
loop_
_software.citation_id 
_software.classification 
_software.compiler_name 
_software.compiler_version 
_software.contact_author 
_software.contact_author_email 
_software.date 
_software.description 
_software.dependencies 
_software.hardware 
_software.language 
_software.location 
_software.mods 
_software.name 
_software.os 
_software.os_version 
_software.type 
_software.version 
_software.pdbx_ordinal 
? refinement       ? ? ? ? ? ? ? ? ? ? ? PHENIX ? ? ? 1.17.1_3660 1 
? 'data scaling'   ? ? ? ? ? ? ? ? ? ? ? XDS    ? ? ? .           2 
? 'data reduction' ? ? ? ? ? ? ? ? ? ? ? XDS    ? ? ? .           3 
? phasing          ? ? ? ? ? ? ? ? ? ? ? PHASER ? ? ? .           4 
# 
_cell.angle_alpha                  90.00 
_cell.angle_alpha_esd              ? 
_cell.angle_beta                   90.00 
_cell.angle_beta_esd               ? 
_cell.angle_gamma                  90.00 
_cell.angle_gamma_esd              ? 
_cell.entry_id                     8WDX 
_cell.details                      ? 
_cell.formula_units_Z              ? 
_cell.length_a                     35.645 
_cell.length_a_esd                 ? 
_cell.length_b                     54.889 
_cell.length_b_esd                 ? 
_cell.length_c                     74.897 
_cell.length_c_esd                 ? 
_cell.volume                       ? 
_cell.volume_esd                   ? 
_cell.Z_PDB                        4 
_cell.reciprocal_angle_alpha       ? 
_cell.reciprocal_angle_beta        ? 
_cell.reciprocal_angle_gamma       ? 
_cell.reciprocal_angle_alpha_esd   ? 
_cell.reciprocal_angle_beta_esd    ? 
_cell.reciprocal_angle_gamma_esd   ? 
_cell.reciprocal_length_a          ? 
_cell.reciprocal_length_b          ? 
_cell.reciprocal_length_c          ? 
_cell.reciprocal_length_a_esd      ? 
_cell.reciprocal_length_b_esd      ? 
_cell.reciprocal_length_c_esd      ? 
_cell.pdbx_unique_axis             ? 
_cell.pdbx_esd_method              ? 
# 
_symmetry.entry_id                         8WDX 
_symmetry.cell_setting                     ? 
_symmetry.Int_Tables_number                19 
_symmetry.space_group_name_Hall            ? 
_symmetry.space_group_name_H-M             'P 21 21 21' 
_symmetry.pdbx_full_space_group_name_H-M   ? 
# 
_exptl.absorpt_coefficient_mu     ? 
_exptl.absorpt_correction_T_max   ? 
_exptl.absorpt_correction_T_min   ? 
_exptl.absorpt_correction_type    ? 
_exptl.absorpt_process_details    ? 
_exptl.entry_id                   8WDX 
_exptl.crystals_number            1 
_exptl.details                    ? 
_exptl.method                     'X-RAY DIFFRACTION' 
_exptl.method_details             ? 
# 
_exptl_crystal.colour                       ? 
_exptl_crystal.density_diffrn               ? 
_exptl_crystal.density_Matthews             2.17 
_exptl_crystal.density_method               ? 
_exptl_crystal.density_percent_sol          43.22 
_exptl_crystal.description                  ? 
_exptl_crystal.F_000                        ? 
_exptl_crystal.id                           1 
_exptl_crystal.preparation                  ? 
_exptl_crystal.size_max                     ? 
_exptl_crystal.size_mid                     ? 
_exptl_crystal.size_min                     ? 
_exptl_crystal.size_rad                     ? 
_exptl_crystal.colour_lustre                ? 
_exptl_crystal.colour_modifier              ? 
_exptl_crystal.colour_primary               ? 
_exptl_crystal.density_meas                 ? 
_exptl_crystal.density_meas_esd             ? 
_exptl_crystal.density_meas_gt              ? 
_exptl_crystal.density_meas_lt              ? 
_exptl_crystal.density_meas_temp            ? 
_exptl_crystal.density_meas_temp_esd        ? 
_exptl_crystal.density_meas_temp_gt         ? 
_exptl_crystal.density_meas_temp_lt         ? 
_exptl_crystal.pdbx_crystal_image_url       ? 
_exptl_crystal.pdbx_crystal_image_format    ? 
_exptl_crystal.pdbx_mosaicity               ? 
_exptl_crystal.pdbx_mosaicity_esd           ? 
_exptl_crystal.pdbx_mosaic_method           ? 
_exptl_crystal.pdbx_mosaic_block_size       ? 
_exptl_crystal.pdbx_mosaic_block_size_esd   ? 
# 
_exptl_crystal_grow.apparatus       ? 
_exptl_crystal_grow.atmosphere      ? 
_exptl_crystal_grow.crystal_id      1 
_exptl_crystal_grow.details         ? 
_exptl_crystal_grow.method          'VAPOR DIFFUSION, HANGING DROP' 
_exptl_crystal_grow.method_ref      ? 
_exptl_crystal_grow.pH              ? 
_exptl_crystal_grow.pressure        ? 
_exptl_crystal_grow.pressure_esd    ? 
_exptl_crystal_grow.seeding         ? 
_exptl_crystal_grow.seeding_ref     ? 
_exptl_crystal_grow.temp_details    ? 
_exptl_crystal_grow.temp_esd        ? 
_exptl_crystal_grow.time            ? 
_exptl_crystal_grow.pdbx_details    '1.6M trisodium citrate, PH6.5' 
_exptl_crystal_grow.pdbx_pH_range   ? 
_exptl_crystal_grow.temp            293 
# 
_diffrn.ambient_environment              ? 
_diffrn.ambient_temp                     100 
_diffrn.ambient_temp_details             ? 
_diffrn.ambient_temp_esd                 ? 
_diffrn.crystal_id                       1 
_diffrn.crystal_support                  ? 
_diffrn.crystal_treatment                ? 
_diffrn.details                          ? 
_diffrn.id                               1 
_diffrn.ambient_pressure                 ? 
_diffrn.ambient_pressure_esd             ? 
_diffrn.ambient_pressure_gt              ? 
_diffrn.ambient_pressure_lt              ? 
_diffrn.ambient_temp_gt                  ? 
_diffrn.ambient_temp_lt                  ? 
_diffrn.pdbx_serial_crystal_experiment   N 
# 
_diffrn_detector.details                      ? 
_diffrn_detector.detector                     PIXEL 
_diffrn_detector.diffrn_id                    1 
_diffrn_detector.type                         'DECTRIS EIGER X 16M' 
_diffrn_detector.area_resol_mean              ? 
_diffrn_detector.dtime                        ? 
_diffrn_detector.pdbx_frames_total            ? 
_diffrn_detector.pdbx_collection_time_total   ? 
_diffrn_detector.pdbx_collection_date         2023-03-17 
_diffrn_detector.pdbx_frequency               ? 
_diffrn_detector.id                           ? 
_diffrn_detector.number_of_axes               ? 
# 
_diffrn_radiation.collimation                      ? 
_diffrn_radiation.diffrn_id                        1 
_diffrn_radiation.filter_edge                      ? 
_diffrn_radiation.inhomogeneity                    ? 
_diffrn_radiation.monochromator                    ? 
_diffrn_radiation.polarisn_norm                    ? 
_diffrn_radiation.polarisn_ratio                   ? 
_diffrn_radiation.probe                            ? 
_diffrn_radiation.type                             ? 
_diffrn_radiation.xray_symbol                      ? 
_diffrn_radiation.wavelength_id                    1 
_diffrn_radiation.pdbx_monochromatic_or_laue_m_l   M 
_diffrn_radiation.pdbx_wavelength_list             ? 
_diffrn_radiation.pdbx_wavelength                  ? 
_diffrn_radiation.pdbx_diffrn_protocol             'SINGLE WAVELENGTH' 
_diffrn_radiation.pdbx_analyzer                    ? 
_diffrn_radiation.pdbx_scattering_type             x-ray 
# 
_diffrn_radiation_wavelength.id           1 
_diffrn_radiation_wavelength.wavelength   0.9792 
_diffrn_radiation_wavelength.wt           1.0 
# 
_diffrn_source.current                     ? 
_diffrn_source.details                     ? 
_diffrn_source.diffrn_id                   1 
_diffrn_source.power                       ? 
_diffrn_source.size                        ? 
_diffrn_source.source                      SYNCHROTRON 
_diffrn_source.target                      ? 
_diffrn_source.type                        'SSRF BEAMLINE BL10U2' 
_diffrn_source.voltage                     ? 
_diffrn_source.take-off_angle              ? 
_diffrn_source.pdbx_wavelength_list        0.9792 
_diffrn_source.pdbx_wavelength             ? 
_diffrn_source.pdbx_synchrotron_beamline   BL10U2 
_diffrn_source.pdbx_synchrotron_site       SSRF 
# 
_reflns.B_iso_Wilson_estimate                          ? 
_reflns.entry_id                                       8WDX 
_reflns.data_reduction_details                         ? 
_reflns.data_reduction_method                          ? 
_reflns.d_resolution_high                              1.65 
_reflns.d_resolution_low                               32.19 
_reflns.details                                        ? 
_reflns.limit_h_max                                    ? 
_reflns.limit_h_min                                    ? 
_reflns.limit_k_max                                    ? 
_reflns.limit_k_min                                    ? 
_reflns.limit_l_max                                    ? 
_reflns.limit_l_min                                    ? 
_reflns.number_all                                     ? 
_reflns.number_obs                                     18385 
_reflns.observed_criterion                             ? 
_reflns.observed_criterion_F_max                       ? 
_reflns.observed_criterion_F_min                       ? 
_reflns.observed_criterion_I_max                       ? 
_reflns.observed_criterion_I_min                       ? 
_reflns.observed_criterion_sigma_F                     ? 
_reflns.observed_criterion_sigma_I                     ? 
_reflns.percent_possible_obs                           99.80 
_reflns.R_free_details                                 ? 
_reflns.Rmerge_F_all                                   ? 
_reflns.Rmerge_F_obs                                   ? 
_reflns.Friedel_coverage                               ? 
_reflns.number_gt                                      ? 
_reflns.threshold_expression                           ? 
_reflns.pdbx_redundancy                                2.0 
_reflns.pdbx_netI_over_av_sigmaI                       ? 
_reflns.pdbx_netI_over_sigmaI                          14.5 
_reflns.pdbx_res_netI_over_av_sigmaI_2                 ? 
_reflns.pdbx_res_netI_over_sigmaI_2                    ? 
_reflns.pdbx_chi_squared                               ? 
_reflns.pdbx_scaling_rejects                           ? 
_reflns.pdbx_d_res_high_opt                            ? 
_reflns.pdbx_d_res_low_opt                             ? 
_reflns.pdbx_d_res_opt_method                          ? 
_reflns.phase_calculation_details                      ? 
_reflns.pdbx_Rrim_I_all                                ? 
_reflns.pdbx_Rpim_I_all                                ? 
_reflns.pdbx_d_opt                                     ? 
_reflns.pdbx_number_measured_all                       ? 
_reflns.pdbx_diffrn_id                                 1 
_reflns.pdbx_ordinal                                   1 
_reflns.pdbx_CC_half                                   0.999 
_reflns.pdbx_CC_star                                   ? 
_reflns.pdbx_R_split                                   ? 
_reflns.pdbx_Rmerge_I_obs                              ? 
_reflns.pdbx_Rmerge_I_all                              ? 
_reflns.pdbx_Rsym_value                                ? 
_reflns.pdbx_CC_split_method                           ? 
_reflns.pdbx_aniso_diffraction_limit_axis_1_ortho[1]   ? 
_reflns.pdbx_aniso_diffraction_limit_axis_1_ortho[2]   ? 
_reflns.pdbx_aniso_diffraction_limit_axis_1_ortho[3]   ? 
_reflns.pdbx_aniso_diffraction_limit_axis_2_ortho[1]   ? 
_reflns.pdbx_aniso_diffraction_limit_axis_2_ortho[2]   ? 
_reflns.pdbx_aniso_diffraction_limit_axis_2_ortho[3]   ? 
_reflns.pdbx_aniso_diffraction_limit_axis_3_ortho[1]   ? 
_reflns.pdbx_aniso_diffraction_limit_axis_3_ortho[2]   ? 
_reflns.pdbx_aniso_diffraction_limit_axis_3_ortho[3]   ? 
_reflns.pdbx_aniso_diffraction_limit_1                 ? 
_reflns.pdbx_aniso_diffraction_limit_2                 ? 
_reflns.pdbx_aniso_diffraction_limit_3                 ? 
_reflns.pdbx_aniso_B_tensor_eigenvector_1_ortho[1]     ? 
_reflns.pdbx_aniso_B_tensor_eigenvector_1_ortho[2]     ? 
_reflns.pdbx_aniso_B_tensor_eigenvector_1_ortho[3]     ? 
_reflns.pdbx_aniso_B_tensor_eigenvector_2_ortho[1]     ? 
_reflns.pdbx_aniso_B_tensor_eigenvector_2_ortho[2]     ? 
_reflns.pdbx_aniso_B_tensor_eigenvector_2_ortho[3]     ? 
_reflns.pdbx_aniso_B_tensor_eigenvector_3_ortho[1]     ? 
_reflns.pdbx_aniso_B_tensor_eigenvector_3_ortho[2]     ? 
_reflns.pdbx_aniso_B_tensor_eigenvector_3_ortho[3]     ? 
_reflns.pdbx_aniso_B_tensor_eigenvalue_1               ? 
_reflns.pdbx_aniso_B_tensor_eigenvalue_2               ? 
_reflns.pdbx_aniso_B_tensor_eigenvalue_3               ? 
_reflns.pdbx_orthogonalization_convention              ? 
_reflns.pdbx_percent_possible_ellipsoidal              ? 
_reflns.pdbx_percent_possible_spherical                ? 
_reflns.pdbx_percent_possible_ellipsoidal_anomalous    ? 
_reflns.pdbx_percent_possible_spherical_anomalous      ? 
_reflns.pdbx_redundancy_anomalous                      ? 
_reflns.pdbx_CC_half_anomalous                         ? 
_reflns.pdbx_absDiff_over_sigma_anomalous              ? 
_reflns.pdbx_percent_possible_anomalous                ? 
_reflns.pdbx_observed_signal_threshold                 ? 
_reflns.pdbx_signal_type                               ? 
_reflns.pdbx_signal_details                            ? 
_reflns.pdbx_signal_software_id                        ? 
# 
_reflns_shell.d_res_high                                    1.65 
_reflns_shell.d_res_low                                     1.709 
_reflns_shell.meanI_over_sigI_all                           ? 
_reflns_shell.meanI_over_sigI_obs                           ? 
_reflns_shell.number_measured_all                           ? 
_reflns_shell.number_measured_obs                           ? 
_reflns_shell.number_possible                               ? 
_reflns_shell.number_unique_all                             ? 
_reflns_shell.number_unique_obs                             1791 
_reflns_shell.percent_possible_obs                          ? 
_reflns_shell.Rmerge_F_all                                  ? 
_reflns_shell.Rmerge_F_obs                                  ? 
_reflns_shell.meanI_over_sigI_gt                            ? 
_reflns_shell.meanI_over_uI_all                             ? 
_reflns_shell.meanI_over_uI_gt                              ? 
_reflns_shell.number_measured_gt                            ? 
_reflns_shell.number_unique_gt                              ? 
_reflns_shell.percent_possible_gt                           ? 
_reflns_shell.Rmerge_F_gt                                   ? 
_reflns_shell.Rmerge_I_gt                                   ? 
_reflns_shell.pdbx_redundancy                               ? 
_reflns_shell.pdbx_chi_squared                              ? 
_reflns_shell.pdbx_netI_over_sigmaI_all                     ? 
_reflns_shell.pdbx_netI_over_sigmaI_obs                     ? 
_reflns_shell.pdbx_Rrim_I_all                               ? 
_reflns_shell.pdbx_Rpim_I_all                               ? 
_reflns_shell.pdbx_rejects                                  ? 
_reflns_shell.pdbx_ordinal                                  1 
_reflns_shell.pdbx_diffrn_id                                1 
_reflns_shell.pdbx_CC_half                                  0.795 
_reflns_shell.pdbx_CC_star                                  ? 
_reflns_shell.pdbx_R_split                                  ? 
_reflns_shell.percent_possible_all                          ? 
_reflns_shell.Rmerge_I_all                                  ? 
_reflns_shell.Rmerge_I_obs                                  ? 
_reflns_shell.pdbx_Rsym_value                               ? 
_reflns_shell.pdbx_percent_possible_ellipsoidal             ? 
_reflns_shell.pdbx_percent_possible_spherical               ? 
_reflns_shell.pdbx_percent_possible_ellipsoidal_anomalous   ? 
_reflns_shell.pdbx_percent_possible_spherical_anomalous     ? 
_reflns_shell.pdbx_redundancy_anomalous                     ? 
_reflns_shell.pdbx_CC_half_anomalous                        ? 
_reflns_shell.pdbx_absDiff_over_sigma_anomalous             ? 
_reflns_shell.pdbx_percent_possible_anomalous               ? 
# 
_refine.aniso_B[1][1]                            ? 
_refine.aniso_B[1][2]                            ? 
_refine.aniso_B[1][3]                            ? 
_refine.aniso_B[2][2]                            ? 
_refine.aniso_B[2][3]                            ? 
_refine.aniso_B[3][3]                            ? 
_refine.B_iso_max                                ? 
_refine.B_iso_mean                               ? 
_refine.B_iso_min                                ? 
_refine.correlation_coeff_Fo_to_Fc               ? 
_refine.correlation_coeff_Fo_to_Fc_free          ? 
_refine.details                                  ? 
_refine.diff_density_max                         ? 
_refine.diff_density_max_esd                     ? 
_refine.diff_density_min                         ? 
_refine.diff_density_min_esd                     ? 
_refine.diff_density_rms                         ? 
_refine.diff_density_rms_esd                     ? 
_refine.entry_id                                 8WDX 
_refine.pdbx_refine_id                           'X-RAY DIFFRACTION' 
_refine.ls_abs_structure_details                 ? 
_refine.ls_abs_structure_Flack                   ? 
_refine.ls_abs_structure_Flack_esd               ? 
_refine.ls_abs_structure_Rogers                  ? 
_refine.ls_abs_structure_Rogers_esd              ? 
_refine.ls_d_res_high                            1.65 
_refine.ls_d_res_low                             32.19 
_refine.ls_extinction_coef                       ? 
_refine.ls_extinction_coef_esd                   ? 
_refine.ls_extinction_expression                 ? 
_refine.ls_extinction_method                     ? 
_refine.ls_goodness_of_fit_all                   ? 
_refine.ls_goodness_of_fit_all_esd               ? 
_refine.ls_goodness_of_fit_obs                   ? 
_refine.ls_goodness_of_fit_obs_esd               ? 
_refine.ls_hydrogen_treatment                    ? 
_refine.ls_matrix_type                           ? 
_refine.ls_number_constraints                    ? 
_refine.ls_number_parameters                     ? 
_refine.ls_number_reflns_all                     ? 
_refine.ls_number_reflns_obs                     18385 
_refine.ls_number_reflns_R_free                  888 
_refine.ls_number_reflns_R_work                  ? 
_refine.ls_number_restraints                     ? 
_refine.ls_percent_reflns_obs                    99.81 
_refine.ls_percent_reflns_R_free                 4.83 
_refine.ls_R_factor_all                          ? 
_refine.ls_R_factor_obs                          0.2022 
_refine.ls_R_factor_R_free                       0.2199 
_refine.ls_R_factor_R_free_error                 ? 
_refine.ls_R_factor_R_free_error_details         ? 
_refine.ls_R_factor_R_work                       0.2012 
_refine.ls_R_Fsqd_factor_obs                     ? 
_refine.ls_R_I_factor_obs                        ? 
_refine.ls_redundancy_reflns_all                 ? 
_refine.ls_redundancy_reflns_obs                 ? 
_refine.ls_restrained_S_all                      ? 
_refine.ls_restrained_S_obs                      ? 
_refine.ls_shift_over_esd_max                    ? 
_refine.ls_shift_over_esd_mean                   ? 
_refine.ls_structure_factor_coef                 ? 
_refine.ls_weighting_details                     ? 
_refine.ls_weighting_scheme                      ? 
_refine.ls_wR_factor_all                         ? 
_refine.ls_wR_factor_obs                         ? 
_refine.ls_wR_factor_R_free                      ? 
_refine.ls_wR_factor_R_work                      ? 
_refine.occupancy_max                            ? 
_refine.occupancy_min                            ? 
_refine.solvent_model_details                    'FLAT BULK SOLVENT MODEL' 
_refine.solvent_model_param_bsol                 ? 
_refine.solvent_model_param_ksol                 ? 
_refine.pdbx_R_complete                          ? 
_refine.ls_R_factor_gt                           ? 
_refine.ls_goodness_of_fit_gt                    ? 
_refine.ls_goodness_of_fit_ref                   ? 
_refine.ls_shift_over_su_max                     ? 
_refine.ls_shift_over_su_max_lt                  ? 
_refine.ls_shift_over_su_mean                    ? 
_refine.ls_shift_over_su_mean_lt                 ? 
_refine.pdbx_ls_sigma_I                          ? 
_refine.pdbx_ls_sigma_F                          1.34 
_refine.pdbx_ls_sigma_Fsqd                       ? 
_refine.pdbx_data_cutoff_high_absF               ? 
_refine.pdbx_data_cutoff_high_rms_absF           ? 
_refine.pdbx_data_cutoff_low_absF                ? 
_refine.pdbx_isotropic_thermal_model             ? 
_refine.pdbx_ls_cross_valid_method               THROUGHOUT 
_refine.pdbx_method_to_determine_struct          'MOLECULAR REPLACEMENT' 
_refine.pdbx_starting_model                      ? 
_refine.pdbx_stereochemistry_target_values       ML 
_refine.pdbx_R_Free_selection_details            ? 
_refine.pdbx_stereochem_target_val_spec_case     ? 
_refine.pdbx_overall_ESU_R                       ? 
_refine.pdbx_overall_ESU_R_Free                  ? 
_refine.pdbx_solvent_vdw_probe_radii             1.11 
_refine.pdbx_solvent_ion_probe_radii             ? 
_refine.pdbx_solvent_shrinkage_radii             0.90 
_refine.pdbx_real_space_R                        ? 
_refine.pdbx_density_correlation                 ? 
_refine.pdbx_pd_number_of_powder_patterns        ? 
_refine.pdbx_pd_number_of_points                 ? 
_refine.pdbx_pd_meas_number_of_points            ? 
_refine.pdbx_pd_proc_ls_prof_R_factor            ? 
_refine.pdbx_pd_proc_ls_prof_wR_factor           ? 
_refine.pdbx_pd_Marquardt_correlation_coeff      ? 
_refine.pdbx_pd_Fsqrd_R_factor                   ? 
_refine.pdbx_pd_ls_matrix_band_width             ? 
_refine.pdbx_overall_phase_error                 28.73 
_refine.pdbx_overall_SU_R_free_Cruickshank_DPI   ? 
_refine.pdbx_overall_SU_R_free_Blow_DPI          ? 
_refine.pdbx_overall_SU_R_Blow_DPI               ? 
_refine.pdbx_TLS_residual_ADP_flag               ? 
_refine.pdbx_diffrn_id                           1 
_refine.overall_SU_B                             ? 
_refine.overall_SU_ML                            0.19 
_refine.overall_SU_R_Cruickshank_DPI             ? 
_refine.overall_SU_R_free                        ? 
_refine.overall_FOM_free_R_set                   ? 
_refine.overall_FOM_work_R_set                   ? 
_refine.pdbx_average_fsc_overall                 ? 
_refine.pdbx_average_fsc_work                    ? 
_refine.pdbx_average_fsc_free                    ? 
# 
_refine_hist.pdbx_refine_id                   'X-RAY DIFFRACTION' 
_refine_hist.cycle_id                         LAST 
_refine_hist.pdbx_number_atoms_protein        1024 
_refine_hist.pdbx_number_atoms_nucleic_acid   0 
_refine_hist.pdbx_number_atoms_ligand         28 
_refine_hist.number_atoms_solvent             61 
_refine_hist.number_atoms_total               1113 
_refine_hist.d_res_high                       1.65 
_refine_hist.d_res_low                        32.19 
# 
loop_
_refine_ls_restr.pdbx_refine_id 
_refine_ls_restr.criterion 
_refine_ls_restr.dev_ideal 
_refine_ls_restr.dev_ideal_target 
_refine_ls_restr.number 
_refine_ls_restr.rejects 
_refine_ls_restr.type 
_refine_ls_restr.weight 
_refine_ls_restr.pdbx_restraint_function 
'X-RAY DIFFRACTION' ? 0.006  ? 1066 ? f_bond_d           ? ? 
'X-RAY DIFFRACTION' ? 0.762  ? 1433 ? f_angle_d          ? ? 
'X-RAY DIFFRACTION' ? 15.217 ? 402  ? f_dihedral_angle_d ? ? 
'X-RAY DIFFRACTION' ? 0.057  ? 166  ? f_chiral_restr     ? ? 
'X-RAY DIFFRACTION' ? 0.004  ? 177  ? f_plane_restr      ? ? 
# 
loop_
_refine_ls_shell.pdbx_refine_id 
_refine_ls_shell.d_res_high 
_refine_ls_shell.d_res_low 
_refine_ls_shell.number_reflns_all 
_refine_ls_shell.number_reflns_obs 
_refine_ls_shell.number_reflns_R_free 
_refine_ls_shell.number_reflns_R_work 
_refine_ls_shell.percent_reflns_obs 
_refine_ls_shell.percent_reflns_R_free 
_refine_ls_shell.R_factor_all 
_refine_ls_shell.R_factor_obs 
_refine_ls_shell.R_factor_R_free_error 
_refine_ls_shell.R_factor_R_work 
_refine_ls_shell.redundancy_reflns_all 
_refine_ls_shell.redundancy_reflns_obs 
_refine_ls_shell.wR_factor_all 
_refine_ls_shell.wR_factor_obs 
_refine_ls_shell.wR_factor_R_free 
_refine_ls_shell.wR_factor_R_work 
_refine_ls_shell.pdbx_R_complete 
_refine_ls_shell.pdbx_total_number_of_bins_used 
_refine_ls_shell.pdbx_phase_error 
_refine_ls_shell.pdbx_fsc_work 
_refine_ls_shell.pdbx_fsc_free 
_refine_ls_shell.R_factor_R_free 
'X-RAY DIFFRACTION' 1.65 1.75  . . 123 2860 100.00 . . . . 0.3260 . . . . . . . . . . . 0.3809 
'X-RAY DIFFRACTION' 1.75 1.88  . . 157 2875 100.00 . . . . 0.2590 . . . . . . . . . . . 0.2962 
'X-RAY DIFFRACTION' 1.89 2.07  . . 147 2867 100.00 . . . . 0.2081 . . . . . . . . . . . 0.2385 
'X-RAY DIFFRACTION' 2.07 2.37  . . 144 2911 100.00 . . . . 0.1970 . . . . . . . . . . . 0.2201 
'X-RAY DIFFRACTION' 2.37 2.99  . . 157 2923 100.00 . . . . 0.2128 . . . . . . . . . . . 0.2127 
'X-RAY DIFFRACTION' 2.99 32.19 . . 160 3061 100.00 . . . . 0.1762 . . . . . . . . . . . 0.1921 
# 
_struct.entry_id                     8WDX 
_struct.title                        'Crystal structure of human FABP4 complexed with C3' 
_struct.pdbx_model_details           ? 
_struct.pdbx_formula_weight          ? 
_struct.pdbx_formula_weight_method   ? 
_struct.pdbx_model_type_details      ? 
_struct.pdbx_CASP_flag               N 
# 
_struct_keywords.entry_id        8WDX 
_struct_keywords.text            'lipid binding protein-inhibitor complex' 
_struct_keywords.pdbx_keywords   'LIPID BINDING PROTEIN/INHIBITOR' 
# 
loop_
_struct_asym.id 
_struct_asym.pdbx_blank_PDB_chainid_flag 
_struct_asym.pdbx_modified 
_struct_asym.entity_id 
_struct_asym.details 
A N N 1 ? 
B N N 2 ? 
C N N 3 ? 
D N N 4 ? 
# 
_struct_ref.id                         1 
_struct_ref.db_name                    UNP 
_struct_ref.db_code                    FABP4_HUMAN 
_struct_ref.pdbx_db_accession          P15090 
_struct_ref.pdbx_db_isoform            ? 
_struct_ref.entity_id                  1 
_struct_ref.pdbx_seq_one_letter_code   
;MCDAFVGTWKLVSSENFDDYMKEVGVGFATRKVAGMAKPNMIISVNGDVITIKSESTFKNTEISFILGQEFDEVTADDRK
VKSTITLDGGVLVHVQKWDGKSTTIKRKREDDKLVVECVMKGVTSTRVYERA
;
_struct_ref.pdbx_align_begin           1 
# 
_struct_ref_seq.align_id                      1 
_struct_ref_seq.ref_id                        1 
_struct_ref_seq.pdbx_PDB_id_code              8WDX 
_struct_ref_seq.pdbx_strand_id                A 
_struct_ref_seq.seq_align_beg                 21 
_struct_ref_seq.pdbx_seq_align_beg_ins_code   ? 
_struct_ref_seq.seq_align_end                 152 
_struct_ref_seq.pdbx_seq_align_end_ins_code   ? 
_struct_ref_seq.pdbx_db_accession             P15090 
_struct_ref_seq.db_align_beg                  1 
_struct_ref_seq.pdbx_db_align_beg_ins_code    ? 
_struct_ref_seq.db_align_end                  132 
_struct_ref_seq.pdbx_db_align_end_ins_code    ? 
_struct_ref_seq.pdbx_auth_seq_align_beg       0 
_struct_ref_seq.pdbx_auth_seq_align_end       131 
# 
loop_
_struct_ref_seq_dif.align_id 
_struct_ref_seq_dif.pdbx_pdb_id_code 
_struct_ref_seq_dif.mon_id 
_struct_ref_seq_dif.pdbx_pdb_strand_id 
_struct_ref_seq_dif.seq_num 
_struct_ref_seq_dif.pdbx_pdb_ins_code 
_struct_ref_seq_dif.pdbx_seq_db_name 
_struct_ref_seq_dif.pdbx_seq_db_accession_code 
_struct_ref_seq_dif.db_mon_id 
_struct_ref_seq_dif.pdbx_seq_db_seq_num 
_struct_ref_seq_dif.details 
_struct_ref_seq_dif.pdbx_auth_seq_num 
_struct_ref_seq_dif.pdbx_ordinal 
1 8WDX MET A 1  ? UNP P15090 ? ? 'expression tag' -20 1  
1 8WDX GLY A 2  ? UNP P15090 ? ? 'expression tag' -19 2  
1 8WDX SER A 3  ? UNP P15090 ? ? 'expression tag' -18 3  
1 8WDX SER A 4  ? UNP P15090 ? ? 'expression tag' -17 4  
1 8WDX HIS A 5  ? UNP P15090 ? ? 'expression tag' -16 5  
1 8WDX HIS A 6  ? UNP P15090 ? ? 'expression tag' -15 6  
1 8WDX HIS A 7  ? UNP P15090 ? ? 'expression tag' -14 7  
1 8WDX HIS A 8  ? UNP P15090 ? ? 'expression tag' -13 8  
1 8WDX HIS A 9  ? UNP P15090 ? ? 'expression tag' -12 9  
1 8WDX HIS A 10 ? UNP P15090 ? ? 'expression tag' -11 10 
1 8WDX SER A 11 ? UNP P15090 ? ? 'expression tag' -10 11 
1 8WDX SER A 12 ? UNP P15090 ? ? 'expression tag' -9  12 
1 8WDX GLY A 13 ? UNP P15090 ? ? 'expression tag' -8  13 
1 8WDX LEU A 14 ? UNP P15090 ? ? 'expression tag' -7  14 
1 8WDX VAL A 15 ? UNP P15090 ? ? 'expression tag' -6  15 
1 8WDX PRO A 16 ? UNP P15090 ? ? 'expression tag' -5  16 
1 8WDX ARG A 17 ? UNP P15090 ? ? 'expression tag' -4  17 
1 8WDX GLY A 18 ? UNP P15090 ? ? 'expression tag' -3  18 
1 8WDX SER A 19 ? UNP P15090 ? ? 'expression tag' -2  19 
1 8WDX HIS A 20 ? UNP P15090 ? ? 'expression tag' -1  20 
# 
_pdbx_struct_assembly.id                   1 
_pdbx_struct_assembly.details              author_defined_assembly 
_pdbx_struct_assembly.method_details       ? 
_pdbx_struct_assembly.oligomeric_details   monomeric 
_pdbx_struct_assembly.oligomeric_count     1 
# 
loop_
_pdbx_struct_assembly_prop.biol_id 
_pdbx_struct_assembly_prop.type 
_pdbx_struct_assembly_prop.value 
_pdbx_struct_assembly_prop.details 
1 'ABSA (A^2)' 250  ? 
1 MORE         4    ? 
1 'SSA (A^2)'  6970 ? 
# 
_pdbx_struct_assembly_gen.assembly_id       1 
_pdbx_struct_assembly_gen.oper_expression   1 
_pdbx_struct_assembly_gen.asym_id_list      A,B,C,D 
# 
_pdbx_struct_assembly_auth_evidence.id                     1 
_pdbx_struct_assembly_auth_evidence.assembly_id            1 
_pdbx_struct_assembly_auth_evidence.experimental_support   'gel filtration' 
_pdbx_struct_assembly_auth_evidence.details                ? 
# 
_pdbx_struct_oper_list.id                   1 
_pdbx_struct_oper_list.type                 'identity operation' 
_pdbx_struct_oper_list.name                 1_555 
_pdbx_struct_oper_list.symmetry_operation   x,y,z 
_pdbx_struct_oper_list.matrix[1][1]         1.0000000000 
_pdbx_struct_oper_list.matrix[1][2]         0.0000000000 
_pdbx_struct_oper_list.matrix[1][3]         0.0000000000 
_pdbx_struct_oper_list.vector[1]            0.0000000000 
_pdbx_struct_oper_list.matrix[2][1]         0.0000000000 
_pdbx_struct_oper_list.matrix[2][2]         1.0000000000 
_pdbx_struct_oper_list.matrix[2][3]         0.0000000000 
_pdbx_struct_oper_list.vector[2]            0.0000000000 
_pdbx_struct_oper_list.matrix[3][1]         0.0000000000 
_pdbx_struct_oper_list.matrix[3][2]         0.0000000000 
_pdbx_struct_oper_list.matrix[3][3]         1.0000000000 
_pdbx_struct_oper_list.vector[3]            0.0000000000 
# 
loop_
_struct_conf.conf_type_id 
_struct_conf.id 
_struct_conf.pdbx_PDB_helix_id 
_struct_conf.beg_label_comp_id 
_struct_conf.beg_label_asym_id 
_struct_conf.beg_label_seq_id 
_struct_conf.pdbx_beg_PDB_ins_code 
_struct_conf.end_label_comp_id 
_struct_conf.end_label_asym_id 
_struct_conf.end_label_seq_id 
_struct_conf.pdbx_end_PDB_ins_code 
_struct_conf.beg_auth_comp_id 
_struct_conf.beg_auth_asym_id 
_struct_conf.beg_auth_seq_id 
_struct_conf.end_auth_comp_id 
_struct_conf.end_auth_asym_id 
_struct_conf.end_auth_seq_id 
_struct_conf.pdbx_PDB_helix_class 
_struct_conf.details 
_struct_conf.pdbx_PDB_helix_length 
HELX_P HELX_P1 AA1 HIS A 20 ? VAL A 26 ? HIS A -1 VAL A 5  5 ? 7  
HELX_P HELX_P2 AA2 ASN A 36 ? GLY A 45 ? ASN A 15 GLY A 24 1 ? 10 
HELX_P HELX_P3 AA3 GLY A 47 ? ALA A 57 ? GLY A 26 ALA A 36 1 ? 11 
# 
_struct_conf_type.id          HELX_P 
_struct_conf_type.criteria    ? 
_struct_conf_type.reference   ? 
# 
_struct_sheet.id               AA1 
_struct_sheet.type             ? 
_struct_sheet.number_strands   10 
_struct_sheet.details          ? 
# 
loop_
_struct_sheet_order.sheet_id 
_struct_sheet_order.range_id_1 
_struct_sheet_order.range_id_2 
_struct_sheet_order.offset 
_struct_sheet_order.sense 
AA1 1 2  ? anti-parallel 
AA1 2 3  ? anti-parallel 
AA1 3 4  ? anti-parallel 
AA1 4 5  ? anti-parallel 
AA1 5 6  ? anti-parallel 
AA1 6 7  ? anti-parallel 
AA1 7 8  ? anti-parallel 
AA1 8 9  ? anti-parallel 
AA1 9 10 ? anti-parallel 
# 
loop_
_struct_sheet_range.sheet_id 
_struct_sheet_range.id 
_struct_sheet_range.beg_label_comp_id 
_struct_sheet_range.beg_label_asym_id 
_struct_sheet_range.beg_label_seq_id 
_struct_sheet_range.pdbx_beg_PDB_ins_code 
_struct_sheet_range.end_label_comp_id 
_struct_sheet_range.end_label_asym_id 
_struct_sheet_range.end_label_seq_id 
_struct_sheet_range.pdbx_end_PDB_ins_code 
_struct_sheet_range.beg_auth_comp_id 
_struct_sheet_range.beg_auth_asym_id 
_struct_sheet_range.beg_auth_seq_id 
_struct_sheet_range.end_auth_comp_id 
_struct_sheet_range.end_auth_asym_id 
_struct_sheet_range.end_auth_seq_id 
AA1 1  ASN A 80  ? PHE A 85  ? ASN A 59  PHE A 64  
AA1 2  VAL A 69  ? GLU A 75  ? VAL A 48  GLU A 54  
AA1 3  ASN A 60  ? ASN A 66  ? ASN A 39  ASN A 45  
AA1 4  GLY A 27  ? GLU A 35  ? GLY A 6   GLU A 14  
AA1 5  VAL A 143 ? ARG A 151 ? VAL A 122 ARG A 130 
AA1 6  LYS A 133 ? MET A 140 ? LYS A 112 MET A 119 
AA1 7  LYS A 121 ? GLU A 130 ? LYS A 100 GLU A 109 
AA1 8  VAL A 111 ? TRP A 118 ? VAL A 90  TRP A 97  
AA1 9  LYS A 100 ? ASP A 108 ? LYS A 79  ASP A 87  
AA1 10 PHE A 91  ? VAL A 94  ? PHE A 70  VAL A 73  
# 
loop_
_pdbx_struct_sheet_hbond.sheet_id 
_pdbx_struct_sheet_hbond.range_id_1 
_pdbx_struct_sheet_hbond.range_id_2 
_pdbx_struct_sheet_hbond.range_1_label_atom_id 
_pdbx_struct_sheet_hbond.range_1_label_comp_id 
_pdbx_struct_sheet_hbond.range_1_label_asym_id 
_pdbx_struct_sheet_hbond.range_1_label_seq_id 
_pdbx_struct_sheet_hbond.range_1_PDB_ins_code 
_pdbx_struct_sheet_hbond.range_1_auth_atom_id 
_pdbx_struct_sheet_hbond.range_1_auth_comp_id 
_pdbx_struct_sheet_hbond.range_1_auth_asym_id 
_pdbx_struct_sheet_hbond.range_1_auth_seq_id 
_pdbx_struct_sheet_hbond.range_2_label_atom_id 
_pdbx_struct_sheet_hbond.range_2_label_comp_id 
_pdbx_struct_sheet_hbond.range_2_label_asym_id 
_pdbx_struct_sheet_hbond.range_2_label_seq_id 
_pdbx_struct_sheet_hbond.range_2_PDB_ins_code 
_pdbx_struct_sheet_hbond.range_2_auth_atom_id 
_pdbx_struct_sheet_hbond.range_2_auth_comp_id 
_pdbx_struct_sheet_hbond.range_2_auth_asym_id 
_pdbx_struct_sheet_hbond.range_2_auth_seq_id 
AA1 1 2  O PHE A 85  ? O PHE A 64  N ILE A 70  ? N ILE A 49  
AA1 2 3  O THR A 71  ? O THR A 50  N SER A 64  ? N SER A 43  
AA1 3 4  O ILE A 63  ? O ILE A 42  N GLY A 27  ? N GLY A 6   
AA1 4 5  N VAL A 32  ? N VAL A 11  O VAL A 148 ? O VAL A 127 
AA1 5 6  O ARG A 147 ? O ARG A 126 N VAL A 136 ? N VAL A 115 
AA1 6 7  O VAL A 135 ? O VAL A 114 N LYS A 128 ? N LYS A 107 
AA1 7 8  O LYS A 121 ? O LYS A 100 N TRP A 118 ? N TRP A 97  
AA1 8 9  O VAL A 113 ? O VAL A 92  N THR A 106 ? N THR A 85  
AA1 9 10 O SER A 103 ? O SER A 82  N PHE A 91  ? N PHE A 70  
# 
loop_
_pdbx_validate_torsion.id 
_pdbx_validate_torsion.PDB_model_num 
_pdbx_validate_torsion.auth_comp_id 
_pdbx_validate_torsion.auth_asym_id 
_pdbx_validate_torsion.auth_seq_id 
_pdbx_validate_torsion.PDB_ins_code 
_pdbx_validate_torsion.label_alt_id 
_pdbx_validate_torsion.phi 
_pdbx_validate_torsion.psi 
1 1 ASP A 110 ? ? 54.36 -134.32 
2 1 LYS A 120 ? ? 50.60 -118.48 
# 
_pdbx_entry_details.entry_id                 8WDX 
_pdbx_entry_details.has_ligand_of_interest   Y 
_pdbx_entry_details.compound_details         ? 
_pdbx_entry_details.source_details           ? 
_pdbx_entry_details.nonpolymer_details       ? 
_pdbx_entry_details.sequence_details         ? 
# 
loop_
_pdbx_unobs_or_zero_occ_residues.id 
_pdbx_unobs_or_zero_occ_residues.PDB_model_num 
_pdbx_unobs_or_zero_occ_residues.polymer_flag 
_pdbx_unobs_or_zero_occ_residues.occupancy_flag 
_pdbx_unobs_or_zero_occ_residues.auth_asym_id 
_pdbx_unobs_or_zero_occ_residues.auth_comp_id 
_pdbx_unobs_or_zero_occ_residues.auth_seq_id 
_pdbx_unobs_or_zero_occ_residues.PDB_ins_code 
_pdbx_unobs_or_zero_occ_residues.label_asym_id 
_pdbx_unobs_or_zero_occ_residues.label_comp_id 
_pdbx_unobs_or_zero_occ_residues.label_seq_id 
1  1 Y 1 A MET -20 ? A MET 1  
2  1 Y 1 A GLY -19 ? A GLY 2  
3  1 Y 1 A SER -18 ? A SER 3  
4  1 Y 1 A SER -17 ? A SER 4  
5  1 Y 1 A HIS -16 ? A HIS 5  
6  1 Y 1 A HIS -15 ? A HIS 6  
7  1 Y 1 A HIS -14 ? A HIS 7  
8  1 Y 1 A HIS -13 ? A HIS 8  
9  1 Y 1 A HIS -12 ? A HIS 9  
10 1 Y 1 A HIS -11 ? A HIS 10 
11 1 Y 1 A SER -10 ? A SER 11 
12 1 Y 1 A SER -9  ? A SER 12 
13 1 Y 1 A GLY -8  ? A GLY 13 
14 1 Y 1 A LEU -7  ? A LEU 14 
15 1 Y 1 A VAL -6  ? A VAL 15 
16 1 Y 1 A PRO -5  ? A PRO 16 
17 1 Y 1 A ARG -4  ? A ARG 17 
18 1 Y 1 A GLY -3  ? A GLY 18 
# 
loop_
_chem_comp_atom.comp_id 
_chem_comp_atom.atom_id 
_chem_comp_atom.type_symbol 
_chem_comp_atom.pdbx_aromatic_flag 
_chem_comp_atom.pdbx_stereo_config 
_chem_comp_atom.pdbx_ordinal 
ALA N    N  N N 1   
ALA CA   C  N S 2   
ALA C    C  N N 3   
ALA O    O  N N 4   
ALA CB   C  N N 5   
ALA OXT  O  N N 6   
ALA H    H  N N 7   
ALA H2   H  N N 8   
ALA HA   H  N N 9   
ALA HB1  H  N N 10  
ALA HB2  H  N N 11  
ALA HB3  H  N N 12  
ALA HXT  H  N N 13  
ARG N    N  N N 14  
ARG CA   C  N S 15  
ARG C    C  N N 16  
ARG O    O  N N 17  
ARG CB   C  N N 18  
ARG CG   C  N N 19  
ARG CD   C  N N 20  
ARG NE   N  N N 21  
ARG CZ   C  N N 22  
ARG NH1  N  N N 23  
ARG NH2  N  N N 24  
ARG OXT  O  N N 25  
ARG H    H  N N 26  
ARG H2   H  N N 27  
ARG HA   H  N N 28  
ARG HB2  H  N N 29  
ARG HB3  H  N N 30  
ARG HG2  H  N N 31  
ARG HG3  H  N N 32  
ARG HD2  H  N N 33  
ARG HD3  H  N N 34  
ARG HE   H  N N 35  
ARG HH11 H  N N 36  
ARG HH12 H  N N 37  
ARG HH21 H  N N 38  
ARG HH22 H  N N 39  
ARG HXT  H  N N 40  
ASN N    N  N N 41  
ASN CA   C  N S 42  
ASN C    C  N N 43  
ASN O    O  N N 44  
ASN CB   C  N N 45  
ASN CG   C  N N 46  
ASN OD1  O  N N 47  
ASN ND2  N  N N 48  
ASN OXT  O  N N 49  
ASN H    H  N N 50  
ASN H2   H  N N 51  
ASN HA   H  N N 52  
ASN HB2  H  N N 53  
ASN HB3  H  N N 54  
ASN HD21 H  N N 55  
ASN HD22 H  N N 56  
ASN HXT  H  N N 57  
ASP N    N  N N 58  
ASP CA   C  N S 59  
ASP C    C  N N 60  
ASP O    O  N N 61  
ASP CB   C  N N 62  
ASP CG   C  N N 63  
ASP OD1  O  N N 64  
ASP OD2  O  N N 65  
ASP OXT  O  N N 66  
ASP H    H  N N 67  
ASP H2   H  N N 68  
ASP HA   H  N N 69  
ASP HB2  H  N N 70  
ASP HB3  H  N N 71  
ASP HD2  H  N N 72  
ASP HXT  H  N N 73  
CYS N    N  N N 74  
CYS CA   C  N R 75  
CYS C    C  N N 76  
CYS O    O  N N 77  
CYS CB   C  N N 78  
CYS SG   S  N N 79  
CYS OXT  O  N N 80  
CYS H    H  N N 81  
CYS H2   H  N N 82  
CYS HA   H  N N 83  
CYS HB2  H  N N 84  
CYS HB3  H  N N 85  
CYS HG   H  N N 86  
CYS HXT  H  N N 87  
EDO C1   C  N N 88  
EDO O1   O  N N 89  
EDO C2   C  N N 90  
EDO O2   O  N N 91  
EDO H11  H  N N 92  
EDO H12  H  N N 93  
EDO HO1  H  N N 94  
EDO H21  H  N N 95  
EDO H22  H  N N 96  
EDO HO2  H  N N 97  
GLN N    N  N N 98  
GLN CA   C  N S 99  
GLN C    C  N N 100 
GLN O    O  N N 101 
GLN CB   C  N N 102 
GLN CG   C  N N 103 
GLN CD   C  N N 104 
GLN OE1  O  N N 105 
GLN NE2  N  N N 106 
GLN OXT  O  N N 107 
GLN H    H  N N 108 
GLN H2   H  N N 109 
GLN HA   H  N N 110 
GLN HB2  H  N N 111 
GLN HB3  H  N N 112 
GLN HG2  H  N N 113 
GLN HG3  H  N N 114 
GLN HE21 H  N N 115 
GLN HE22 H  N N 116 
GLN HXT  H  N N 117 
GLU N    N  N N 118 
GLU CA   C  N S 119 
GLU C    C  N N 120 
GLU O    O  N N 121 
GLU CB   C  N N 122 
GLU CG   C  N N 123 
GLU CD   C  N N 124 
GLU OE1  O  N N 125 
GLU OE2  O  N N 126 
GLU OXT  O  N N 127 
GLU H    H  N N 128 
GLU H2   H  N N 129 
GLU HA   H  N N 130 
GLU HB2  H  N N 131 
GLU HB3  H  N N 132 
GLU HG2  H  N N 133 
GLU HG3  H  N N 134 
GLU HE2  H  N N 135 
GLU HXT  H  N N 136 
GLY N    N  N N 137 
GLY CA   C  N N 138 
GLY C    C  N N 139 
GLY O    O  N N 140 
GLY OXT  O  N N 141 
GLY H    H  N N 142 
GLY H2   H  N N 143 
GLY HA2  H  N N 144 
GLY HA3  H  N N 145 
GLY HXT  H  N N 146 
HIS N    N  N N 147 
HIS CA   C  N S 148 
HIS C    C  N N 149 
HIS O    O  N N 150 
HIS CB   C  N N 151 
HIS CG   C  Y N 152 
HIS ND1  N  Y N 153 
HIS CD2  C  Y N 154 
HIS CE1  C  Y N 155 
HIS NE2  N  Y N 156 
HIS OXT  O  N N 157 
HIS H    H  N N 158 
HIS H2   H  N N 159 
HIS HA   H  N N 160 
HIS HB2  H  N N 161 
HIS HB3  H  N N 162 
HIS HD1  H  N N 163 
HIS HD2  H  N N 164 
HIS HE1  H  N N 165 
HIS HE2  H  N N 166 
HIS HXT  H  N N 167 
HOH O    O  N N 168 
HOH H1   H  N N 169 
HOH H2   H  N N 170 
ILE N    N  N N 171 
ILE CA   C  N S 172 
ILE C    C  N N 173 
ILE O    O  N N 174 
ILE CB   C  N S 175 
ILE CG1  C  N N 176 
ILE CG2  C  N N 177 
ILE CD1  C  N N 178 
ILE OXT  O  N N 179 
ILE H    H  N N 180 
ILE H2   H  N N 181 
ILE HA   H  N N 182 
ILE HB   H  N N 183 
ILE HG12 H  N N 184 
ILE HG13 H  N N 185 
ILE HG21 H  N N 186 
ILE HG22 H  N N 187 
ILE HG23 H  N N 188 
ILE HD11 H  N N 189 
ILE HD12 H  N N 190 
ILE HD13 H  N N 191 
ILE HXT  H  N N 192 
LEU N    N  N N 193 
LEU CA   C  N S 194 
LEU C    C  N N 195 
LEU O    O  N N 196 
LEU CB   C  N N 197 
LEU CG   C  N N 198 
LEU CD1  C  N N 199 
LEU CD2  C  N N 200 
LEU OXT  O  N N 201 
LEU H    H  N N 202 
LEU H2   H  N N 203 
LEU HA   H  N N 204 
LEU HB2  H  N N 205 
LEU HB3  H  N N 206 
LEU HG   H  N N 207 
LEU HD11 H  N N 208 
LEU HD12 H  N N 209 
LEU HD13 H  N N 210 
LEU HD21 H  N N 211 
LEU HD22 H  N N 212 
LEU HD23 H  N N 213 
LEU HXT  H  N N 214 
LYS N    N  N N 215 
LYS CA   C  N S 216 
LYS C    C  N N 217 
LYS O    O  N N 218 
LYS CB   C  N N 219 
LYS CG   C  N N 220 
LYS CD   C  N N 221 
LYS CE   C  N N 222 
LYS NZ   N  N N 223 
LYS OXT  O  N N 224 
LYS H    H  N N 225 
LYS H2   H  N N 226 
LYS HA   H  N N 227 
LYS HB2  H  N N 228 
LYS HB3  H  N N 229 
LYS HG2  H  N N 230 
LYS HG3  H  N N 231 
LYS HD2  H  N N 232 
LYS HD3  H  N N 233 
LYS HE2  H  N N 234 
LYS HE3  H  N N 235 
LYS HZ1  H  N N 236 
LYS HZ2  H  N N 237 
LYS HZ3  H  N N 238 
LYS HXT  H  N N 239 
MET N    N  N N 240 
MET CA   C  N S 241 
MET C    C  N N 242 
MET O    O  N N 243 
MET CB   C  N N 244 
MET CG   C  N N 245 
MET SD   S  N N 246 
MET CE   C  N N 247 
MET OXT  O  N N 248 
MET H    H  N N 249 
MET H2   H  N N 250 
MET HA   H  N N 251 
MET HB2  H  N N 252 
MET HB3  H  N N 253 
MET HG2  H  N N 254 
MET HG3  H  N N 255 
MET HE1  H  N N 256 
MET HE2  H  N N 257 
MET HE3  H  N N 258 
MET HXT  H  N N 259 
PHE N    N  N N 260 
PHE CA   C  N S 261 
PHE C    C  N N 262 
PHE O    O  N N 263 
PHE CB   C  N N 264 
PHE CG   C  Y N 265 
PHE CD1  C  Y N 266 
PHE CD2  C  Y N 267 
PHE CE1  C  Y N 268 
PHE CE2  C  Y N 269 
PHE CZ   C  Y N 270 
PHE OXT  O  N N 271 
PHE H    H  N N 272 
PHE H2   H  N N 273 
PHE HA   H  N N 274 
PHE HB2  H  N N 275 
PHE HB3  H  N N 276 
PHE HD1  H  N N 277 
PHE HD2  H  N N 278 
PHE HE1  H  N N 279 
PHE HE2  H  N N 280 
PHE HZ   H  N N 281 
PHE HXT  H  N N 282 
PRO N    N  N N 283 
PRO CA   C  N S 284 
PRO C    C  N N 285 
PRO O    O  N N 286 
PRO CB   C  N N 287 
PRO CG   C  N N 288 
PRO CD   C  N N 289 
PRO OXT  O  N N 290 
PRO H    H  N N 291 
PRO HA   H  N N 292 
PRO HB2  H  N N 293 
PRO HB3  H  N N 294 
PRO HG2  H  N N 295 
PRO HG3  H  N N 296 
PRO HD2  H  N N 297 
PRO HD3  H  N N 298 
PRO HXT  H  N N 299 
SER N    N  N N 300 
SER CA   C  N S 301 
SER C    C  N N 302 
SER O    O  N N 303 
SER CB   C  N N 304 
SER OG   O  N N 305 
SER OXT  O  N N 306 
SER H    H  N N 307 
SER H2   H  N N 308 
SER HA   H  N N 309 
SER HB2  H  N N 310 
SER HB3  H  N N 311 
SER HG   H  N N 312 
SER HXT  H  N N 313 
THR N    N  N N 314 
THR CA   C  N S 315 
THR C    C  N N 316 
THR O    O  N N 317 
THR CB   C  N R 318 
THR OG1  O  N N 319 
THR CG2  C  N N 320 
THR OXT  O  N N 321 
THR H    H  N N 322 
THR H2   H  N N 323 
THR HA   H  N N 324 
THR HB   H  N N 325 
THR HG1  H  N N 326 
THR HG21 H  N N 327 
THR HG22 H  N N 328 
THR HG23 H  N N 329 
THR HXT  H  N N 330 
TRP N    N  N N 331 
TRP CA   C  N S 332 
TRP C    C  N N 333 
TRP O    O  N N 334 
TRP CB   C  N N 335 
TRP CG   C  Y N 336 
TRP CD1  C  Y N 337 
TRP CD2  C  Y N 338 
TRP NE1  N  Y N 339 
TRP CE2  C  Y N 340 
TRP CE3  C  Y N 341 
TRP CZ2  C  Y N 342 
TRP CZ3  C  Y N 343 
TRP CH2  C  Y N 344 
TRP OXT  O  N N 345 
TRP H    H  N N 346 
TRP H2   H  N N 347 
TRP HA   H  N N 348 
TRP HB2  H  N N 349 
TRP HB3  H  N N 350 
TRP HD1  H  N N 351 
TRP HE1  H  N N 352 
TRP HE3  H  N N 353 
TRP HZ2  H  N N 354 
TRP HZ3  H  N N 355 
TRP HH2  H  N N 356 
TRP HXT  H  N N 357 
TYR N    N  N N 358 
TYR CA   C  N S 359 
TYR C    C  N N 360 
TYR O    O  N N 361 
TYR CB   C  N N 362 
TYR CG   C  Y N 363 
TYR CD1  C  Y N 364 
TYR CD2  C  Y N 365 
TYR CE1  C  Y N 366 
TYR CE2  C  Y N 367 
TYR CZ   C  Y N 368 
TYR OH   O  N N 369 
TYR OXT  O  N N 370 
TYR H    H  N N 371 
TYR H2   H  N N 372 
TYR HA   H  N N 373 
TYR HB2  H  N N 374 
TYR HB3  H  N N 375 
TYR HD1  H  N N 376 
TYR HD2  H  N N 377 
TYR HE1  H  N N 378 
TYR HE2  H  N N 379 
TYR HH   H  N N 380 
TYR HXT  H  N N 381 
VAL N    N  N N 382 
VAL CA   C  N S 383 
VAL C    C  N N 384 
VAL O    O  N N 385 
VAL CB   C  N N 386 
VAL CG1  C  N N 387 
VAL CG2  C  N N 388 
VAL OXT  O  N N 389 
VAL H    H  N N 390 
VAL H2   H  N N 391 
VAL HA   H  N N 392 
VAL HB   H  N N 393 
VAL HG11 H  N N 394 
VAL HG12 H  N N 395 
VAL HG13 H  N N 396 
VAL HG21 H  N N 397 
VAL HG22 H  N N 398 
VAL HG23 H  N N 399 
VAL HXT  H  N N 400 
W6K N1   N  N N 401 
W6K C4   C  Y N 402 
W6K C5   C  Y N 403 
W6K C6   C  Y N 404 
W6K C7   C  N N 405 
W6K C8   C  Y N 406 
W6K C10  C  Y N 407 
W6K C13  C  Y N 408 
W6K C15  C  Y N 409 
W6K C17  C  Y N 410 
W6K C20  C  N N 411 
W6K C1   C  Y N 412 
W6K C11  C  Y N 413 
W6K C12  C  Y N 414 
W6K C14  C  Y N 415 
W6K C16  C  Y N 416 
W6K C18  C  Y N 417 
W6K C19  C  Y N 418 
W6K C2   C  Y N 419 
W6K C3   C  Y N 420 
W6K C9   C  Y N 421 
W6K O1   O  N N 422 
W6K O2   O  N N 423 
W6K CL1  CL N N 424 
W6K H1   H  N N 425 
W6K H2   H  N N 426 
W6K H3   H  N N 427 
W6K H4   H  N N 428 
W6K H5   H  N N 429 
W6K H6   H  N N 430 
W6K H7   H  N N 431 
W6K H8   H  N N 432 
W6K H9   H  N N 433 
W6K H10  H  N N 434 
W6K H11  H  N N 435 
W6K H12  H  N N 436 
W6K H13  H  N N 437 
W6K H14  H  N N 438 
W6K H15  H  N N 439 
W6K H16  H  N N 440 
# 
loop_
_chem_comp_bond.comp_id 
_chem_comp_bond.atom_id_1 
_chem_comp_bond.atom_id_2 
_chem_comp_bond.value_order 
_chem_comp_bond.pdbx_aromatic_flag 
_chem_comp_bond.pdbx_stereo_config 
_chem_comp_bond.pdbx_ordinal 
ALA N   CA   sing N N 1   
ALA N   H    sing N N 2   
ALA N   H2   sing N N 3   
ALA CA  C    sing N N 4   
ALA CA  CB   sing N N 5   
ALA CA  HA   sing N N 6   
ALA C   O    doub N N 7   
ALA C   OXT  sing N N 8   
ALA CB  HB1  sing N N 9   
ALA CB  HB2  sing N N 10  
ALA CB  HB3  sing N N 11  
ALA OXT HXT  sing N N 12  
ARG N   CA   sing N N 13  
ARG N   H    sing N N 14  
ARG N   H2   sing N N 15  
ARG CA  C    sing N N 16  
ARG CA  CB   sing N N 17  
ARG CA  HA   sing N N 18  
ARG C   O    doub N N 19  
ARG C   OXT  sing N N 20  
ARG CB  CG   sing N N 21  
ARG CB  HB2  sing N N 22  
ARG CB  HB3  sing N N 23  
ARG CG  CD   sing N N 24  
ARG CG  HG2  sing N N 25  
ARG CG  HG3  sing N N 26  
ARG CD  NE   sing N N 27  
ARG CD  HD2  sing N N 28  
ARG CD  HD3  sing N N 29  
ARG NE  CZ   sing N N 30  
ARG NE  HE   sing N N 31  
ARG CZ  NH1  sing N N 32  
ARG CZ  NH2  doub N N 33  
ARG NH1 HH11 sing N N 34  
ARG NH1 HH12 sing N N 35  
ARG NH2 HH21 sing N N 36  
ARG NH2 HH22 sing N N 37  
ARG OXT HXT  sing N N 38  
ASN N   CA   sing N N 39  
ASN N   H    sing N N 40  
ASN N   H2   sing N N 41  
ASN CA  C    sing N N 42  
ASN CA  CB   sing N N 43  
ASN CA  HA   sing N N 44  
ASN C   O    doub N N 45  
ASN C   OXT  sing N N 46  
ASN CB  CG   sing N N 47  
ASN CB  HB2  sing N N 48  
ASN CB  HB3  sing N N 49  
ASN CG  OD1  doub N N 50  
ASN CG  ND2  sing N N 51  
ASN ND2 HD21 sing N N 52  
ASN ND2 HD22 sing N N 53  
ASN OXT HXT  sing N N 54  
ASP N   CA   sing N N 55  
ASP N   H    sing N N 56  
ASP N   H2   sing N N 57  
ASP CA  C    sing N N 58  
ASP CA  CB   sing N N 59  
ASP CA  HA   sing N N 60  
ASP C   O    doub N N 61  
ASP C   OXT  sing N N 62  
ASP CB  CG   sing N N 63  
ASP CB  HB2  sing N N 64  
ASP CB  HB3  sing N N 65  
ASP CG  OD1  doub N N 66  
ASP CG  OD2  sing N N 67  
ASP OD2 HD2  sing N N 68  
ASP OXT HXT  sing N N 69  
CYS N   CA   sing N N 70  
CYS N   H    sing N N 71  
CYS N   H2   sing N N 72  
CYS CA  C    sing N N 73  
CYS CA  CB   sing N N 74  
CYS CA  HA   sing N N 75  
CYS C   O    doub N N 76  
CYS C   OXT  sing N N 77  
CYS CB  SG   sing N N 78  
CYS CB  HB2  sing N N 79  
CYS CB  HB3  sing N N 80  
CYS SG  HG   sing N N 81  
CYS OXT HXT  sing N N 82  
EDO C1  O1   sing N N 83  
EDO C1  C2   sing N N 84  
EDO C1  H11  sing N N 85  
EDO C1  H12  sing N N 86  
EDO O1  HO1  sing N N 87  
EDO C2  O2   sing N N 88  
EDO C2  H21  sing N N 89  
EDO C2  H22  sing N N 90  
EDO O2  HO2  sing N N 91  
GLN N   CA   sing N N 92  
GLN N   H    sing N N 93  
GLN N   H2   sing N N 94  
GLN CA  C    sing N N 95  
GLN CA  CB   sing N N 96  
GLN CA  HA   sing N N 97  
GLN C   O    doub N N 98  
GLN C   OXT  sing N N 99  
GLN CB  CG   sing N N 100 
GLN CB  HB2  sing N N 101 
GLN CB  HB3  sing N N 102 
GLN CG  CD   sing N N 103 
GLN CG  HG2  sing N N 104 
GLN CG  HG3  sing N N 105 
GLN CD  OE1  doub N N 106 
GLN CD  NE2  sing N N 107 
GLN NE2 HE21 sing N N 108 
GLN NE2 HE22 sing N N 109 
GLN OXT HXT  sing N N 110 
GLU N   CA   sing N N 111 
GLU N   H    sing N N 112 
GLU N   H2   sing N N 113 
GLU CA  C    sing N N 114 
GLU CA  CB   sing N N 115 
GLU CA  HA   sing N N 116 
GLU C   O    doub N N 117 
GLU C   OXT  sing N N 118 
GLU CB  CG   sing N N 119 
GLU CB  HB2  sing N N 120 
GLU CB  HB3  sing N N 121 
GLU CG  CD   sing N N 122 
GLU CG  HG2  sing N N 123 
GLU CG  HG3  sing N N 124 
GLU CD  OE1  doub N N 125 
GLU CD  OE2  sing N N 126 
GLU OE2 HE2  sing N N 127 
GLU OXT HXT  sing N N 128 
GLY N   CA   sing N N 129 
GLY N   H    sing N N 130 
GLY N   H2   sing N N 131 
GLY CA  C    sing N N 132 
GLY CA  HA2  sing N N 133 
GLY CA  HA3  sing N N 134 
GLY C   O    doub N N 135 
GLY C   OXT  sing N N 136 
GLY OXT HXT  sing N N 137 
HIS N   CA   sing N N 138 
HIS N   H    sing N N 139 
HIS N   H2   sing N N 140 
HIS CA  C    sing N N 141 
HIS CA  CB   sing N N 142 
HIS CA  HA   sing N N 143 
HIS C   O    doub N N 144 
HIS C   OXT  sing N N 145 
HIS CB  CG   sing N N 146 
HIS CB  HB2  sing N N 147 
HIS CB  HB3  sing N N 148 
HIS CG  ND1  sing Y N 149 
HIS CG  CD2  doub Y N 150 
HIS ND1 CE1  doub Y N 151 
HIS ND1 HD1  sing N N 152 
HIS CD2 NE2  sing Y N 153 
HIS CD2 HD2  sing N N 154 
HIS CE1 NE2  sing Y N 155 
HIS CE1 HE1  sing N N 156 
HIS NE2 HE2  sing N N 157 
HIS OXT HXT  sing N N 158 
HOH O   H1   sing N N 159 
HOH O   H2   sing N N 160 
ILE N   CA   sing N N 161 
ILE N   H    sing N N 162 
ILE N   H2   sing N N 163 
ILE CA  C    sing N N 164 
ILE CA  CB   sing N N 165 
ILE CA  HA   sing N N 166 
ILE C   O    doub N N 167 
ILE C   OXT  sing N N 168 
ILE CB  CG1  sing N N 169 
ILE CB  CG2  sing N N 170 
ILE CB  HB   sing N N 171 
ILE CG1 CD1  sing N N 172 
ILE CG1 HG12 sing N N 173 
ILE CG1 HG13 sing N N 174 
ILE CG2 HG21 sing N N 175 
ILE CG2 HG22 sing N N 176 
ILE CG2 HG23 sing N N 177 
ILE CD1 HD11 sing N N 178 
ILE CD1 HD12 sing N N 179 
ILE CD1 HD13 sing N N 180 
ILE OXT HXT  sing N N 181 
LEU N   CA   sing N N 182 
LEU N   H    sing N N 183 
LEU N   H2   sing N N 184 
LEU CA  C    sing N N 185 
LEU CA  CB   sing N N 186 
LEU CA  HA   sing N N 187 
LEU C   O    doub N N 188 
LEU C   OXT  sing N N 189 
LEU CB  CG   sing N N 190 
LEU CB  HB2  sing N N 191 
LEU CB  HB3  sing N N 192 
LEU CG  CD1  sing N N 193 
LEU CG  CD2  sing N N 194 
LEU CG  HG   sing N N 195 
LEU CD1 HD11 sing N N 196 
LEU CD1 HD12 sing N N 197 
LEU CD1 HD13 sing N N 198 
LEU CD2 HD21 sing N N 199 
LEU CD2 HD22 sing N N 200 
LEU CD2 HD23 sing N N 201 
LEU OXT HXT  sing N N 202 
LYS N   CA   sing N N 203 
LYS N   H    sing N N 204 
LYS N   H2   sing N N 205 
LYS CA  C    sing N N 206 
LYS CA  CB   sing N N 207 
LYS CA  HA   sing N N 208 
LYS C   O    doub N N 209 
LYS C   OXT  sing N N 210 
LYS CB  CG   sing N N 211 
LYS CB  HB2  sing N N 212 
LYS CB  HB3  sing N N 213 
LYS CG  CD   sing N N 214 
LYS CG  HG2  sing N N 215 
LYS CG  HG3  sing N N 216 
LYS CD  CE   sing N N 217 
LYS CD  HD2  sing N N 218 
LYS CD  HD3  sing N N 219 
LYS CE  NZ   sing N N 220 
LYS CE  HE2  sing N N 221 
LYS CE  HE3  sing N N 222 
LYS NZ  HZ1  sing N N 223 
LYS NZ  HZ2  sing N N 224 
LYS NZ  HZ3  sing N N 225 
LYS OXT HXT  sing N N 226 
MET N   CA   sing N N 227 
MET N   H    sing N N 228 
MET N   H2   sing N N 229 
MET CA  C    sing N N 230 
MET CA  CB   sing N N 231 
MET CA  HA   sing N N 232 
MET C   O    doub N N 233 
MET C   OXT  sing N N 234 
MET CB  CG   sing N N 235 
MET CB  HB2  sing N N 236 
MET CB  HB3  sing N N 237 
MET CG  SD   sing N N 238 
MET CG  HG2  sing N N 239 
MET CG  HG3  sing N N 240 
MET SD  CE   sing N N 241 
MET CE  HE1  sing N N 242 
MET CE  HE2  sing N N 243 
MET CE  HE3  sing N N 244 
MET OXT HXT  sing N N 245 
PHE N   CA   sing N N 246 
PHE N   H    sing N N 247 
PHE N   H2   sing N N 248 
PHE CA  C    sing N N 249 
PHE CA  CB   sing N N 250 
PHE CA  HA   sing N N 251 
PHE C   O    doub N N 252 
PHE C   OXT  sing N N 253 
PHE CB  CG   sing N N 254 
PHE CB  HB2  sing N N 255 
PHE CB  HB3  sing N N 256 
PHE CG  CD1  doub Y N 257 
PHE CG  CD2  sing Y N 258 
PHE CD1 CE1  sing Y N 259 
PHE CD1 HD1  sing N N 260 
PHE CD2 CE2  doub Y N 261 
PHE CD2 HD2  sing N N 262 
PHE CE1 CZ   doub Y N 263 
PHE CE1 HE1  sing N N 264 
PHE CE2 CZ   sing Y N 265 
PHE CE2 HE2  sing N N 266 
PHE CZ  HZ   sing N N 267 
PHE OXT HXT  sing N N 268 
PRO N   CA   sing N N 269 
PRO N   CD   sing N N 270 
PRO N   H    sing N N 271 
PRO CA  C    sing N N 272 
PRO CA  CB   sing N N 273 
PRO CA  HA   sing N N 274 
PRO C   O    doub N N 275 
PRO C   OXT  sing N N 276 
PRO CB  CG   sing N N 277 
PRO CB  HB2  sing N N 278 
PRO CB  HB3  sing N N 279 
PRO CG  CD   sing N N 280 
PRO CG  HG2  sing N N 281 
PRO CG  HG3  sing N N 282 
PRO CD  HD2  sing N N 283 
PRO CD  HD3  sing N N 284 
PRO OXT HXT  sing N N 285 
SER N   CA   sing N N 286 
SER N   H    sing N N 287 
SER N   H2   sing N N 288 
SER CA  C    sing N N 289 
SER CA  CB   sing N N 290 
SER CA  HA   sing N N 291 
SER C   O    doub N N 292 
SER C   OXT  sing N N 293 
SER CB  OG   sing N N 294 
SER CB  HB2  sing N N 295 
SER CB  HB3  sing N N 296 
SER OG  HG   sing N N 297 
SER OXT HXT  sing N N 298 
THR N   CA   sing N N 299 
THR N   H    sing N N 300 
THR N   H2   sing N N 301 
THR CA  C    sing N N 302 
THR CA  CB   sing N N 303 
THR CA  HA   sing N N 304 
THR C   O    doub N N 305 
THR C   OXT  sing N N 306 
THR CB  OG1  sing N N 307 
THR CB  CG2  sing N N 308 
THR CB  HB   sing N N 309 
THR OG1 HG1  sing N N 310 
THR CG2 HG21 sing N N 311 
THR CG2 HG22 sing N N 312 
THR CG2 HG23 sing N N 313 
THR OXT HXT  sing N N 314 
TRP N   CA   sing N N 315 
TRP N   H    sing N N 316 
TRP N   H2   sing N N 317 
TRP CA  C    sing N N 318 
TRP CA  CB   sing N N 319 
TRP CA  HA   sing N N 320 
TRP C   O    doub N N 321 
TRP C   OXT  sing N N 322 
TRP CB  CG   sing N N 323 
TRP CB  HB2  sing N N 324 
TRP CB  HB3  sing N N 325 
TRP CG  CD1  doub Y N 326 
TRP CG  CD2  sing Y N 327 
TRP CD1 NE1  sing Y N 328 
TRP CD1 HD1  sing N N 329 
TRP CD2 CE2  doub Y N 330 
TRP CD2 CE3  sing Y N 331 
TRP NE1 CE2  sing Y N 332 
TRP NE1 HE1  sing N N 333 
TRP CE2 CZ2  sing Y N 334 
TRP CE3 CZ3  doub Y N 335 
TRP CE3 HE3  sing N N 336 
TRP CZ2 CH2  doub Y N 337 
TRP CZ2 HZ2  sing N N 338 
TRP CZ3 CH2  sing Y N 339 
TRP CZ3 HZ3  sing N N 340 
TRP CH2 HH2  sing N N 341 
TRP OXT HXT  sing N N 342 
TYR N   CA   sing N N 343 
TYR N   H    sing N N 344 
TYR N   H2   sing N N 345 
TYR CA  C    sing N N 346 
TYR CA  CB   sing N N 347 
TYR CA  HA   sing N N 348 
TYR C   O    doub N N 349 
TYR C   OXT  sing N N 350 
TYR CB  CG   sing N N 351 
TYR CB  HB2  sing N N 352 
TYR CB  HB3  sing N N 353 
TYR CG  CD1  doub Y N 354 
TYR CG  CD2  sing Y N 355 
TYR CD1 CE1  sing Y N 356 
TYR CD1 HD1  sing N N 357 
TYR CD2 CE2  doub Y N 358 
TYR CD2 HD2  sing N N 359 
TYR CE1 CZ   doub Y N 360 
TYR CE1 HE1  sing N N 361 
TYR CE2 CZ   sing Y N 362 
TYR CE2 HE2  sing N N 363 
TYR CZ  OH   sing N N 364 
TYR OH  HH   sing N N 365 
TYR OXT HXT  sing N N 366 
VAL N   CA   sing N N 367 
VAL N   H    sing N N 368 
VAL N   H2   sing N N 369 
VAL CA  C    sing N N 370 
VAL CA  CB   sing N N 371 
VAL CA  HA   sing N N 372 
VAL C   O    doub N N 373 
VAL C   OXT  sing N N 374 
VAL CB  CG1  sing N N 375 
VAL CB  CG2  sing N N 376 
VAL CB  HB   sing N N 377 
VAL CG1 HG11 sing N N 378 
VAL CG1 HG12 sing N N 379 
VAL CG1 HG13 sing N N 380 
VAL CG2 HG21 sing N N 381 
VAL CG2 HG22 sing N N 382 
VAL CG2 HG23 sing N N 383 
VAL OXT HXT  sing N N 384 
W6K CL1 C12  sing N N 385 
W6K C11 C12  doub Y N 386 
W6K C11 C10  sing Y N 387 
W6K C12 C13  sing Y N 388 
W6K C10 C9   doub Y N 389 
W6K C13 C14  sing N N 390 
W6K C13 C8   doub Y N 391 
W6K C9  C8   sing Y N 392 
W6K C15 C14  doub Y N 393 
W6K C15 C16  sing Y N 394 
W6K C14 C19  sing Y N 395 
W6K C8  N1   sing N N 396 
W6K C16 C17  doub Y N 397 
W6K C19 C18  doub Y N 398 
W6K C17 C18  sing Y N 399 
W6K N1  C6   sing N N 400 
W6K C5  C6   doub Y N 401 
W6K C5  C4   sing Y N 402 
W6K C6  C1   sing Y N 403 
W6K C4  C3   doub Y N 404 
W6K O1  C20  doub N N 405 
W6K C1  C20  sing N N 406 
W6K C1  C2   doub Y N 407 
W6K C20 O2   sing N N 408 
W6K C3  C2   sing Y N 409 
W6K C2  C7   sing N N 410 
W6K N1  H1   sing N N 411 
W6K C4  H2   sing N N 412 
W6K C5  H3   sing N N 413 
W6K C7  H4   sing N N 414 
W6K C7  H5   sing N N 415 
W6K C7  H6   sing N N 416 
W6K C10 H7   sing N N 417 
W6K C15 H8   sing N N 418 
W6K C17 H9   sing N N 419 
W6K C11 H10  sing N N 420 
W6K C16 H11  sing N N 421 
W6K C18 H12  sing N N 422 
W6K C19 H13  sing N N 423 
W6K C3  H14  sing N N 424 
W6K C9  H15  sing N N 425 
W6K O2  H16  sing N N 426 
# 
_pdbx_audit_support.funding_organization   'Not funded' 
_pdbx_audit_support.country                ? 
_pdbx_audit_support.grant_number           ? 
_pdbx_audit_support.ordinal                1 
# 
_pdbx_entity_instance_feature.ordinal        1 
_pdbx_entity_instance_feature.comp_id        W6K 
_pdbx_entity_instance_feature.asym_id        ? 
_pdbx_entity_instance_feature.seq_num        ? 
_pdbx_entity_instance_feature.auth_comp_id   W6K 
_pdbx_entity_instance_feature.auth_asym_id   ? 
_pdbx_entity_instance_feature.auth_seq_num   ? 
_pdbx_entity_instance_feature.feature_type   'SUBJECT OF INVESTIGATION' 
_pdbx_entity_instance_feature.details        ? 
# 
_atom_sites.entry_id                    8WDX 
_atom_sites.Cartn_transf_matrix[1][1]   ? 
_atom_sites.Cartn_transf_matrix[1][2]   ? 
_atom_sites.Cartn_transf_matrix[1][3]   ? 
_atom_sites.Cartn_transf_matrix[2][1]   ? 
_atom_sites.Cartn_transf_matrix[2][2]   ? 
_atom_sites.Cartn_transf_matrix[2][3]   ? 
_atom_sites.Cartn_transf_matrix[3][1]   ? 
_atom_sites.Cartn_transf_matrix[3][2]   ? 
_atom_sites.Cartn_transf_matrix[3][3]   ? 
_atom_sites.Cartn_transf_vector[1]      ? 
_atom_sites.Cartn_transf_vector[2]      ? 
_atom_sites.Cartn_transf_vector[3]      ? 
_atom_sites.Cartn_transform_axes        ? 
_atom_sites.fract_transf_matrix[1][1]   0.01984283 
_atom_sites.fract_transf_matrix[1][2]   0.01944338 
_atom_sites.fract_transf_matrix[1][3]   0.00390436 
_atom_sites.fract_transf_matrix[2][1]   0.01260637 
_atom_sites.fract_transf_matrix[2][2]   -0.01163243 
_atom_sites.fract_transf_matrix[2][3]   -0.00613986 
_atom_sites.fract_transf_matrix[3][1]   -0.00193214 
_atom_sites.fract_transf_matrix[3][2]   0.00446843 
_atom_sites.fract_transf_matrix[3][3]   -0.01243285 
_atom_sites.fract_transf_vector[1]      -0.221500 
_atom_sites.fract_transf_vector[2]      0.183873 
_atom_sites.fract_transf_vector[3]      -0.197332 
_atom_sites.solution_primary            ? 
_atom_sites.solution_secondary          ? 
_atom_sites.solution_hydrogens          ? 
_atom_sites.special_details             ? 
# 
loop_
_atom_type.symbol 
C  
CL 
N  
O  
S  
# 
loop_
_atom_site.group_PDB 
_atom_site.id 
_atom_site.type_symbol 
_atom_site.label_atom_id 
_atom_site.label_alt_id 
_atom_site.label_comp_id 
_atom_site.label_asym_id 
_atom_site.label_entity_id 
_atom_site.label_seq_id 
_atom_site.pdbx_PDB_ins_code 
_atom_site.Cartn_x 
_atom_site.Cartn_y 
_atom_site.Cartn_z 
_atom_site.occupancy 
_atom_site.B_iso_or_equiv 
_atom_site.pdbx_formal_charge 
_atom_site.auth_seq_id 
_atom_site.auth_comp_id 
_atom_site.auth_asym_id 
_atom_site.auth_atom_id 
_atom_site.pdbx_PDB_model_num 
ATOM   1    N  N   . SER A 1 19  ? 1.319   -0.282  -24.240 1.00 41.36 ?  -2  SER A N   1 
ATOM   2    C  CA  . SER A 1 19  ? 0.470   -0.097  -23.060 1.00 38.10 ?  -2  SER A CA  1 
ATOM   3    C  C   . SER A 1 19  ? 0.519   -1.334  -22.186 1.00 45.32 ?  -2  SER A C   1 
ATOM   4    O  O   . SER A 1 19  ? 0.531   -2.454  -22.702 1.00 37.21 ?  -2  SER A O   1 
ATOM   5    C  CB  . SER A 1 19  ? -0.984  0.194   -23.460 1.00 38.04 ?  -2  SER A CB  1 
ATOM   6    O  OG  . SER A 1 19  ? -1.122  1.452   -24.102 1.00 39.87 ?  -2  SER A OG  1 
ATOM   7    N  N   . HIS A 1 20  ? 0.546   -1.120  -20.865 1.00 38.85 ?  -1  HIS A N   1 
ATOM   8    C  CA  . HIS A 1 20  ? 0.566   -2.182  -19.869 1.00 30.30 ?  -1  HIS A CA  1 
ATOM   9    C  C   . HIS A 1 20  ? -0.515  -1.903  -18.835 1.00 33.50 ?  -1  HIS A C   1 
ATOM   10   O  O   . HIS A 1 20  ? -0.978  -0.771  -18.688 1.00 32.72 ?  -1  HIS A O   1 
ATOM   11   C  CB  . HIS A 1 20  ? 1.929   -2.285  -19.174 1.00 36.55 ?  -1  HIS A CB  1 
ATOM   12   N  N   . MET A 1 21  ? -0.898  -2.945  -18.090 1.00 31.25 ?  0   MET A N   1 
ATOM   13   C  CA  . MET A 1 21  ? -1.956  -2.772  -17.102 1.00 29.74 ?  0   MET A CA  1 
ATOM   14   C  C   . MET A 1 21  ? -1.553  -1.776  -16.023 1.00 30.85 ?  0   MET A C   1 
ATOM   15   O  O   . MET A 1 21  ? -2.411  -1.063  -15.487 1.00 33.15 ?  0   MET A O   1 
ATOM   16   C  CB  . MET A 1 21  ? -2.325  -4.120  -16.477 1.00 31.40 ?  0   MET A CB  1 
ATOM   17   C  CG  . MET A 1 21  ? -2.821  -5.146  -17.491 1.00 32.66 ?  0   MET A CG  1 
ATOM   18   S  SD  . MET A 1 21  ? -4.227  -4.515  -18.443 1.00 34.77 ?  0   MET A SD  1 
ATOM   19   C  CE  . MET A 1 21  ? -5.489  -4.501  -17.171 1.00 31.21 ?  0   MET A CE  1 
ATOM   20   N  N   . CYS A 1 22  ? -0.260  -1.702  -15.697 1.00 30.41 ?  1   CYS A N   1 
ATOM   21   C  CA  . CYS A 1 22  ? 0.191   -0.789  -14.651 1.00 29.31 ?  1   CYS A CA  1 
ATOM   22   C  C   . CYS A 1 22  ? 0.152   0.670   -15.068 1.00 26.93 ?  1   CYS A C   1 
ATOM   23   O  O   . CYS A 1 22  ? 0.256   1.539   -14.194 1.00 28.16 ?  1   CYS A O   1 
ATOM   24   C  CB  . CYS A 1 22  ? 1.606   -1.136  -14.211 1.00 32.58 ?  1   CYS A CB  1 
ATOM   25   S  SG  . CYS A 1 22  ? 1.686   -2.673  -13.296 1.00 46.10 ?  1   CYS A SG  1 
ATOM   26   N  N   . ASP A 1 23  ? 0.002   0.956   -16.365 1.00 25.95 ?  2   ASP A N   1 
ATOM   27   C  CA  . ASP A 1 23  ? -0.125  2.337   -16.822 1.00 29.35 ?  2   ASP A CA  1 
ATOM   28   C  C   . ASP A 1 23  ? -1.203  3.093   -16.059 1.00 26.04 ?  2   ASP A C   1 
ATOM   29   O  O   . ASP A 1 23  ? -1.065  4.295   -15.808 1.00 28.94 ?  2   ASP A O   1 
ATOM   30   C  CB  . ASP A 1 23  ? -0.440  2.372   -18.318 1.00 30.13 ?  2   ASP A CB  1 
ATOM   31   C  CG  . ASP A 1 23  ? 0.736   1.945   -19.179 1.00 45.40 ?  2   ASP A CG  1 
ATOM   32   O  OD1 . ASP A 1 23  ? 1.869   1.854   -18.659 1.00 41.31 ?  2   ASP A OD1 1 
ATOM   33   O  OD2 . ASP A 1 23  ? 0.513   1.700   -20.386 1.00 47.16 ?  2   ASP A OD2 1 
ATOM   34   N  N   . ALA A 1 24  ? -2.296  2.408   -15.698 1.00 26.58 ?  3   ALA A N   1 
ATOM   35   C  CA  . ALA A 1 24  ? -3.429  3.063   -15.050 1.00 28.91 ?  3   ALA A CA  1 
ATOM   36   C  C   . ALA A 1 24  ? -3.100  3.564   -13.650 1.00 22.61 ?  3   ALA A C   1 
ATOM   37   O  O   . ALA A 1 24  ? -3.849  4.390   -13.111 1.00 23.32 ?  3   ALA A O   1 
ATOM   38   C  CB  . ALA A 1 24  ? -4.618  2.105   -14.969 1.00 30.92 ?  3   ALA A CB  1 
ATOM   39   N  N   . PHE A 1 25  ? -1.996  3.102   -13.063 1.00 23.79 ?  4   PHE A N   1 
ATOM   40   C  CA  . PHE A 1 25  ? -1.607  3.505   -11.721 1.00 20.12 ?  4   PHE A CA  1 
ATOM   41   C  C   . PHE A 1 25  ? -0.517  4.564   -11.693 1.00 22.04 ?  4   PHE A C   1 
ATOM   42   O  O   . PHE A 1 25  ? -0.341  5.216   -10.659 1.00 21.86 ?  4   PHE A O   1 
ATOM   43   C  CB  . PHE A 1 25  ? -1.111  2.286   -10.931 1.00 20.72 ?  4   PHE A CB  1 
ATOM   44   C  CG  . PHE A 1 25  ? -2.152  1.224   -10.737 1.00 22.91 ?  4   PHE A CG  1 
ATOM   45   C  CD1 . PHE A 1 25  ? -3.156  1.390   -9.801  1.00 26.10 ?  4   PHE A CD1 1 
ATOM   46   C  CD2 . PHE A 1 25  ? -2.122  0.057   -11.476 1.00 27.00 ?  4   PHE A CD2 1 
ATOM   47   C  CE1 . PHE A 1 25  ? -4.124  0.415   -9.615  1.00 26.08 ?  4   PHE A CE1 1 
ATOM   48   C  CE2 . PHE A 1 25  ? -3.090  -0.928  -11.296 1.00 26.21 ?  4   PHE A CE2 1 
ATOM   49   C  CZ  . PHE A 1 25  ? -4.096  -0.741  -10.359 1.00 23.99 ?  4   PHE A CZ  1 
ATOM   50   N  N   . VAL A 1 26  ? 0.227   4.732   -12.789 1.00 23.00 ?  5   VAL A N   1 
ATOM   51   C  CA  . VAL A 1 26  ? 1.375   5.628   -12.782 1.00 21.91 ?  5   VAL A CA  1 
ATOM   52   C  C   . VAL A 1 26  ? 0.939   7.060   -12.493 1.00 22.14 ?  5   VAL A C   1 
ATOM   53   O  O   . VAL A 1 26  ? -0.065  7.547   -13.025 1.00 23.03 ?  5   VAL A O   1 
ATOM   54   C  CB  . VAL A 1 26  ? 2.117   5.528   -14.125 1.00 21.54 ?  5   VAL A CB  1 
ATOM   55   C  CG1 . VAL A 1 26  ? 3.161   6.618   -14.232 1.00 25.70 ?  5   VAL A CG1 1 
ATOM   56   C  CG2 . VAL A 1 26  ? 2.755   4.162   -14.258 1.00 22.86 ?  5   VAL A CG2 1 
ATOM   57   N  N   . GLY A 1 27  ? 1.691   7.733   -11.632 1.00 22.52 ?  6   GLY A N   1 
ATOM   58   C  CA  . GLY A 1 27  ? 1.507   9.141   -11.383 1.00 24.20 ?  6   GLY A CA  1 
ATOM   59   C  C   . GLY A 1 27  ? 1.579   9.450   -9.904  1.00 23.38 ?  6   GLY A C   1 
ATOM   60   O  O   . GLY A 1 27  ? 2.052   8.646   -9.098  1.00 22.88 ?  6   GLY A O   1 
ATOM   61   N  N   . THR A 1 28  ? 1.090   10.638  -9.560  1.00 21.78 ?  7   THR A N   1 
ATOM   62   C  CA  . THR A 1 28  ? 1.118   11.143  -8.197  1.00 23.85 ?  7   THR A CA  1 
ATOM   63   C  C   . THR A 1 28  ? -0.300  11.209  -7.651  1.00 25.75 ?  7   THR A C   1 
ATOM   64   O  O   . THR A 1 28  ? -1.205  11.742  -8.306  1.00 24.52 ?  7   THR A O   1 
ATOM   65   C  CB  . THR A 1 28  ? 1.767   12.522  -8.145  1.00 26.08 ?  7   THR A CB  1 
ATOM   66   O  OG1 . THR A 1 28  ? 1.112   13.387  -9.088  1.00 36.16 ?  7   THR A OG1 1 
ATOM   67   C  CG2 . THR A 1 28  ? 3.236   12.419  -8.494  1.00 26.44 ?  7   THR A CG2 1 
ATOM   68   N  N   . TRP A 1 29  ? -0.482  10.672  -6.452  1.00 21.52 ?  8   TRP A N   1 
ATOM   69   C  CA  . TRP A 1 29  ? -1.785  10.501  -5.831  1.00 20.84 ?  8   TRP A CA  1 
ATOM   70   C  C   . TRP A 1 29  ? -1.720  11.048  -4.417  1.00 22.26 ?  8   TRP A C   1 
ATOM   71   O  O   . TRP A 1 29  ? -0.650  11.066  -3.807  1.00 22.59 ?  8   TRP A O   1 
ATOM   72   C  CB  . TRP A 1 29  ? -2.184  9.019   -5.780  1.00 23.30 ?  8   TRP A CB  1 
ATOM   73   C  CG  . TRP A 1 29  ? -2.169  8.330   -7.118  1.00 22.43 ?  8   TRP A CG  1 
ATOM   74   C  CD1 . TRP A 1 29  ? -1.101  7.733   -7.727  1.00 21.44 ?  8   TRP A CD1 1 
ATOM   75   C  CD2 . TRP A 1 29  ? -3.284  8.145   -7.982  1.00 19.45 ?  8   TRP A CD2 1 
ATOM   76   N  NE1 . TRP A 1 29  ? -1.481  7.204   -8.943  1.00 21.37 ?  8   TRP A NE1 1 
ATOM   77   C  CE2 . TRP A 1 29  ? -2.817  7.449   -9.127  1.00 19.85 ?  8   TRP A CE2 1 
ATOM   78   C  CE3 . TRP A 1 29  ? -4.632  8.529   -7.922  1.00 22.10 ?  8   TRP A CE3 1 
ATOM   79   C  CZ2 . TRP A 1 29  ? -3.657  7.095   -10.176 1.00 21.55 ?  8   TRP A CZ2 1 
ATOM   80   C  CZ3 . TRP A 1 29  ? -5.462  8.193   -8.978  1.00 23.00 ?  8   TRP A CZ3 1 
ATOM   81   C  CH2 . TRP A 1 29  ? -4.973  7.482   -10.090 1.00 22.53 ?  8   TRP A CH2 1 
ATOM   82   N  N   . LYS A 1 30  ? -2.873  11.492  -3.905  1.00 20.38 ?  9   LYS A N   1 
ATOM   83   C  CA  . LYS A 1 30  ? -2.980  11.987  -2.535  1.00 22.07 ?  9   LYS A CA  1 
ATOM   84   C  C   . LYS A 1 30  ? -4.177  11.351  -1.841  1.00 20.38 ?  9   LYS A C   1 
ATOM   85   O  O   . LYS A 1 30  ? -5.233  11.161  -2.450  1.00 22.02 ?  9   LYS A O   1 
ATOM   86   C  CB  . LYS A 1 30  ? -3.122  13.514  -2.511  1.00 27.61 ?  9   LYS A CB  1 
ATOM   87   C  CG  . LYS A 1 30  ? -4.321  14.017  -3.299  1.00 32.13 ?  9   LYS A CG  1 
ATOM   88   C  CD  . LYS A 1 30  ? -4.532  15.504  -3.102  1.00 41.80 ?  9   LYS A CD  1 
ATOM   89   C  CE  . LYS A 1 30  ? -5.543  16.059  -4.088  1.00 42.90 ?  9   LYS A CE  1 
ATOM   90   N  NZ  . LYS A 1 30  ? -5.346  17.523  -4.278  1.00 51.36 ?  9   LYS A NZ  1 
ATOM   91   N  N   . LEU A 1 31  ? -4.008  11.030  -0.559  1.00 21.31 ?  10  LEU A N   1 
ATOM   92   C  CA  . LEU A 1 31  ? -5.090  10.429  0.214   1.00 20.04 ?  10  LEU A CA  1 
ATOM   93   C  C   . LEU A 1 31  ? -6.242  11.411  0.388   1.00 24.36 ?  10  LEU A C   1 
ATOM   94   O  O   . LEU A 1 31  ? -6.037  12.563  0.781   1.00 29.38 ?  10  LEU A O   1 
ATOM   95   C  CB  . LEU A 1 31  ? -4.574  10.002  1.585   1.00 22.21 ?  10  LEU A CB  1 
ATOM   96   C  CG  . LEU A 1 31  ? -5.559  9.252   2.471   1.00 23.03 ?  10  LEU A CG  1 
ATOM   97   C  CD1 . LEU A 1 31  ? -5.741  7.845   1.965   1.00 21.51 ?  10  LEU A CD1 1 
ATOM   98   C  CD2 . LEU A 1 31  ? -5.027  9.241   3.907   1.00 25.97 ?  10  LEU A CD2 1 
ATOM   99   N  N   . VAL A 1 32  ? -7.457  10.961  0.097   1.00 22.91 ?  11  VAL A N   1 
ATOM   100  C  CA  . VAL A 1 32  ? -8.629  11.805  0.292   1.00 23.20 ?  11  VAL A CA  1 
ATOM   101  C  C   . VAL A 1 32  ? -9.634  11.219  1.271   1.00 31.25 ?  11  VAL A C   1 
ATOM   102  O  O   . VAL A 1 32  ? -10.481 11.971  1.784   1.00 29.91 ?  11  VAL A O   1 
ATOM   103  C  CB  . VAL A 1 32  ? -9.324  12.143  -1.044  1.00 27.43 ?  11  VAL A CB  1 
ATOM   104  C  CG1 . VAL A 1 32  ? -8.408  12.974  -1.911  1.00 28.45 ?  11  VAL A CG1 1 
ATOM   105  C  CG2 . VAL A 1 32  ? -9.788  10.889  -1.771  1.00 25.98 ?  11  VAL A CG2 1 
ATOM   106  N  N   . SER A 1 33  ? -9.580  9.930   1.578   1.00 29.77 ?  12  SER A N   1 
ATOM   107  C  CA  . SER A 1 33  ? -10.493 9.389   2.573   1.00 30.28 ?  12  SER A CA  1 
ATOM   108  C  C   . SER A 1 33  ? -9.961  8.059   3.079   1.00 28.70 ?  12  SER A C   1 
ATOM   109  O  O   . SER A 1 33  ? -9.206  7.369   2.392   1.00 26.23 ?  12  SER A O   1 
ATOM   110  C  CB  . SER A 1 33  ? -11.914 9.219   2.020   1.00 38.15 ?  12  SER A CB  1 
ATOM   111  O  OG  . SER A 1 33  ? -11.984 8.164   1.084   1.00 36.51 ?  12  SER A OG  1 
ATOM   112  N  N   . SER A 1 34  ? -10.367 7.716   4.296   1.00 29.89 ?  13  SER A N   1 
ATOM   113  C  CA  . SER A 1 34  ? -9.886  6.523   4.966   1.00 26.05 ?  13  SER A CA  1 
ATOM   114  C  C   . SER A 1 34  ? -11.011 5.936   5.802   1.00 34.81 ?  13  SER A C   1 
ATOM   115  O  O   . SER A 1 34  ? -11.712 6.670   6.497   1.00 31.47 ?  13  SER A O   1 
ATOM   116  C  CB  . SER A 1 34  ? -8.674  6.854   5.843   1.00 26.87 ?  13  SER A CB  1 
ATOM   117  O  OG  . SER A 1 34  ? -8.192  5.702   6.497   1.00 30.00 ?  13  SER A OG  1 
ATOM   118  N  N   . GLU A 1 35  ? -11.192 4.619   5.730   1.00 26.38 ?  14  GLU A N   1 
ATOM   119  C  CA  . GLU A 1 35  ? -12.217 3.935   6.509   1.00 29.01 ?  14  GLU A CA  1 
ATOM   120  C  C   . GLU A 1 35  ? -11.600 2.757   7.245   1.00 28.76 ?  14  GLU A C   1 
ATOM   121  O  O   . GLU A 1 35  ? -10.926 1.920   6.635   1.00 28.31 ?  14  GLU A O   1 
ATOM   122  C  CB  . GLU A 1 35  ? -13.366 3.449   5.622   1.00 29.54 ?  14  GLU A CB  1 
ATOM   123  N  N   . ASN A 1 36  ? -11.822 2.700   8.561   1.00 27.15 ?  15  ASN A N   1 
ATOM   124  C  CA  . ASN A 1 36  ? -11.458 1.546   9.383   1.00 28.19 ?  15  ASN A CA  1 
ATOM   125  C  C   . ASN A 1 36  ? -9.950  1.330   9.441   1.00 27.88 ?  15  ASN A C   1 
ATOM   126  O  O   . ASN A 1 36  ? -9.483  0.216   9.691   1.00 26.22 ?  15  ASN A O   1 
ATOM   127  C  CB  . ASN A 1 36  ? -12.164 0.281   8.889   1.00 30.39 ?  15  ASN A CB  1 
ATOM   128  C  CG  . ASN A 1 36  ? -12.416 -0.711  9.991   1.00 43.00 ?  15  ASN A CG  1 
ATOM   129  O  OD1 . ASN A 1 36  ? -12.656 -0.334  11.138  1.00 51.80 ?  15  ASN A OD1 1 
ATOM   130  N  ND2 . ASN A 1 36  ? -12.364 -1.994  9.655   1.00 45.52 ?  15  ASN A ND2 1 
ATOM   131  N  N   . PHE A 1 37  ? -9.172  2.395   9.241   1.00 23.10 ?  16  PHE A N   1 
ATOM   132  C  CA  . PHE A 1 37  ? -7.725  2.225   9.177   1.00 24.36 ?  16  PHE A CA  1 
ATOM   133  C  C   . PHE A 1 37  ? -7.136  1.952   10.552  1.00 26.27 ?  16  PHE A C   1 
ATOM   134  O  O   . PHE A 1 37  ? -6.162  1.200   10.668  1.00 26.05 ?  16  PHE A O   1 
ATOM   135  C  CB  . PHE A 1 37  ? -7.066  3.457   8.548   1.00 26.49 ?  16  PHE A CB  1 
ATOM   136  C  CG  . PHE A 1 37  ? -5.617  3.251   8.175   1.00 27.60 ?  16  PHE A CG  1 
ATOM   137  C  CD1 . PHE A 1 37  ? -5.251  2.258   7.286   1.00 26.96 ?  16  PHE A CD1 1 
ATOM   138  C  CD2 . PHE A 1 37  ? -4.626  4.077   8.696   1.00 25.64 ?  16  PHE A CD2 1 
ATOM   139  C  CE1 . PHE A 1 37  ? -3.914  2.069   6.948   1.00 28.70 ?  16  PHE A CE1 1 
ATOM   140  C  CE2 . PHE A 1 37  ? -3.307  3.912   8.344   1.00 24.59 ?  16  PHE A CE2 1 
ATOM   141  C  CZ  . PHE A 1 37  ? -2.944  2.899   7.492   1.00 23.56 ?  16  PHE A CZ  1 
ATOM   142  N  N   . ASP A 1 38  ? -7.713  2.536   11.603  1.00 24.63 ?  17  ASP A N   1 
ATOM   143  C  CA  . ASP A 1 38  ? -7.196  2.262   12.939  1.00 24.79 ?  17  ASP A CA  1 
ATOM   144  C  C   . ASP A 1 38  ? -7.337  0.786   13.287  1.00 25.74 ?  17  ASP A C   1 
ATOM   145  O  O   . ASP A 1 38  ? -6.399  0.177   13.812  1.00 25.84 ?  17  ASP A O   1 
ATOM   146  C  CB  . ASP A 1 38  ? -7.905  3.133   13.974  1.00 29.80 ?  17  ASP A CB  1 
ATOM   147  C  CG  . ASP A 1 38  ? -7.251  3.041   15.344  1.00 38.39 ?  17  ASP A CG  1 
ATOM   148  O  OD1 . ASP A 1 38  ? -6.056  3.404   15.452  1.00 32.34 ?  17  ASP A OD1 1 
ATOM   149  O  OD2 . ASP A 1 38  ? -7.922  2.597   16.307  1.00 45.03 ?  17  ASP A OD2 1 
ATOM   150  N  N   . ASP A 1 39  ? -8.500  0.194   12.992  1.00 28.46 ?  18  ASP A N   1 
ATOM   151  C  CA  . ASP A 1 39  ? -8.705  -1.224  13.278  1.00 29.13 ?  18  ASP A CA  1 
ATOM   152  C  C   . ASP A 1 39  ? -7.744  -2.096  12.481  1.00 26.94 ?  18  ASP A C   1 
ATOM   153  O  O   . ASP A 1 39  ? -7.202  -3.080  13.000  1.00 27.65 ?  18  ASP A O   1 
ATOM   154  C  CB  . ASP A 1 39  ? -10.153 -1.617  12.978  1.00 33.00 ?  18  ASP A CB  1 
ATOM   155  C  CG  . ASP A 1 39  ? -11.120 -1.182  14.071  1.00 48.16 ?  18  ASP A CG  1 
ATOM   156  O  OD1 . ASP A 1 39  ? -10.651 -0.700  15.123  1.00 49.04 ?  18  ASP A OD1 1 
ATOM   157  O  OD2 . ASP A 1 39  ? -12.348 -1.321  13.877  1.00 60.22 ?  18  ASP A OD2 1 
ATOM   158  N  N   . TYR A 1 40  ? -7.522  -1.753  11.209  1.00 24.33 ?  19  TYR A N   1 
ATOM   159  C  CA  . TYR A 1 40  ? -6.565  -2.500  10.406  1.00 22.75 ?  19  TYR A CA  1 
ATOM   160  C  C   . TYR A 1 40  ? -5.179  -2.454  11.035  1.00 23.41 ?  19  TYR A C   1 
ATOM   161  O  O   . TYR A 1 40  ? -4.525  -3.489  11.201  1.00 23.87 ?  19  TYR A O   1 
ATOM   162  C  CB  . TYR A 1 40  ? -6.530  -1.953  8.967   1.00 23.54 ?  19  TYR A CB  1 
ATOM   163  C  CG  . TYR A 1 40  ? -5.413  -2.557  8.158   1.00 26.87 ?  19  TYR A CG  1 
ATOM   164  C  CD1 . TYR A 1 40  ? -5.518  -3.845  7.641   1.00 23.37 ?  19  TYR A CD1 1 
ATOM   165  C  CD2 . TYR A 1 40  ? -4.241  -1.849  7.908   1.00 25.79 ?  19  TYR A CD2 1 
ATOM   166  C  CE1 . TYR A 1 40  ? -4.498  -4.405  6.932   1.00 26.76 ?  19  TYR A CE1 1 
ATOM   167  C  CE2 . TYR A 1 40  ? -3.208  -2.414  7.182   1.00 23.51 ?  19  TYR A CE2 1 
ATOM   168  C  CZ  . TYR A 1 40  ? -3.348  -3.690  6.693   1.00 24.93 ?  19  TYR A CZ  1 
ATOM   169  O  OH  . TYR A 1 40  ? -2.338  -4.273  5.979   1.00 27.82 ?  19  TYR A OH  1 
ATOM   170  N  N   . MET A 1 41  ? -4.714  -1.256  11.398  1.00 24.63 ?  20  MET A N   1 
ATOM   171  C  CA  . MET A 1 41  ? -3.396  -1.139  12.006  1.00 24.94 ?  20  MET A CA  1 
ATOM   172  C  C   . MET A 1 41  ? -3.324  -1.935  13.305  1.00 25.86 ?  20  MET A C   1 
ATOM   173  O  O   . MET A 1 41  ? -2.306  -2.574  13.587  1.00 27.19 ?  20  MET A O   1 
ATOM   174  C  CB  . MET A 1 41  ? -3.056  0.331   12.255  1.00 24.55 ?  20  MET A CB  1 
ATOM   175  C  CG  . MET A 1 41  ? -2.632  1.100   10.992  1.00 25.34 ?  20  MET A CG  1 
ATOM   176  S  SD  . MET A 1 41  ? -1.939  2.721   11.389  1.00 27.04 ?  20  MET A SD  1 
ATOM   177  C  CE  . MET A 1 41  ? -3.403  3.582   11.949  1.00 25.83 ?  20  MET A CE  1 
ATOM   178  N  N   . LYS A 1 42  ? -4.403  -1.930  14.089  1.00 26.43 ?  21  LYS A N   1 
ATOM   179  C  CA  . LYS A 1 42  ? -4.435  -2.722  15.322  1.00 25.04 ?  21  LYS A CA  1 
ATOM   180  C  C   . LYS A 1 42  ? -4.247  -4.196  15.019  1.00 30.48 ?  21  LYS A C   1 
ATOM   181  O  O   . LYS A 1 42  ? -3.449  -4.886  15.666  1.00 29.79 ?  21  LYS A O   1 
ATOM   182  C  CB  . LYS A 1 42  ? -5.762  -2.521  16.051  1.00 28.70 ?  21  LYS A CB  1 
ATOM   183  C  CG  . LYS A 1 42  ? -5.823  -1.320  16.961  1.00 41.95 ?  21  LYS A CG  1 
ATOM   184  C  CD  . LYS A 1 42  ? -6.807  -1.551  18.101  1.00 41.70 ?  21  LYS A CD  1 
ATOM   185  C  CE  . LYS A 1 42  ? -8.243  -1.353  17.669  1.00 41.81 ?  21  LYS A CE  1 
ATOM   186  N  NZ  . LYS A 1 42  ? -8.517  0.077   17.353  1.00 56.83 ?  21  LYS A NZ  1 
ATOM   187  N  N   . GLU A 1 43  ? -4.989  -4.694  14.029  1.00 30.97 ?  22  GLU A N   1 
ATOM   188  C  CA  . GLU A 1 43  ? -4.908  -6.102  13.666  1.00 29.14 ?  22  GLU A CA  1 
ATOM   189  C  C   . GLU A 1 43  ? -3.513  -6.458  13.177  1.00 32.78 ?  22  GLU A C   1 
ATOM   190  O  O   . GLU A 1 43  ? -3.013  -7.555  13.442  1.00 31.34 ?  22  GLU A O   1 
ATOM   191  C  CB  . GLU A 1 43  ? -5.965  -6.409  12.605  1.00 36.77 ?  22  GLU A CB  1 
ATOM   192  C  CG  . GLU A 1 43  ? -6.413  -7.857  12.565  1.00 45.84 ?  22  GLU A CG  1 
ATOM   193  C  CD  . GLU A 1 43  ? -7.115  -8.303  13.834  1.00 47.78 ?  22  GLU A CD  1 
ATOM   194  O  OE1 . GLU A 1 43  ? -7.740  -7.459  14.519  1.00 43.59 ?  22  GLU A OE1 1 
ATOM   195  O  OE2 . GLU A 1 43  ? -7.044  -9.509  14.142  1.00 57.40 ?  22  GLU A OE2 1 
ATOM   196  N  N   . VAL A 1 44  ? -2.862  -5.532  12.473  1.00 31.44 ?  23  VAL A N   1 
ATOM   197  C  CA  . VAL A 1 44  ? -1.504  -5.750  12.008  1.00 30.68 ?  23  VAL A CA  1 
ATOM   198  C  C   . VAL A 1 44  ? -0.509  -5.761  13.164  1.00 27.55 ?  23  VAL A C   1 
ATOM   199  O  O   . VAL A 1 44  ? 0.559   -6.374  13.059  1.00 32.72 ?  23  VAL A O   1 
ATOM   200  C  CB  . VAL A 1 44  ? -1.181  -4.679  10.948  1.00 30.35 ?  23  VAL A CB  1 
ATOM   201  C  CG1 . VAL A 1 44  ? 0.289   -4.588  10.696  1.00 27.29 ?  23  VAL A CG1 1 
ATOM   202  C  CG2 . VAL A 1 44  ? -1.899  -5.027  9.668   1.00 29.25 ?  23  VAL A CG2 1 
ATOM   203  N  N   . GLY A 1 45  ? -0.845  -5.125  14.280  1.00 31.62 ?  24  GLY A N   1 
ATOM   204  C  CA  . GLY A 1 45  ? 0.019   -5.109  15.440  1.00 30.43 ?  24  GLY A CA  1 
ATOM   205  C  C   . GLY A 1 45  ? 0.678   -3.784  15.733  1.00 33.66 ?  24  GLY A C   1 
ATOM   206  O  O   . GLY A 1 45  ? 1.608   -3.743  16.549  1.00 27.22 ?  24  GLY A O   1 
ATOM   207  N  N   . VAL A 1 46  ? 0.221   -2.700  15.107  1.00 27.04 ?  25  VAL A N   1 
ATOM   208  C  CA  . VAL A 1 46  ? 0.800   -1.385  15.337  1.00 24.41 ?  25  VAL A CA  1 
ATOM   209  C  C   . VAL A 1 46  ? 0.446   -0.913  16.741  1.00 26.28 ?  25  VAL A C   1 
ATOM   210  O  O   . VAL A 1 46  ? -0.721  -0.976  17.157  1.00 25.00 ?  25  VAL A O   1 
ATOM   211  C  CB  . VAL A 1 46  ? 0.294   -0.392  14.282  1.00 24.17 ?  25  VAL A CB  1 
ATOM   212  C  CG1 . VAL A 1 46  ? 1.034   0.920   14.405  1.00 25.62 ?  25  VAL A CG1 1 
ATOM   213  C  CG2 . VAL A 1 46  ? 0.452   -0.988  12.875  1.00 24.85 ?  25  VAL A CG2 1 
ATOM   214  N  N   . GLY A 1 47  ? 1.456   -0.405  17.471  1.00 31.20 ?  26  GLY A N   1 
ATOM   215  C  CA  . GLY A 1 47  ? 1.247   0.104   18.814  1.00 28.10 ?  26  GLY A CA  1 
ATOM   216  C  C   . GLY A 1 47  ? 0.518   1.444   18.849  1.00 29.41 ?  26  GLY A C   1 
ATOM   217  O  O   . GLY A 1 47  ? 0.392   2.146   17.845  1.00 27.32 ?  26  GLY A O   1 
ATOM   218  N  N   . PHE A 1 48  ? 0.055   1.794   20.057  1.00 27.40 ?  27  PHE A N   1 
ATOM   219  C  CA  . PHE A 1 48  ? -0.814  2.953   20.249  1.00 23.87 ?  27  PHE A CA  1 
ATOM   220  C  C   . PHE A 1 48  ? -0.226  4.231   19.657  1.00 25.33 ?  27  PHE A C   1 
ATOM   221  O  O   . PHE A 1 48  ? -0.888  4.926   18.880  1.00 26.82 ?  27  PHE A O   1 
ATOM   222  C  CB  . PHE A 1 48  ? -1.106  3.146   21.747  1.00 24.60 ?  27  PHE A CB  1 
ATOM   223  C  CG  . PHE A 1 48  ? -1.930  4.378   22.048  1.00 23.85 ?  27  PHE A CG  1 
ATOM   224  C  CD1 . PHE A 1 48  ? -3.312  4.327   22.024  1.00 25.72 ?  27  PHE A CD1 1 
ATOM   225  C  CD2 . PHE A 1 48  ? -1.314  5.586   22.340  1.00 26.62 ?  27  PHE A CD2 1 
ATOM   226  C  CE1 . PHE A 1 48  ? -4.071  5.463   22.285  1.00 29.18 ?  27  PHE A CE1 1 
ATOM   227  C  CE2 . PHE A 1 48  ? -2.066  6.726   22.600  1.00 25.95 ?  27  PHE A CE2 1 
ATOM   228  C  CZ  . PHE A 1 48  ? -3.448  6.665   22.569  1.00 29.81 ?  27  PHE A CZ  1 
ATOM   229  N  N   . ALA A 1 49  ? 0.998   4.586   20.046  1.00 24.36 ?  28  ALA A N   1 
ATOM   230  C  CA  . ALA A 1 49  ? 1.540   5.878   19.640  1.00 23.05 ?  28  ALA A CA  1 
ATOM   231  C  C   . ALA A 1 49  ? 1.703   5.954   18.129  1.00 23.67 ?  28  ALA A C   1 
ATOM   232  O  O   . ALA A 1 49  ? 1.377   6.979   17.514  1.00 26.66 ?  28  ALA A O   1 
ATOM   233  C  CB  . ALA A 1 49  ? 2.872   6.140   20.334  1.00 30.97 ?  28  ALA A CB  1 
ATOM   234  N  N   . THR A 1 50  ? 2.203   4.876   17.514  1.00 25.36 ?  29  THR A N   1 
ATOM   235  C  CA  . THR A 1 50  ? 2.353   4.862   16.062  1.00 21.55 ?  29  THR A CA  1 
ATOM   236  C  C   . THR A 1 50  ? 1.001   4.901   15.364  1.00 25.86 ?  29  THR A C   1 
ATOM   237  O  O   . THR A 1 50  ? 0.856   5.580   14.345  1.00 26.66 ?  29  THR A O   1 
ATOM   238  C  CB  . THR A 1 50  ? 3.158   3.638   15.616  1.00 23.04 ?  29  THR A CB  1 
ATOM   239  O  OG1 . THR A 1 50  ? 4.425   3.638   16.284  1.00 29.97 ?  29  THR A OG1 1 
ATOM   240  C  CG2 . THR A 1 50  ? 3.399   3.667   14.125  1.00 29.16 ?  29  THR A CG2 1 
ATOM   241  N  N   . ARG A 1 51  ? -0.008  4.198   15.892  1.00 24.45 ?  30  ARG A N   1 
ATOM   242  C  CA  . ARG A 1 51  ? -1.336  4.293   15.275  1.00 25.77 ?  30  ARG A CA  1 
ATOM   243  C  C   . ARG A 1 51  ? -1.858  5.725   15.297  1.00 24.62 ?  30  ARG A C   1 
ATOM   244  O  O   . ARG A 1 51  ? -2.444  6.202   14.312  1.00 25.24 ?  30  ARG A O   1 
ATOM   245  C  CB  . ARG A 1 51  ? -2.345  3.373   15.970  1.00 26.54 ?  30  ARG A CB  1 
ATOM   246  C  CG  . ARG A 1 51  ? -2.151  1.905   15.719  1.00 27.48 ?  30  ARG A CG  1 
ATOM   247  C  CD  . ARG A 1 51  ? -3.448  1.143   15.925  1.00 27.56 ?  30  ARG A CD  1 
ATOM   248  N  NE  . ARG A 1 51  ? -4.179  1.610   17.103  1.00 27.91 ?  30  ARG A NE  1 
ATOM   249  C  CZ  . ARG A 1 51  ? -3.912  1.236   18.350  1.00 32.01 ?  30  ARG A CZ  1 
ATOM   250  N  NH1 . ARG A 1 51  ? -2.920  0.388   18.595  1.00 28.84 ?  30  ARG A NH1 1 
ATOM   251  N  NH2 . ARG A 1 51  ? -4.646  1.717   19.349  1.00 30.08 ?  30  ARG A NH2 1 
ATOM   252  N  N   . LYS A 1 52  ? -1.669  6.429   16.412  1.00 24.21 ?  31  LYS A N   1 
ATOM   253  C  CA  . LYS A 1 52  ? -2.200  7.785   16.498  1.00 24.14 ?  31  LYS A CA  1 
ATOM   254  C  C   . LYS A 1 52  ? -1.500  8.714   15.518  1.00 25.64 ?  31  LYS A C   1 
ATOM   255  O  O   . LYS A 1 52  ? -2.156  9.505   14.824  1.00 28.53 ?  31  LYS A O   1 
ATOM   256  C  CB  . LYS A 1 52  ? -2.066  8.309   17.931  1.00 25.28 ?  31  LYS A CB  1 
ATOM   257  C  CG  . LYS A 1 52  ? -2.976  7.597   18.914  1.00 26.73 ?  31  LYS A CG  1 
ATOM   258  C  CD  . LYS A 1 52  ? -4.410  8.035   18.695  1.00 33.57 ?  31  LYS A CD  1 
ATOM   259  C  CE  . LYS A 1 52  ? -5.327  7.561   19.812  1.00 46.08 ?  31  LYS A CE  1 
ATOM   260  N  NZ  . LYS A 1 52  ? -6.349  6.588   19.329  1.00 59.23 ?  31  LYS A NZ  1 
ATOM   261  N  N   . VAL A 1 53  ? -0.172  8.641   15.457  1.00 23.68 ?  32  VAL A N   1 
ATOM   262  C  CA  . VAL A 1 53  ? 0.574   9.540   14.583  1.00 24.42 ?  32  VAL A CA  1 
ATOM   263  C  C   . VAL A 1 53  ? 0.368   9.152   13.124  1.00 26.73 ?  32  VAL A C   1 
ATOM   264  O  O   . VAL A 1 53  ? 0.159   10.016  12.266  1.00 26.23 ?  32  VAL A O   1 
ATOM   265  C  CB  . VAL A 1 53  ? 2.062   9.548   14.980  1.00 24.97 ?  32  VAL A CB  1 
ATOM   266  C  CG1 . VAL A 1 53  ? 2.910   10.209  13.898  1.00 36.73 ?  32  VAL A CG1 1 
ATOM   267  C  CG2 . VAL A 1 53  ? 2.238   10.275  16.305  1.00 29.14 ?  32  VAL A CG2 1 
ATOM   268  N  N   . ALA A 1 54  ? 0.401   7.850   12.820  1.00 27.42 ?  33  ALA A N   1 
ATOM   269  C  CA  . ALA A 1 54  ? 0.193   7.408   11.443  1.00 27.09 ?  33  ALA A CA  1 
ATOM   270  C  C   . ALA A 1 54  ? -1.233  7.679   10.975  1.00 26.31 ?  33  ALA A C   1 
ATOM   271  O  O   . ALA A 1 54  ? -1.461  7.992   9.797   1.00 24.46 ?  33  ALA A O   1 
ATOM   272  C  CB  . ALA A 1 54  ? 0.523   5.925   11.315  1.00 24.13 ?  33  ALA A CB  1 
ATOM   273  N  N   . GLY A 1 55  ? -2.206  7.559   11.878  1.00 27.33 ?  34  GLY A N   1 
ATOM   274  C  CA  . GLY A 1 55  ? -3.591  7.836   11.530  1.00 25.52 ?  34  GLY A CA  1 
ATOM   275  C  C   . GLY A 1 55  ? -3.852  9.273   11.134  1.00 25.65 ?  34  GLY A C   1 
ATOM   276  O  O   . GLY A 1 55  ? -4.799  9.540   10.387  1.00 26.44 ?  34  GLY A O   1 
ATOM   277  N  N   . MET A 1 56  ? -3.029  10.206  11.602  1.00 23.47 ?  35  MET A N   1 
ATOM   278  C  CA  . MET A 1 56  ? -3.149  11.605  11.212  1.00 23.45 ?  35  MET A CA  1 
ATOM   279  C  C   . MET A 1 56  ? -2.598  11.880  9.821   1.00 24.07 ?  35  MET A C   1 
ATOM   280  O  O   . MET A 1 56  ? -3.006  12.863  9.188   1.00 26.49 ?  35  MET A O   1 
ATOM   281  C  CB  . MET A 1 56  ? -2.409  12.486  12.219  1.00 25.29 ?  35  MET A CB  1 
ATOM   282  C  CG  . MET A 1 56  ? -3.041  12.503  13.597  1.00 24.83 ?  35  MET A CG  1 
ATOM   283  S  SD  . MET A 1 56  ? -4.518  13.505  13.590  1.00 23.41 ?  35  MET A SD  1 
ATOM   284  C  CE  . MET A 1 56  ? -3.820  15.114  13.276  1.00 23.99 ?  35  MET A CE  1 
ATOM   285  N  N   . ALA A 1 57  ? -1.699  11.031  9.341   1.00 23.40 ?  36  ALA A N   1 
ATOM   286  C  CA  . ALA A 1 57  ? -0.962  11.307  8.117   1.00 25.19 ?  36  ALA A CA  1 
ATOM   287  C  C   . ALA A 1 57  ? -1.885  11.304  6.905   1.00 25.94 ?  36  ALA A C   1 
ATOM   288  O  O   . ALA A 1 57  ? -2.874  10.566  6.841   1.00 22.27 ?  36  ALA A O   1 
ATOM   289  C  CB  . ALA A 1 57  ? 0.156   10.277  7.942   1.00 23.46 ?  36  ALA A CB  1 
ATOM   290  N  N   . LYS A 1 58  ? -1.549  12.152  5.931   1.00 26.14 ?  37  LYS A N   1 
ATOM   291  C  CA  . LYS A 1 58  ? -2.230  12.203  4.641   1.00 23.42 ?  37  LYS A CA  1 
ATOM   292  C  C   . LYS A 1 58  ? -1.179  11.973  3.559   1.00 23.01 ?  37  LYS A C   1 
ATOM   293  O  O   . LYS A 1 58  ? -0.647  12.928  2.971   1.00 25.17 ?  37  LYS A O   1 
ATOM   294  C  CB  . LYS A 1 58  ? -2.968  13.524  4.467   1.00 30.90 ?  37  LYS A CB  1 
ATOM   295  C  CG  . LYS A 1 58  ? -4.144  13.609  5.392   1.00 36.67 ?  37  LYS A CG  1 
ATOM   296  C  CD  . LYS A 1 58  ? -4.823  14.939  5.349   1.00 46.90 ?  37  LYS A CD  1 
ATOM   297  C  CE  . LYS A 1 58  ? -5.786  15.009  6.505   1.00 49.44 ?  37  LYS A CE  1 
ATOM   298  N  NZ  . LYS A 1 58  ? -5.088  14.805  7.811   1.00 53.28 ?  37  LYS A NZ  1 
ATOM   299  N  N   . PRO A 1 59  ? -0.839  10.717  3.289   1.00 24.33 ?  38  PRO A N   1 
ATOM   300  C  CA  . PRO A 1 59  ? 0.328   10.438  2.450   1.00 21.07 ?  38  PRO A CA  1 
ATOM   301  C  C   . PRO A 1 59  ? 0.061   10.761  0.997   1.00 22.81 ?  38  PRO A C   1 
ATOM   302  O  O   . PRO A 1 59  ? -1.072  10.706  0.515   1.00 24.87 ?  38  PRO A O   1 
ATOM   303  C  CB  . PRO A 1 59  ? 0.555   8.935   2.627   1.00 21.82 ?  38  PRO A CB  1 
ATOM   304  C  CG  . PRO A 1 59  ? -0.287  8.532   3.796   1.00 30.20 ?  38  PRO A CG  1 
ATOM   305  C  CD  . PRO A 1 59  ? -1.427  9.490   3.850   1.00 25.11 ?  38  PRO A CD  1 
ATOM   306  N  N   . ASN A 1 60  ? 1.131   11.100  0.302   1.00 22.05 ?  39  ASN A N   1 
ATOM   307  C  CA  . ASN A 1 60  ? 1.142   11.067  -1.150  1.00 22.76 ?  39  ASN A CA  1 
ATOM   308  C  C   . ASN A 1 60  ? 1.674   9.712   -1.601  1.00 26.99 ?  39  ASN A C   1 
ATOM   309  O  O   . ASN A 1 60  ? 2.522   9.108   -0.946  1.00 27.65 ?  39  ASN A O   1 
ATOM   310  C  CB  . ASN A 1 60  ? 2.013   12.188  -1.706  1.00 24.91 ?  39  ASN A CB  1 
ATOM   311  C  CG  . ASN A 1 60  ? 1.456   13.562  -1.385  1.00 34.07 ?  39  ASN A CG  1 
ATOM   312  O  OD1 . ASN A 1 60  ? 0.242   13.770  -1.394  1.00 34.52 ?  39  ASN A OD1 1 
ATOM   313  N  ND2 . ASN A 1 60  ? 2.343   14.506  -1.094  1.00 42.04 ?  39  ASN A ND2 1 
ATOM   314  N  N   . MET A 1 61  ? 1.161   9.231   -2.728  1.00 21.91 ?  40  MET A N   1 
ATOM   315  C  CA  . MET A 1 61  ? 1.600   7.959   -3.282  1.00 20.23 ?  40  MET A CA  1 
ATOM   316  C  C   . MET A 1 61  ? 2.072   8.229   -4.696  1.00 21.12 ?  40  MET A C   1 
ATOM   317  O  O   . MET A 1 61  ? 1.306   8.748   -5.509  1.00 22.16 ?  40  MET A O   1 
ATOM   318  C  CB  . MET A 1 61  ? 0.476   6.929   -3.286  1.00 23.69 ?  40  MET A CB  1 
ATOM   319  C  CG  . MET A 1 61  ? 0.958   5.515   -3.626  1.00 25.16 ?  40  MET A CG  1 
ATOM   320  S  SD  . MET A 1 61  ? -0.409  4.431   -4.074  1.00 31.50 ?  40  MET A SD  1 
ATOM   321  C  CE  . MET A 1 61  ? -1.405  4.559   -2.597  1.00 28.84 ?  40  MET A CE  1 
ATOM   322  N  N   . ILE A 1 62  ? 3.326   7.893   -4.983  1.00 19.80 ?  41  ILE A N   1 
ATOM   323  C  CA  . ILE A 1 62  ? 3.940   8.173   -6.279  1.00 21.73 ?  41  ILE A CA  1 
ATOM   324  C  C   . ILE A 1 62  ? 4.325   6.842   -6.907  1.00 22.88 ?  41  ILE A C   1 
ATOM   325  O  O   . ILE A 1 62  ? 5.151   6.100   -6.357  1.00 22.63 ?  41  ILE A O   1 
ATOM   326  C  CB  . ILE A 1 62  ? 5.159   9.105   -6.159  1.00 22.80 ?  41  ILE A CB  1 
ATOM   327  C  CG1 . ILE A 1 62  ? 4.795   10.389  -5.391  1.00 24.36 ?  41  ILE A CG1 1 
ATOM   328  C  CG2 . ILE A 1 62  ? 5.679   9.466   -7.543  1.00 26.35 ?  41  ILE A CG2 1 
ATOM   329  C  CD1 . ILE A 1 62  ? 5.033   10.302  -3.882  1.00 29.39 ?  41  ILE A CD1 1 
ATOM   330  N  N   . ILE A 1 63  ? 3.733   6.540   -8.063  1.00 21.14 ?  42  ILE A N   1 
ATOM   331  C  CA  . ILE A 1 63  ? 3.914   5.251   -8.723  1.00 19.00 ?  42  ILE A CA  1 
ATOM   332  C  C   . ILE A 1 63  ? 4.578   5.510   -10.065 1.00 19.84 ?  42  ILE A C   1 
ATOM   333  O  O   . ILE A 1 63  ? 4.085   6.324   -10.854 1.00 19.82 ?  42  ILE A O   1 
ATOM   334  C  CB  . ILE A 1 63  ? 2.572   4.520   -8.897  1.00 19.40 ?  42  ILE A CB  1 
ATOM   335  C  CG1 . ILE A 1 63  ? 1.933   4.297   -7.517  1.00 22.44 ?  42  ILE A CG1 1 
ATOM   336  C  CG2 . ILE A 1 63  ? 2.768   3.203   -9.623  1.00 19.64 ?  42  ILE A CG2 1 
ATOM   337  C  CD1 . ILE A 1 63  ? 0.596   3.560   -7.547  1.00 24.31 ?  42  ILE A CD1 1 
ATOM   338  N  N   . SER A 1 64  ? 5.708   4.845   -10.313 1.00 20.65 ?  43  SER A N   1 
ATOM   339  C  CA  . SER A 1 64  ? 6.412   5.016   -11.577 1.00 21.07 ?  43  SER A CA  1 
ATOM   340  C  C   . SER A 1 64  ? 6.899   3.664   -12.082 1.00 22.52 ?  43  SER A C   1 
ATOM   341  O  O   . SER A 1 64  ? 7.014   2.691   -11.327 1.00 22.08 ?  43  SER A O   1 
ATOM   342  C  CB  . SER A 1 64  ? 7.589   5.995   -11.441 1.00 22.00 ?  43  SER A CB  1 
ATOM   343  O  OG  . SER A 1 64  ? 8.526   5.532   -10.490 1.00 28.10 ?  43  SER A OG  1 
ATOM   344  N  N   . VAL A 1 65  ? 7.176   3.605   -13.383 1.00 24.20 ?  44  VAL A N   1 
ATOM   345  C  CA  . VAL A 1 65  ? 7.617   2.373   -14.023 1.00 21.48 ?  44  VAL A CA  1 
ATOM   346  C  C   . VAL A 1 65  ? 8.818   2.681   -14.902 1.00 22.13 ?  44  VAL A C   1 
ATOM   347  O  O   . VAL A 1 65  ? 8.857   3.708   -15.589 1.00 25.10 ?  44  VAL A O   1 
ATOM   348  C  CB  . VAL A 1 65  ? 6.491   1.714   -14.849 1.00 23.98 ?  44  VAL A CB  1 
ATOM   349  C  CG1 . VAL A 1 65  ? 7.001   0.453   -15.552 1.00 33.89 ?  44  VAL A CG1 1 
ATOM   350  C  CG2 . VAL A 1 65  ? 5.307   1.372   -13.985 1.00 25.43 ?  44  VAL A CG2 1 
ATOM   351  N  N   . ASN A 1 66  ? 9.802   1.789   -14.875 1.00 21.31 ?  45  ASN A N   1 
ATOM   352  C  CA  . ASN A 1 66  ? 10.939  1.859   -15.787 1.00 22.22 ?  45  ASN A CA  1 
ATOM   353  C  C   . ASN A 1 66  ? 11.224  0.431   -16.230 1.00 23.25 ?  45  ASN A C   1 
ATOM   354  O  O   . ASN A 1 66  ? 11.716  -0.375  -15.439 1.00 22.54 ?  45  ASN A O   1 
ATOM   355  C  CB  . ASN A 1 66  ? 12.147  2.508   -15.099 1.00 21.58 ?  45  ASN A CB  1 
ATOM   356  C  CG  . ASN A 1 66  ? 13.367  2.617   -15.998 1.00 24.75 ?  45  ASN A CG  1 
ATOM   357  O  OD1 . ASN A 1 66  ? 13.602  1.770   -16.855 1.00 27.55 ?  45  ASN A OD1 1 
ATOM   358  N  ND2 . ASN A 1 66  ? 14.176  3.644   -15.770 1.00 22.43 ?  45  ASN A ND2 1 
ATOM   359  N  N   . GLY A 1 67  ? 10.910  0.109   -17.488 1.00 23.20 ?  46  GLY A N   1 
ATOM   360  C  CA  . GLY A 1 67  ? 11.068  -1.272  -17.912 1.00 25.71 ?  46  GLY A CA  1 
ATOM   361  C  C   . GLY A 1 67  ? 10.126  -2.162  -17.126 1.00 29.41 ?  46  GLY A C   1 
ATOM   362  O  O   . GLY A 1 67  ? 8.927   -1.887  -17.017 1.00 29.84 ?  46  GLY A O   1 
ATOM   363  N  N   . ASP A 1 68  ? 10.672  -3.237  -16.550 1.00 25.10 ?  47  ASP A N   1 
ATOM   364  C  CA  . ASP A 1 68  ? 9.902   -4.153  -15.717 1.00 26.47 ?  47  ASP A CA  1 
ATOM   365  C  C   . ASP A 1 68  ? 9.814   -3.717  -14.262 1.00 25.20 ?  47  ASP A C   1 
ATOM   366  O  O   . ASP A 1 68  ? 9.118   -4.375  -13.479 1.00 26.23 ?  47  ASP A O   1 
ATOM   367  C  CB  . ASP A 1 68  ? 10.517  -5.557  -15.750 1.00 30.05 ?  47  ASP A CB  1 
ATOM   368  C  CG  . ASP A 1 68  ? 10.414  -6.207  -17.107 1.00 42.36 ?  47  ASP A CG  1 
ATOM   369  O  OD1 . ASP A 1 68  ? 9.414   -5.955  -17.808 1.00 43.89 ?  47  ASP A OD1 1 
ATOM   370  O  OD2 . ASP A 1 68  ? 11.332  -6.975  -17.460 1.00 54.52 ?  47  ASP A OD2 1 
ATOM   371  N  N   . VAL A 1 69  ? 10.520  -2.663  -13.867 1.00 21.80 ?  48  VAL A N   1 
ATOM   372  C  CA  . VAL A 1 69  ? 10.622  -2.296  -12.456 1.00 18.85 ?  48  VAL A CA  1 
ATOM   373  C  C   . VAL A 1 69  ? 9.544   -1.269  -12.129 1.00 21.70 ?  48  VAL A C   1 
ATOM   374  O  O   . VAL A 1 69  ? 9.479   -0.202  -12.744 1.00 21.52 ?  48  VAL A O   1 
ATOM   375  C  CB  . VAL A 1 69  ? 12.018  -1.751  -12.117 1.00 22.22 ?  48  VAL A CB  1 
ATOM   376  C  CG1 . VAL A 1 69  ? 12.114  -1.457  -10.603 1.00 22.35 ?  48  VAL A CG1 1 
ATOM   377  C  CG2 . VAL A 1 69  ? 13.093  -2.752  -12.523 1.00 24.47 ?  48  VAL A CG2 1 
ATOM   378  N  N   . ILE A 1 70  ? 8.712   -1.577  -11.153 1.00 20.76 ?  49  ILE A N   1 
ATOM   379  C  CA  . ILE A 1 70  ? 7.704   -0.650  -10.647 1.00 21.26 ?  49  ILE A CA  1 
ATOM   380  C  C   . ILE A 1 70  ? 8.227   -0.084  -9.340  1.00 21.94 ?  49  ILE A C   1 
ATOM   381  O  O   . ILE A 1 70  ? 8.761   -0.827  -8.512  1.00 20.61 ?  49  ILE A O   1 
ATOM   382  C  CB  . ILE A 1 70  ? 6.351   -1.356  -10.424 1.00 21.32 ?  49  ILE A CB  1 
ATOM   383  C  CG1 . ILE A 1 70  ? 5.890   -2.032  -11.713 1.00 22.80 ?  49  ILE A CG1 1 
ATOM   384  C  CG2 . ILE A 1 70  ? 5.297   -0.381  -9.852  1.00 19.77 ?  49  ILE A CG2 1 
ATOM   385  C  CD1 . ILE A 1 70  ? 4.797   -3.050  -11.481 1.00 30.22 ?  49  ILE A CD1 1 
ATOM   386  N  N   . THR A 1 71  ? 8.082   1.225   -9.145  1.00 20.66 ?  50  THR A N   1 
ATOM   387  C  CA  . THR A 1 71  ? 8.462   1.866   -7.890  1.00 20.14 ?  50  THR A CA  1 
ATOM   388  C  C   . THR A 1 71  ? 7.236   2.532   -7.289  1.00 18.73 ?  50  THR A C   1 
ATOM   389  O  O   . THR A 1 71  ? 6.520   3.260   -7.979  1.00 18.89 ?  50  THR A O   1 
ATOM   390  C  CB  . THR A 1 71  ? 9.579   2.897   -8.107  1.00 25.65 ?  50  THR A CB  1 
ATOM   391  O  OG1 . THR A 1 71  ? 10.768  2.231   -8.573  1.00 26.91 ?  50  THR A OG1 1 
ATOM   392  C  CG2 . THR A 1 71  ? 9.894   3.644   -6.817  1.00 25.67 ?  50  THR A CG2 1 
ATOM   393  N  N   . ILE A 1 72  ? 6.987   2.273   -6.006  1.00 18.40 ?  51  ILE A N   1 
ATOM   394  C  CA  . ILE A 1 72  ? 5.899   2.921   -5.285  1.00 20.91 ?  51  ILE A CA  1 
ATOM   395  C  C   . ILE A 1 72  ? 6.515   3.662   -4.108  1.00 22.02 ?  51  ILE A C   1 
ATOM   396  O  O   . ILE A 1 72  ? 7.247   3.065   -3.309  1.00 22.32 ?  51  ILE A O   1 
ATOM   397  C  CB  . ILE A 1 72  ? 4.837   1.918   -4.812  1.00 21.48 ?  51  ILE A CB  1 
ATOM   398  C  CG1 . ILE A 1 72  ? 4.214   1.214   -6.019  1.00 21.77 ?  51  ILE A CG1 1 
ATOM   399  C  CG2 . ILE A 1 72  ? 3.767   2.633   -3.981  1.00 23.04 ?  51  ILE A CG2 1 
ATOM   400  C  CD1 . ILE A 1 72  ? 3.170   0.187   -5.656  1.00 23.80 ?  51  ILE A CD1 1 
ATOM   401  N  N   . LYS A 1 73  ? 6.270   4.967   -4.036  1.00 22.41 ?  52  LYS A N   1 
ATOM   402  C  CA  . LYS A 1 73  ? 6.709   5.777   -2.909  1.00 25.31 ?  52  LYS A CA  1 
ATOM   403  C  C   . LYS A 1 73  ? 5.496   6.245   -2.115  1.00 24.11 ?  52  LYS A C   1 
ATOM   404  O  O   . LYS A 1 73  ? 4.452   6.553   -2.691  1.00 22.73 ?  52  LYS A O   1 
ATOM   405  C  CB  . LYS A 1 73  ? 7.509   6.990   -3.381  1.00 24.47 ?  52  LYS A CB  1 
ATOM   406  C  CG  . LYS A 1 73  ? 8.751   6.663   -4.159  1.00 26.55 ?  52  LYS A CG  1 
ATOM   407  C  CD  . LYS A 1 73  ? 9.360   7.935   -4.743  1.00 32.08 ?  52  LYS A CD  1 
ATOM   408  C  CE  . LYS A 1 73  ? 10.588  7.624   -5.569  1.00 39.01 ?  52  LYS A CE  1 
ATOM   409  N  NZ  . LYS A 1 73  ? 11.157  8.848   -6.198  1.00 40.87 ?  52  LYS A NZ  1 
ATOM   410  N  N   . SER A 1 74  ? 5.631   6.263   -0.789  1.00 22.95 ?  53  SER A N   1 
ATOM   411  C  CA  . SER A 1 74  ? 4.646   6.867   0.103   1.00 24.57 ?  53  SER A CA  1 
ATOM   412  C  C   . SER A 1 74  ? 5.352   7.949   0.904   1.00 24.06 ?  53  SER A C   1 
ATOM   413  O  O   . SER A 1 74  ? 6.335   7.666   1.597   1.00 24.58 ?  53  SER A O   1 
ATOM   414  C  CB  . SER A 1 74  ? 4.024   5.821   1.029   1.00 28.75 ?  53  SER A CB  1 
ATOM   415  O  OG  . SER A 1 74  ? 3.141   6.431   1.964   1.00 31.01 ?  53  SER A OG  1 
ATOM   416  N  N   . GLU A 1 75  ? 4.866   9.185   0.801   1.00 22.56 ?  54  GLU A N   1 
ATOM   417  C  CA  . GLU A 1 75  ? 5.533   10.321  1.419   1.00 25.02 ?  54  GLU A CA  1 
ATOM   418  C  C   . GLU A 1 75  ? 4.542   11.062  2.302   1.00 24.13 ?  54  GLU A C   1 
ATOM   419  O  O   . GLU A 1 75  ? 3.450   11.411  1.852   1.00 22.34 ?  54  GLU A O   1 
ATOM   420  C  CB  . GLU A 1 75  ? 6.123   11.244  0.344   1.00 24.77 ?  54  GLU A CB  1 
ATOM   421  C  CG  . GLU A 1 75  ? 7.180   10.533  -0.474  1.00 26.86 ?  54  GLU A CG  1 
ATOM   422  C  CD  . GLU A 1 75  ? 7.865   11.419  -1.490  1.00 34.83 ?  54  GLU A CD  1 
ATOM   423  O  OE1 . GLU A 1 75  ? 7.360   12.530  -1.758  1.00 35.20 ?  54  GLU A OE1 1 
ATOM   424  O  OE2 . GLU A 1 75  ? 8.920   10.987  -2.019  1.00 43.46 ?  54  GLU A OE2 1 
ATOM   425  N  N   . SER A 1 76  ? 4.908   11.275  3.563   1.00 21.93 ?  55  SER A N   1 
ATOM   426  C  CA  . SER A 1 76  ? 4.013   11.944  4.499   1.00 24.23 ?  55  SER A CA  1 
ATOM   427  C  C   . SER A 1 76  ? 4.854   12.507  5.631   1.00 25.00 ?  55  SER A C   1 
ATOM   428  O  O   . SER A 1 76  ? 6.060   12.275  5.700   1.00 24.39 ?  55  SER A O   1 
ATOM   429  C  CB  . SER A 1 76  ? 2.947   10.990  5.043   1.00 24.90 ?  55  SER A CB  1 
ATOM   430  O  OG  . SER A 1 76  ? 3.533   10.026  5.901   1.00 25.96 ?  55  SER A OG  1 
ATOM   431  N  N   . THR A 1 77  ? 4.200   13.260  6.523   1.00 24.39 ?  56  THR A N   1 
ATOM   432  C  CA  . THR A 1 77  ? 4.891   13.756  7.708   1.00 28.91 ?  56  THR A CA  1 
ATOM   433  C  C   . THR A 1 77  ? 5.373   12.617  8.590   1.00 28.39 ?  56  THR A C   1 
ATOM   434  O  O   . THR A 1 77  ? 6.356   12.771  9.323   1.00 29.85 ?  56  THR A O   1 
ATOM   435  C  CB  . THR A 1 77  ? 3.968   14.675  8.514   1.00 28.99 ?  56  THR A CB  1 
ATOM   436  O  OG1 . THR A 1 77  ? 2.753   13.978  8.830   1.00 30.79 ?  56  THR A OG1 1 
ATOM   437  C  CG2 . THR A 1 77  ? 3.644   15.898  7.719   1.00 24.61 ?  56  THR A CG2 1 
ATOM   438  N  N   . PHE A 1 78  ? 4.695   11.472  8.532   1.00 26.76 ?  57  PHE A N   1 
ATOM   439  C  CA  . PHE A 1 78  ? 5.020   10.341  9.389   1.00 26.28 ?  57  PHE A CA  1 
ATOM   440  C  C   . PHE A 1 78  ? 6.284   9.640   8.910   1.00 31.92 ?  57  PHE A C   1 
ATOM   441  O  O   . PHE A 1 78  ? 7.241   9.487   9.676   1.00 31.42 ?  57  PHE A O   1 
ATOM   442  C  CB  . PHE A 1 78  ? 3.818   9.387   9.436   1.00 29.78 ?  57  PHE A CB  1 
ATOM   443  C  CG  . PHE A 1 78  ? 4.101   8.067   10.085  1.00 29.75 ?  57  PHE A CG  1 
ATOM   444  C  CD1 . PHE A 1 78  ? 4.567   7.999   11.389  1.00 30.34 ?  57  PHE A CD1 1 
ATOM   445  C  CD2 . PHE A 1 78  ? 3.866   6.882   9.405   1.00 31.16 ?  57  PHE A CD2 1 
ATOM   446  C  CE1 . PHE A 1 78  ? 4.824   6.779   11.984  1.00 31.14 ?  57  PHE A CE1 1 
ATOM   447  C  CE2 . PHE A 1 78  ? 4.124   5.657   10.004  1.00 31.09 ?  57  PHE A CE2 1 
ATOM   448  C  CZ  . PHE A 1 78  ? 4.599   5.609   11.292  1.00 31.69 ?  57  PHE A CZ  1 
ATOM   449  N  N   . LYS A 1 79  ? 6.321   9.241   7.641   1.00 27.48 ?  58  LYS A N   1 
ATOM   450  C  CA  . LYS A 1 79  ? 7.445   8.477   7.104   1.00 29.52 ?  58  LYS A CA  1 
ATOM   451  C  C   . LYS A 1 79  ? 7.491   8.656   5.595   1.00 26.81 ?  58  LYS A C   1 
ATOM   452  O  O   . LYS A 1 79  ? 6.466   8.898   4.954   1.00 25.26 ?  58  LYS A O   1 
ATOM   453  C  CB  . LYS A 1 79  ? 7.342   6.976   7.428   1.00 30.67 ?  58  LYS A CB  1 
ATOM   454  C  CG  . LYS A 1 79  ? 7.617   6.599   8.874   1.00 41.27 ?  58  LYS A CG  1 
ATOM   455  C  CD  . LYS A 1 79  ? 8.802   5.666   8.987   1.00 45.25 ?  58  LYS A CD  1 
ATOM   456  C  CE  . LYS A 1 79  ? 9.022   5.220   10.429  1.00 47.19 ?  58  LYS A CE  1 
ATOM   457  N  NZ  . LYS A 1 79  ? 10.206  5.882   11.051  1.00 49.64 ?  58  LYS A NZ  1 
ATOM   458  N  N   . ASN A 1 80  ? 8.688   8.504   5.031   1.00 26.66 ?  59  ASN A N   1 
ATOM   459  C  CA  . ASN A 1 80  ? 8.858   8.408   3.586   1.00 24.92 ?  59  ASN A CA  1 
ATOM   460  C  C   . ASN A 1 80  ? 9.379   7.017   3.295   1.00 28.05 ?  59  ASN A C   1 
ATOM   461  O  O   . ASN A 1 80  ? 10.430  6.636   3.814   1.00 33.03 ?  59  ASN A O   1 
ATOM   462  C  CB  . ASN A 1 80  ? 9.831   9.456   3.052   1.00 24.16 ?  59  ASN A CB  1 
ATOM   463  C  CG  . ASN A 1 80  ? 9.343   10.851  3.265   1.00 29.34 ?  59  ASN A CG  1 
ATOM   464  O  OD1 . ASN A 1 80  ? 8.176   11.157  3.027   1.00 32.05 ?  59  ASN A OD1 1 
ATOM   465  N  ND2 . ASN A 1 80  ? 10.231  11.718  3.734   1.00 40.67 ?  59  ASN A ND2 1 
ATOM   466  N  N   . THR A 1 81  ? 8.635   6.251   2.497   1.00 24.04 ?  60  THR A N   1 
ATOM   467  C  CA  . THR A 1 81  ? 9.020   4.889   2.167   1.00 22.16 ?  60  THR A CA  1 
ATOM   468  C  C   . THR A 1 81  ? 9.017   4.711   0.656   1.00 25.95 ?  60  THR A C   1 
ATOM   469  O  O   . THR A 1 81  ? 8.356   5.445   -0.083  1.00 23.82 ?  60  THR A O   1 
ATOM   470  C  CB  . THR A 1 81  ? 8.083   3.843   2.793   1.00 30.71 ?  60  THR A CB  1 
ATOM   471  O  OG1 . THR A 1 81  ? 6.774   3.974   2.228   1.00 35.00 ?  60  THR A OG1 1 
ATOM   472  C  CG2 . THR A 1 81  ? 8.011   4.003   4.298   1.00 34.05 ?  60  THR A CG2 1 
ATOM   473  N  N   . GLU A 1 82  ? 9.758   3.706   0.201   1.00 25.04 ?  61  GLU A N   1 
ATOM   474  C  CA  . GLU A 1 82  ? 9.873   3.455   -1.231  1.00 23.88 ?  61  GLU A CA  1 
ATOM   475  C  C   . GLU A 1 82  ? 10.145  1.977   -1.447  1.00 24.46 ?  61  GLU A C   1 
ATOM   476  O  O   . GLU A 1 82  ? 11.005  1.395   -0.773  1.00 27.86 ?  61  GLU A O   1 
ATOM   477  C  CB  . GLU A 1 82  ? 10.991  4.311   -1.835  1.00 32.10 ?  61  GLU A CB  1 
ATOM   478  C  CG  . GLU A 1 82  ? 11.301  4.064   -3.296  1.00 34.99 ?  61  GLU A CG  1 
ATOM   479  C  CD  . GLU A 1 82  ? 12.577  4.773   -3.732  1.00 43.09 ?  61  GLU A CD  1 
ATOM   480  O  OE1 . GLU A 1 82  ? 13.363  4.181   -4.503  1.00 59.40 ?  61  GLU A OE1 1 
ATOM   481  O  OE2 . GLU A 1 82  ? 12.805  5.920   -3.287  1.00 42.09 ?  61  GLU A OE2 1 
ATOM   482  N  N   . ILE A 1 83  ? 9.402   1.355   -2.357  1.00 22.15 ?  62  ILE A N   1 
ATOM   483  C  CA  . ILE A 1 83  ? 9.676   -0.022  -2.748  1.00 20.69 ?  62  ILE A CA  1 
ATOM   484  C  C   . ILE A 1 83  ? 9.821   -0.081  -4.262  1.00 21.30 ?  62  ILE A C   1 
ATOM   485  O  O   . ILE A 1 83  ? 9.106   0.610   -4.998  1.00 22.42 ?  62  ILE A O   1 
ATOM   486  C  CB  . ILE A 1 83  ? 8.595   -1.017  -2.274  1.00 20.10 ?  62  ILE A CB  1 
ATOM   487  C  CG1 . ILE A 1 83  ? 7.205   -0.641  -2.798  1.00 25.55 ?  62  ILE A CG1 1 
ATOM   488  C  CG2 . ILE A 1 83  ? 8.604   -1.152  -0.738  1.00 21.96 ?  62  ILE A CG2 1 
ATOM   489  C  CD1 . ILE A 1 83  ? 6.184   -1.731  -2.528  1.00 25.70 ?  62  ILE A CD1 1 
ATOM   490  N  N   . SER A 1 84  ? 10.766  -0.888  -4.725  1.00 19.82 ?  63  SER A N   1 
ATOM   491  C  CA  . SER A 1 84  ? 10.922  -1.167  -6.146  1.00 23.49 ?  63  SER A CA  1 
ATOM   492  C  C   . SER A 1 84  ? 10.848  -2.672  -6.342  1.00 23.77 ?  63  SER A C   1 
ATOM   493  O  O   . SER A 1 84  ? 11.417  -3.427  -5.551  1.00 23.48 ?  63  SER A O   1 
ATOM   494  C  CB  . SER A 1 84  ? 12.247  -0.624  -6.700  1.00 24.53 ?  63  SER A CB  1 
ATOM   495  O  OG  . SER A 1 84  ? 12.261  0.795   -6.686  1.00 25.63 ?  63  SER A OG  1 
ATOM   496  N  N   . PHE A 1 85  ? 10.152  -3.116  -7.389  1.00 21.72 ?  64  PHE A N   1 
ATOM   497  C  CA  . PHE A 1 85  ? 9.899   -4.546  -7.485  1.00 21.60 ?  64  PHE A CA  1 
ATOM   498  C  C   . PHE A 1 85  ? 9.542   -4.887  -8.916  1.00 22.21 ?  64  PHE A C   1 
ATOM   499  O  O   . PHE A 1 85  ? 9.252   -4.014  -9.738  1.00 22.72 ?  64  PHE A O   1 
ATOM   500  C  CB  . PHE A 1 85  ? 8.777   -4.982  -6.535  1.00 22.62 ?  64  PHE A CB  1 
ATOM   501  C  CG  . PHE A 1 85  ? 7.489   -4.255  -6.778  1.00 21.85 ?  64  PHE A CG  1 
ATOM   502  C  CD1 . PHE A 1 85  ? 7.245   -3.039  -6.165  1.00 20.40 ?  64  PHE A CD1 1 
ATOM   503  C  CD2 . PHE A 1 85  ? 6.546   -4.761  -7.657  1.00 23.57 ?  64  PHE A CD2 1 
ATOM   504  C  CE1 . PHE A 1 85  ? 6.080   -2.348  -6.406  1.00 23.21 ?  64  PHE A CE1 1 
ATOM   505  C  CE2 . PHE A 1 85  ? 5.370   -4.071  -7.910  1.00 20.78 ?  64  PHE A CE2 1 
ATOM   506  C  CZ  . PHE A 1 85  ? 5.137   -2.865  -7.283  1.00 24.89 ?  64  PHE A CZ  1 
ATOM   507  N  N   . ILE A 1 86  ? 9.578   -6.183  -9.195  1.00 21.78 ?  65  ILE A N   1 
ATOM   508  C  CA  . ILE A 1 86  ? 9.137   -6.763  -10.454 1.00 21.20 ?  65  ILE A CA  1 
ATOM   509  C  C   . ILE A 1 86  ? 7.952   -7.653  -10.127 1.00 25.97 ?  65  ILE A C   1 
ATOM   510  O  O   . ILE A 1 86  ? 7.959   -8.333  -9.094  1.00 23.31 ?  65  ILE A O   1 
ATOM   511  C  CB  . ILE A 1 86  ? 10.289  -7.560  -11.108 1.00 23.54 ?  65  ILE A CB  1 
ATOM   512  C  CG1 . ILE A 1 86  ? 11.408  -6.600  -11.501 1.00 25.89 ?  65  ILE A CG1 1 
ATOM   513  C  CG2 . ILE A 1 86  ? 9.802   -8.339  -12.324 1.00 27.24 ?  65  ILE A CG2 1 
ATOM   514  C  CD1 . ILE A 1 86  ? 12.648  -7.295  -11.992 1.00 28.37 ?  65  ILE A CD1 1 
ATOM   515  N  N   . LEU A 1 87  ? 6.921   -7.624  -10.973 1.00 23.61 ?  66  LEU A N   1 
ATOM   516  C  CA  . LEU A 1 87  ? 5.711   -8.385  -10.678 1.00 22.71 ?  66  LEU A CA  1 
ATOM   517  C  C   . LEU A 1 87  ? 6.047   -9.858  -10.497 1.00 24.58 ?  66  LEU A C   1 
ATOM   518  O  O   . LEU A 1 87  ? 6.778   -10.440 -11.304 1.00 27.30 ?  66  LEU A O   1 
ATOM   519  C  CB  . LEU A 1 87  ? 4.695   -8.213  -11.804 1.00 26.59 ?  66  LEU A CB  1 
ATOM   520  C  CG  . LEU A 1 87  ? 4.075   -6.827  -11.932 1.00 22.10 ?  66  LEU A CG  1 
ATOM   521  C  CD1 . LEU A 1 87  ? 3.290   -6.744  -13.226 1.00 26.02 ?  66  LEU A CD1 1 
ATOM   522  C  CD2 . LEU A 1 87  ? 3.171   -6.518  -10.744 1.00 24.36 ?  66  LEU A CD2 1 
ATOM   523  N  N   . GLY A 1 88  ? 5.531   -10.450 -9.417  1.00 22.47 ?  67  GLY A N   1 
ATOM   524  C  CA  . GLY A 1 88  ? 5.714   -11.867 -9.160  1.00 24.27 ?  67  GLY A CA  1 
ATOM   525  C  C   . GLY A 1 88  ? 7.026   -12.272 -8.526  1.00 30.10 ?  67  GLY A C   1 
ATOM   526  O  O   . GLY A 1 88  ? 7.225   -13.470 -8.278  1.00 33.37 ?  67  GLY A O   1 
ATOM   527  N  N   . GLN A 1 89  ? 7.936   -11.336 -8.261  1.00 25.96 ?  68  GLN A N   1 
ATOM   528  C  CA  . GLN A 1 89  ? 9.221   -11.656 -7.648  1.00 24.70 ?  68  GLN A CA  1 
ATOM   529  C  C   . GLN A 1 89  ? 9.217   -11.158 -6.212  1.00 24.66 ?  68  GLN A C   1 
ATOM   530  O  O   . GLN A 1 89  ? 9.109   -9.951  -5.976  1.00 25.93 ?  68  GLN A O   1 
ATOM   531  C  CB  . GLN A 1 89  ? 10.383  -11.037 -8.426  1.00 25.54 ?  68  GLN A CB  1 
ATOM   532  C  CG  . GLN A 1 89  ? 10.546  -11.587 -9.837  1.00 30.65 ?  68  GLN A CG  1 
ATOM   533  C  CD  . GLN A 1 89  ? 11.819  -11.105 -10.520 1.00 35.85 ?  68  GLN A CD  1 
ATOM   534  O  OE1 . GLN A 1 89  ? 12.742  -10.603 -9.868  1.00 44.15 ?  68  GLN A OE1 1 
ATOM   535  N  NE2 . GLN A 1 89  ? 11.878  -11.266 -11.845 1.00 44.00 ?  68  GLN A NE2 1 
ATOM   536  N  N   . GLU A 1 90  ? 9.339   -12.089 -5.263  1.00 23.84 ?  69  GLU A N   1 
ATOM   537  C  CA  . GLU A 1 90  ? 9.345   -11.759 -3.845  1.00 24.10 ?  69  GLU A CA  1 
ATOM   538  C  C   . GLU A 1 90  ? 10.513  -10.839 -3.499  1.00 23.30 ?  69  GLU A C   1 
ATOM   539  O  O   . GLU A 1 90  ? 11.593  -10.920 -4.098  1.00 25.63 ?  69  GLU A O   1 
ATOM   540  C  CB  . GLU A 1 90  ? 9.425   -13.044 -3.019  1.00 23.79 ?  69  GLU A CB  1 
ATOM   541  C  CG  . GLU A 1 90  ? 9.336   -12.836 -1.508  1.00 25.78 ?  69  GLU A CG  1 
ATOM   542  C  CD  . GLU A 1 90  ? 9.217   -14.150 -0.749  1.00 38.95 ?  69  GLU A CD  1 
ATOM   543  O  OE1 . GLU A 1 90  ? 10.186  -14.931 -0.770  1.00 45.87 ?  69  GLU A OE1 1 
ATOM   544  O  OE2 . GLU A 1 90  ? 8.143   -14.408 -0.157  1.00 35.93 ?  69  GLU A OE2 1 
ATOM   545  N  N   . PHE A 1 91  ? 10.289  -9.953  -2.524  1.00 21.80 ?  70  PHE A N   1 
ATOM   546  C  CA  . PHE A 1 91  ? 11.319  -9.015  -2.097  1.00 23.56 ?  70  PHE A CA  1 
ATOM   547  C  C   . PHE A 1 91  ? 11.182  -8.732  -0.606  1.00 27.42 ?  70  PHE A C   1 
ATOM   548  O  O   . PHE A 1 91  ? 10.148  -9.001  0.009   1.00 24.09 ?  70  PHE A O   1 
ATOM   549  C  CB  . PHE A 1 91  ? 11.275  -7.707  -2.915  1.00 22.55 ?  70  PHE A CB  1 
ATOM   550  C  CG  . PHE A 1 91  ? 9.974   -6.937  -2.802  1.00 23.84 ?  70  PHE A CG  1 
ATOM   551  C  CD1 . PHE A 1 91  ? 8.921   -7.196  -3.675  1.00 21.90 ?  70  PHE A CD1 1 
ATOM   552  C  CD2 . PHE A 1 91  ? 9.818   -5.937  -1.856  1.00 24.86 ?  70  PHE A CD2 1 
ATOM   553  C  CE1 . PHE A 1 91  ? 7.730   -6.499  -3.603  1.00 20.59 ?  70  PHE A CE1 1 
ATOM   554  C  CE2 . PHE A 1 91  ? 8.616   -5.220  -1.769  1.00 30.68 ?  70  PHE A CE2 1 
ATOM   555  C  CZ  . PHE A 1 91  ? 7.573   -5.497  -2.660  1.00 23.81 ?  70  PHE A CZ  1 
ATOM   556  N  N   . ASP A 1 92  ? 12.246  -8.163  -0.039  1.00 23.68 ?  71  ASP A N   1 
ATOM   557  C  CA  . ASP A 1 92  ? 12.272  -7.741  1.354   1.00 29.89 ?  71  ASP A CA  1 
ATOM   558  C  C   . ASP A 1 92  ? 11.754  -6.315  1.469   1.00 26.98 ?  71  ASP A C   1 
ATOM   559  O  O   . ASP A 1 92  ? 12.100  -5.451  0.659   1.00 29.68 ?  71  ASP A O   1 
ATOM   560  C  CB  . ASP A 1 92  ? 13.693  -7.798  1.924   1.00 31.33 ?  71  ASP A CB  1 
ATOM   561  C  CG  . ASP A 1 92  ? 14.248  -9.196  1.981   1.00 38.73 ?  71  ASP A CG  1 
ATOM   562  O  OD1 . ASP A 1 92  ? 13.568  -10.074 2.555   1.00 41.39 ?  71  ASP A OD1 1 
ATOM   563  O  OD2 . ASP A 1 92  ? 15.368  -9.415  1.452   1.00 41.23 ?  71  ASP A OD2 1 
ATOM   564  N  N   . GLU A 1 93  ? 10.937  -6.067  2.489   1.00 24.69 ?  72  GLU A N   1 
ATOM   565  C  CA  . GLU A 1 93  ? 10.343  -4.756  2.708   1.00 25.66 ?  72  GLU A CA  1 
ATOM   566  C  C   . GLU A 1 93  ? 10.331  -4.459  4.200   1.00 24.35 ?  72  GLU A C   1 
ATOM   567  O  O   . GLU A 1 93  ? 9.961   -5.317  5.001   1.00 26.16 ?  72  GLU A O   1 
ATOM   568  C  CB  . GLU A 1 93  ? 8.901   -4.682  2.165   1.00 22.03 ?  72  GLU A CB  1 
ATOM   569  C  CG  . GLU A 1 93  ? 8.201   -3.338  2.428   1.00 28.54 ?  72  GLU A CG  1 
ATOM   570  C  CD  . GLU A 1 93  ? 6.757   -3.278  1.910   1.00 31.77 ?  72  GLU A CD  1 
ATOM   571  O  OE1 . GLU A 1 93  ? 6.213   -4.318  1.483   1.00 28.50 ?  72  GLU A OE1 1 
ATOM   572  O  OE2 . GLU A 1 93  ? 6.157   -2.182  1.946   1.00 30.90 ?  72  GLU A OE2 1 
ATOM   573  N  N   . VAL A 1 94  ? 10.728  -3.246  4.566   1.00 26.03 ?  73  VAL A N   1 
ATOM   574  C  CA  . VAL A 1 94  ? 10.549  -2.750  5.929   1.00 28.35 ?  73  VAL A CA  1 
ATOM   575  C  C   . VAL A 1 94  ? 9.408   -1.741  5.883   1.00 29.41 ?  73  VAL A C   1 
ATOM   576  O  O   . VAL A 1 94  ? 9.522   -0.689  5.243   1.00 29.55 ?  73  VAL A O   1 
ATOM   577  C  CB  . VAL A 1 94  ? 11.833  -2.135  6.502   1.00 35.25 ?  73  VAL A CB  1 
ATOM   578  C  CG1 . VAL A 1 94  ? 11.557  -1.476  7.861   1.00 29.84 ?  73  VAL A CG1 1 
ATOM   579  C  CG2 . VAL A 1 94  ? 12.883  -3.206  6.671   1.00 35.22 ?  73  VAL A CG2 1 
ATOM   580  N  N   . THR A 1 95  ? 8.295   -2.069  6.533   1.00 28.38 ?  74  THR A N   1 
ATOM   581  C  CA  . THR A 1 95  ? 7.100   -1.243  6.430   1.00 26.13 ?  74  THR A CA  1 
ATOM   582  C  C   . THR A 1 95  ? 7.241   0.024   7.265   1.00 25.41 ?  74  THR A C   1 
ATOM   583  O  O   . THR A 1 95  ? 8.144   0.161   8.100   1.00 30.91 ?  74  THR A O   1 
ATOM   584  C  CB  . THR A 1 95  ? 5.869   -2.016  6.887   1.00 26.60 ?  74  THR A CB  1 
ATOM   585  O  OG1 . THR A 1 95  ? 5.993   -2.307  8.291   1.00 27.03 ?  74  THR A OG1 1 
ATOM   586  C  CG2 . THR A 1 95  ? 5.752   -3.323  6.114   1.00 26.39 ?  74  THR A CG2 1 
ATOM   587  N  N   . ALA A 1 96  ? 6.294   0.942   7.057   1.00 26.43 ?  75  ALA A N   1 
ATOM   588  C  CA  . ALA A 1 96  ? 6.298   2.210   7.777   1.00 25.80 ?  75  ALA A CA  1 
ATOM   589  C  C   . ALA A 1 96  ? 6.206   2.010   9.279   1.00 28.18 ?  75  ALA A C   1 
ATOM   590  O  O   . ALA A 1 96  ? 6.794   2.787   10.039  1.00 30.67 ?  75  ALA A O   1 
ATOM   591  C  CB  . ALA A 1 96  ? 5.150   3.093   7.293   1.00 26.62 ?  75  ALA A CB  1 
ATOM   592  N  N   . ASP A 1 97  ? 5.484   0.981   9.726   1.00 27.06 ?  76  ASP A N   1 
ATOM   593  C  CA  . ASP A 1 97  ? 5.402   0.650   11.148  1.00 27.49 ?  76  ASP A CA  1 
ATOM   594  C  C   . ASP A 1 97  ? 6.520   -0.288  11.593  1.00 34.27 ?  76  ASP A C   1 
ATOM   595  O  O   . ASP A 1 97  ? 6.428   -0.879  12.676  1.00 33.61 ?  76  ASP A O   1 
ATOM   596  C  CB  . ASP A 1 97  ? 4.039   0.033   11.477  1.00 25.12 ?  76  ASP A CB  1 
ATOM   597  C  CG  . ASP A 1 97  ? 3.751   -1.217  10.669  1.00 28.73 ?  76  ASP A CG  1 
ATOM   598  O  OD1 . ASP A 1 97  ? 3.863   -1.170  9.423   1.00 28.76 ?  76  ASP A OD1 1 
ATOM   599  O  OD2 . ASP A 1 97  ? 3.413   -2.255  11.277  1.00 30.16 ?  76  ASP A OD2 1 
ATOM   600  N  N   . ASP A 1 98  ? 7.546   -0.460  10.758  1.00 31.77 ?  77  ASP A N   1 
ATOM   601  C  CA  . ASP A 1 98  ? 8.796   -1.136  11.086  1.00 30.66 ?  77  ASP A CA  1 
ATOM   602  C  C   . ASP A 1 98  ? 8.669   -2.654  11.181  1.00 35.52 ?  77  ASP A C   1 
ATOM   603  O  O   . ASP A 1 98  ? 9.431   -3.294  11.911  1.00 35.98 ?  77  ASP A O   1 
ATOM   604  C  CB  . ASP A 1 98  ? 9.379   -0.579  12.385  1.00 34.68 ?  77  ASP A CB  1 
ATOM   605  C  CG  . ASP A 1 98  ? 10.891  -0.660  12.420  1.00 57.27 ?  77  ASP A CG  1 
ATOM   606  O  OD1 . ASP A 1 98  ? 11.490  -0.950  11.361  1.00 62.13 ?  77  ASP A OD1 1 
ATOM   607  O  OD2 . ASP A 1 98  ? 11.481  -0.442  13.502  1.00 62.99 ?  77  ASP A OD2 1 
ATOM   608  N  N   . ARG A 1 99  ? 7.735   -3.247  10.445  1.00 29.47 ?  78  ARG A N   1 
ATOM   609  C  CA  . ARG A 1 99  ? 7.740   -4.690  10.249  1.00 26.00 ?  78  ARG A CA  1 
ATOM   610  C  C   . ARG A 1 99  ? 8.735   -5.054  9.160   1.00 28.60 ?  78  ARG A C   1 
ATOM   611  O  O   . ARG A 1 99  ? 8.845   -4.356  8.151   1.00 28.20 ?  78  ARG A O   1 
ATOM   612  C  CB  . ARG A 1 99  ? 6.358   -5.200  9.845   1.00 30.34 ?  78  ARG A CB  1 
ATOM   613  C  CG  . ARG A 1 99  ? 5.339   -5.253  10.962  1.00 27.91 ?  78  ARG A CG  1 
ATOM   614  C  CD  . ARG A 1 99  ? 3.963   -5.580  10.417  1.00 28.86 ?  78  ARG A CD  1 
ATOM   615  N  NE  . ARG A 1 99  ? 3.441   -4.433  9.686   1.00 26.79 ?  78  ARG A NE  1 
ATOM   616  C  CZ  . ARG A 1 99  ? 2.898   -4.480  8.475   1.00 26.34 ?  78  ARG A CZ  1 
ATOM   617  N  NH1 . ARG A 1 99  ? 2.779   -5.634  7.836   1.00 26.33 ?  78  ARG A NH1 1 
ATOM   618  N  NH2 . ARG A 1 99  ? 2.472   -3.361  7.915   1.00 27.06 ?  78  ARG A NH2 1 
ATOM   619  N  N   . LYS A 1 100 ? 9.453   -6.153  9.362   1.00 27.96 ?  79  LYS A N   1 
ATOM   620  C  CA  . LYS A 1 100 ? 10.302  -6.731  8.325   1.00 27.48 ?  79  LYS A CA  1 
ATOM   621  C  C   . LYS A 1 100 ? 9.506   -7.852  7.671   1.00 27.98 ?  79  LYS A C   1 
ATOM   622  O  O   . LYS A 1 100 ? 9.268   -8.893  8.288   1.00 28.11 ?  79  LYS A O   1 
ATOM   623  C  CB  . LYS A 1 100 ? 11.625  -7.236  8.904   1.00 29.94 ?  79  LYS A CB  1 
ATOM   624  C  CG  . LYS A 1 100 ? 12.438  -8.092  7.936   1.00 41.14 ?  79  LYS A CG  1 
ATOM   625  C  CD  . LYS A 1 100 ? 12.653  -7.400  6.585   1.00 53.37 ?  79  LYS A CD  1 
ATOM   626  C  CE  . LYS A 1 100 ? 13.211  -8.364  5.533   1.00 50.64 ?  79  LYS A CE  1 
ATOM   627  N  NZ  . LYS A 1 100 ? 12.210  -9.372  5.055   1.00 39.57 ?  79  LYS A NZ  1 
ATOM   628  N  N   . VAL A 1 101 ? 9.066   -7.633  6.430   1.00 25.92 ?  80  VAL A N   1 
ATOM   629  C  CA  . VAL A 1 101 ? 8.131   -8.549  5.793   1.00 25.23 ?  80  VAL A CA  1 
ATOM   630  C  C   . VAL A 1 101 ? 8.728   -9.075  4.494   1.00 23.34 ?  80  VAL A C   1 
ATOM   631  O  O   . VAL A 1 101 ? 9.649   -8.491  3.913   1.00 24.40 ?  80  VAL A O   1 
ATOM   632  C  CB  . VAL A 1 101 ? 6.758   -7.891  5.524   1.00 27.10 ?  80  VAL A CB  1 
ATOM   633  C  CG1 . VAL A 1 101 ? 6.157   -7.331  6.811   1.00 26.70 ?  80  VAL A CG1 1 
ATOM   634  C  CG2 . VAL A 1 101 ? 6.890   -6.799  4.472   1.00 23.14 ?  80  VAL A CG2 1 
ATOM   635  N  N   . LYS A 1 102 ? 8.195   -10.218 4.058   1.00 22.91 ?  81  LYS A N   1 
ATOM   636  C  CA  . LYS A 1 102 ? 8.439   -10.762 2.727   1.00 23.30 ?  81  LYS A CA  1 
ATOM   637  C  C   . LYS A 1 102 ? 7.250   -10.383 1.851   1.00 23.53 ?  81  LYS A C   1 
ATOM   638  O  O   . LYS A 1 102 ? 6.106   -10.703 2.188   1.00 25.83 ?  81  LYS A O   1 
ATOM   639  C  CB  . LYS A 1 102 ? 8.601   -12.280 2.759   1.00 27.65 ?  81  LYS A CB  1 
ATOM   640  C  CG  . LYS A 1 102 ? 9.790   -12.782 3.540   1.00 31.08 ?  81  LYS A CG  1 
ATOM   641  C  CD  . LYS A 1 102 ? 11.100  -12.311 2.961   1.00 34.98 ?  81  LYS A CD  1 
ATOM   642  C  CE  . LYS A 1 102 ? 12.240  -13.172 3.493   1.00 34.68 ?  81  LYS A CE  1 
ATOM   643  N  NZ  . LYS A 1 102 ? 13.561  -12.598 3.138   1.00 40.29 ?  81  LYS A NZ  1 
ATOM   644  N  N   . SER A 1 103 ? 7.515   -9.718  0.736   1.00 22.06 ?  82  SER A N   1 
ATOM   645  C  CA  . SER A 1 103 ? 6.453   -9.144  -0.078  1.00 23.56 ?  82  SER A CA  1 
ATOM   646  C  C   . SER A 1 103 ? 6.478   -9.715  -1.490  1.00 22.20 ?  82  SER A C   1 
ATOM   647  O  O   . SER A 1 103 ? 7.549   -9.907  -2.071  1.00 23.51 ?  82  SER A O   1 
ATOM   648  C  CB  . SER A 1 103 ? 6.593   -7.626  -0.144  1.00 21.83 ?  82  SER A CB  1 
ATOM   649  O  OG  . SER A 1 103 ? 6.225   -7.008  1.071   1.00 26.30 ?  82  SER A OG  1 
ATOM   650  N  N   . THR A 1 104 ? 5.289   -9.948  -2.053  1.00 22.87 ?  83  THR A N   1 
ATOM   651  C  CA  . THR A 1 104 ? 5.146   -10.260 -3.468  1.00 19.35 ?  83  THR A CA  1 
ATOM   652  C  C   . THR A 1 104 ? 3.973   -9.469  -4.020  1.00 20.70 ?  83  THR A C   1 
ATOM   653  O  O   . THR A 1 104 ? 2.907   -9.407  -3.394  1.00 22.63 ?  83  THR A O   1 
ATOM   654  C  CB  . THR A 1 104 ? 4.908   -11.754 -3.724  1.00 26.98 ?  83  THR A CB  1 
ATOM   655  O  OG1 . THR A 1 104 ? 5.886   -12.540 -3.022  1.00 28.72 ?  83  THR A OG1 1 
ATOM   656  C  CG2 . THR A 1 104 ? 4.994   -12.057 -5.216  1.00 27.44 ?  83  THR A CG2 1 
ATOM   657  N  N   . ILE A 1 105 ? 4.172   -8.854  -5.184  1.00 21.79 ?  84  ILE A N   1 
ATOM   658  C  CA  . ILE A 1 105 ? 3.145   -8.037  -5.817  1.00 21.78 ?  84  ILE A CA  1 
ATOM   659  C  C   . ILE A 1 105 ? 2.885   -8.594  -7.205  1.00 22.58 ?  84  ILE A C   1 
ATOM   660  O  O   . ILE A 1 105 ? 3.825   -8.806  -7.978  1.00 23.85 ?  84  ILE A O   1 
ATOM   661  C  CB  . ILE A 1 105 ? 3.555   -6.557  -5.883  1.00 21.26 ?  84  ILE A CB  1 
ATOM   662  C  CG1 . ILE A 1 105 ? 3.749   -6.037  -4.455  1.00 21.68 ?  84  ILE A CG1 1 
ATOM   663  C  CG2 . ILE A 1 105 ? 2.487   -5.759  -6.612  1.00 22.98 ?  84  ILE A CG2 1 
ATOM   664  C  CD1 . ILE A 1 105 ? 4.149   -4.578  -4.332  1.00 22.07 ?  84  ILE A CD1 1 
ATOM   665  N  N   . THR A 1 106 ? 1.616   -8.844  -7.511  1.00 24.00 ?  85  THR A N   1 
ATOM   666  C  CA  . THR A 1 106 ? 1.223   -9.430  -8.781  1.00 23.92 ?  85  THR A CA  1 
ATOM   667  C  C   . THR A 1 106 ? 0.031   -8.663  -9.321  1.00 23.91 ?  85  THR A C   1 
ATOM   668  O  O   . THR A 1 106 ? -0.592  -7.869  -8.620  1.00 23.66 ?  85  THR A O   1 
ATOM   669  C  CB  . THR A 1 106 ? 0.856   -10.907 -8.619  1.00 30.77 ?  85  THR A CB  1 
ATOM   670  O  OG1 . THR A 1 106 ? -0.137  -11.019 -7.592  1.00 31.91 ?  85  THR A OG1 1 
ATOM   671  C  CG2 . THR A 1 106 ? 2.083   -11.744 -8.231  1.00 26.56 ?  85  THR A CG2 1 
ATOM   672  N  N   . LEU A 1 107 ? -0.283  -8.899  -10.587 1.00 24.66 ?  86  LEU A N   1 
ATOM   673  C  CA  . LEU A 1 107 ? -1.489  -8.360  -11.203 1.00 23.03 ?  86  LEU A CA  1 
ATOM   674  C  C   . LEU A 1 107 ? -2.577  -9.421  -11.186 1.00 28.50 ?  86  LEU A C   1 
ATOM   675  O  O   . LEU A 1 107 ? -2.333  -10.571 -11.561 1.00 38.41 ?  86  LEU A O   1 
ATOM   676  C  CB  . LEU A 1 107 ? -1.210  -7.933  -12.640 1.00 27.18 ?  86  LEU A CB  1 
ATOM   677  C  CG  . LEU A 1 107 ? -0.731  -6.511  -12.860 1.00 29.73 ?  86  LEU A CG  1 
ATOM   678  C  CD1 . LEU A 1 107 ? -0.274  -6.385  -14.310 1.00 27.89 ?  86  LEU A CD1 1 
ATOM   679  C  CD2 . LEU A 1 107 ? -1.863  -5.514  -12.533 1.00 28.35 ?  86  LEU A CD2 1 
ATOM   680  N  N   . ASP A 1 108 ? -3.770  -9.042  -10.750 1.00 26.73 ?  87  ASP A N   1 
ATOM   681  C  CA  . ASP A 1 108 ? -4.950  -9.899  -10.844 1.00 30.13 ?  87  ASP A CA  1 
ATOM   682  C  C   . ASP A 1 108 ? -5.949  -9.134  -11.698 1.00 32.56 ?  87  ASP A C   1 
ATOM   683  O  O   . ASP A 1 108 ? -6.643  -8.240  -11.202 1.00 32.50 ?  87  ASP A O   1 
ATOM   684  C  CB  . ASP A 1 108 ? -5.529  -10.243 -9.475  1.00 33.54 ?  87  ASP A CB  1 
ATOM   685  C  CG  . ASP A 1 108 ? -6.609  -11.317 -9.553  1.00 46.20 ?  87  ASP A CG  1 
ATOM   686  O  OD1 . ASP A 1 108 ? -6.847  -11.850 -10.661 1.00 48.37 ?  87  ASP A OD1 1 
ATOM   687  O  OD2 . ASP A 1 108 ? -7.220  -11.632 -8.509  1.00 57.50 ?  87  ASP A OD2 1 
ATOM   688  N  N   . GLY A 1 109 ? -6.019  -9.487  -12.974 1.00 33.25 ?  88  GLY A N   1 
ATOM   689  C  CA  . GLY A 1 109 ? -6.723  -8.633  -13.911 1.00 33.93 ?  88  GLY A CA  1 
ATOM   690  C  C   . GLY A 1 109 ? -5.980  -7.319  -13.987 1.00 27.71 ?  88  GLY A C   1 
ATOM   691  O  O   . GLY A 1 109 ? -4.820  -7.256  -14.412 1.00 35.84 ?  88  GLY A O   1 
ATOM   692  N  N   . GLY A 1 110 ? -6.633  -6.251  -13.548 1.00 26.81 ?  89  GLY A N   1 
ATOM   693  C  CA  . GLY A 1 110 ? -5.993  -4.956  -13.523 1.00 30.67 ?  89  GLY A CA  1 
ATOM   694  C  C   . GLY A 1 110 ? -5.774  -4.444  -12.116 1.00 28.65 ?  89  GLY A C   1 
ATOM   695  O  O   . GLY A 1 110 ? -5.519  -3.253  -11.923 1.00 30.54 ?  89  GLY A O   1 
ATOM   696  N  N   . VAL A 1 111 ? -5.868  -5.341  -11.130 1.00 24.31 ?  90  VAL A N   1 
ATOM   697  C  CA  . VAL A 1 111 ? -5.689  -5.005  -9.723  1.00 25.64 ?  90  VAL A CA  1 
ATOM   698  C  C   . VAL A 1 111 ? -4.280  -5.401  -9.303  1.00 24.92 ?  90  VAL A C   1 
ATOM   699  O  O   . VAL A 1 111 ? -3.834  -6.521  -9.580  1.00 22.82 ?  90  VAL A O   1 
ATOM   700  C  CB  . VAL A 1 111 ? -6.743  -5.706  -8.848  1.00 26.99 ?  90  VAL A CB  1 
ATOM   701  C  CG1 . VAL A 1 111 ? -6.496  -5.439  -7.356  1.00 26.33 ?  90  VAL A CG1 1 
ATOM   702  C  CG2 . VAL A 1 111 ? -8.147  -5.263  -9.274  1.00 29.66 ?  90  VAL A CG2 1 
ATOM   703  N  N   . LEU A 1 112 ? -3.576  -4.482  -8.647  1.00 22.70 ?  91  LEU A N   1 
ATOM   704  C  CA  . LEU A 1 112 ? -2.276  -4.798  -8.074  1.00 23.28 ?  91  LEU A CA  1 
ATOM   705  C  C   . LEU A 1 112 ? -2.497  -5.421  -6.710  1.00 22.61 ?  91  LEU A C   1 
ATOM   706  O  O   . LEU A 1 112 ? -3.101  -4.800  -5.831  1.00 25.08 ?  91  LEU A O   1 
ATOM   707  C  CB  . LEU A 1 112 ? -1.407  -3.551  -7.947  1.00 26.87 ?  91  LEU A CB  1 
ATOM   708  C  CG  . LEU A 1 112 ? -0.571  -3.082  -9.131  1.00 33.02 ?  91  LEU A CG  1 
ATOM   709  C  CD1 . LEU A 1 112 ? 0.121   -1.785  -8.752  1.00 31.67 ?  91  LEU A CD1 1 
ATOM   710  C  CD2 . LEU A 1 112 ? 0.462   -4.149  -9.522  1.00 26.45 ?  91  LEU A CD2 1 
ATOM   711  N  N   . VAL A 1 113 ? -2.023  -6.647  -6.537  1.00 22.57 ?  92  VAL A N   1 
ATOM   712  C  CA  . VAL A 1 113 ? -2.224  -7.407  -5.311  1.00 21.30 ?  92  VAL A CA  1 
ATOM   713  C  C   . VAL A 1 113 ? -0.881  -7.572  -4.611  1.00 20.74 ?  92  VAL A C   1 
ATOM   714  O  O   . VAL A 1 113 ? 0.041   -8.197  -5.147  1.00 22.25 ?  92  VAL A O   1 
ATOM   715  C  CB  . VAL A 1 113 ? -2.866  -8.769  -5.600  1.00 28.10 ?  92  VAL A CB  1 
ATOM   716  C  CG1 . VAL A 1 113 ? -3.100  -9.523  -4.293  1.00 27.67 ?  92  VAL A CG1 1 
ATOM   717  C  CG2 . VAL A 1 113 ? -4.165  -8.567  -6.366  1.00 26.28 ?  92  VAL A CG2 1 
ATOM   718  N  N   . HIS A 1 114 ? -0.790  -7.041  -3.398  1.00 23.54 ?  93  HIS A N   1 
ATOM   719  C  CA  . HIS A 1 114 ? 0.441   -6.984  -2.622  1.00 22.71 ?  93  HIS A CA  1 
ATOM   720  C  C   . HIS A 1 114 ? 0.224   -7.841  -1.381  1.00 21.96 ?  93  HIS A C   1 
ATOM   721  O  O   . HIS A 1 114 ? -0.632  -7.521  -0.551  1.00 24.06 ?  93  HIS A O   1 
ATOM   722  C  CB  . HIS A 1 114 ? 0.748   -5.529  -2.264  1.00 23.83 ?  93  HIS A CB  1 
ATOM   723  C  CG  . HIS A 1 114 ? 1.995   -5.332  -1.461  1.00 24.92 ?  93  HIS A CG  1 
ATOM   724  N  ND1 . HIS A 1 114 ? 2.407   -4.085  -1.042  1.00 23.69 ?  93  HIS A ND1 1 
ATOM   725  C  CD2 . HIS A 1 114 ? 2.925   -6.207  -1.013  1.00 26.23 ?  93  HIS A CD2 1 
ATOM   726  C  CE1 . HIS A 1 114 ? 3.534   -4.203  -0.364  1.00 22.86 ?  93  HIS A CE1 1 
ATOM   727  N  NE2 . HIS A 1 114 ? 3.870   -5.479  -0.333  1.00 26.34 ?  93  HIS A NE2 1 
ATOM   728  N  N   . VAL A 1 115 ? 0.958   -8.949  -1.268  1.00 23.16 ?  94  VAL A N   1 
ATOM   729  C  CA  . VAL A 1 115 ? 0.902   -9.794  -0.077  1.00 23.34 ?  94  VAL A CA  1 
ATOM   730  C  C   . VAL A 1 115 ? 2.169   -9.574  0.732   1.00 21.55 ?  94  VAL A C   1 
ATOM   731  O  O   . VAL A 1 115 ? 3.273   -9.641  0.181   1.00 22.84 ?  94  VAL A O   1 
ATOM   732  C  CB  . VAL A 1 115 ? 0.754   -11.278 -0.445  1.00 27.05 ?  94  VAL A CB  1 
ATOM   733  C  CG1 . VAL A 1 115 ? 0.637   -12.122 0.820   1.00 25.73 ?  94  VAL A CG1 1 
ATOM   734  C  CG2 . VAL A 1 115 ? -0.439  -11.474 -1.361  1.00 31.17 ?  94  VAL A CG2 1 
ATOM   735  N  N   . GLN A 1 116 ? 2.010   -9.299  2.030   1.00 23.50 ?  95  GLN A N   1 
ATOM   736  C  CA  . GLN A 1 116 ? 3.120   -9.209  2.975   1.00 26.13 ?  95  GLN A CA  1 
ATOM   737  C  C   . GLN A 1 116 ? 3.023   -10.347 3.976   1.00 23.25 ?  95  GLN A C   1 
ATOM   738  O  O   . GLN A 1 116 ? 1.958   -10.557 4.566   1.00 25.12 ?  95  GLN A O   1 
ATOM   739  C  CB  . GLN A 1 116 ? 3.101   -7.891  3.743   1.00 26.03 ?  95  GLN A CB  1 
ATOM   740  C  CG  . GLN A 1 116 ? 3.234   -6.652  2.894   1.00 22.77 ?  95  GLN A CG  1 
ATOM   741  C  CD  . GLN A 1 116 ? 3.012   -5.399  3.714   1.00 24.73 ?  95  GLN A CD  1 
ATOM   742  O  OE1 . GLN A 1 116 ? 2.321   -5.423  4.741   1.00 26.58 ?  95  GLN A OE1 1 
ATOM   743  N  NE2 . GLN A 1 116 ? 3.609   -4.299  3.279   1.00 24.46 ?  95  GLN A NE2 1 
ATOM   744  N  N   . LYS A 1 117 ? 4.133   -11.055 4.187   1.00 24.40 ?  96  LYS A N   1 
ATOM   745  C  CA  . LYS A 1 117 ? 4.188   -12.141 5.161   1.00 26.93 ?  96  LYS A CA  1 
ATOM   746  C  C   . LYS A 1 117 ? 5.297   -11.900 6.171   1.00 26.78 ?  96  LYS A C   1 
ATOM   747  O  O   . LYS A 1 117 ? 6.417   -11.534 5.800   1.00 25.68 ?  96  LYS A O   1 
ATOM   748  C  CB  . LYS A 1 117 ? 4.413   -13.483 4.479   1.00 27.20 ?  96  LYS A CB  1 
ATOM   749  C  CG  . LYS A 1 117 ? 3.270   -13.909 3.602   1.00 35.07 ?  96  LYS A CG  1 
ATOM   750  C  CD  . LYS A 1 117 ? 3.336   -15.394 3.326   1.00 45.47 ?  96  LYS A CD  1 
ATOM   751  C  CE  . LYS A 1 117 ? 2.539   -15.733 2.099   1.00 54.09 ?  96  LYS A CE  1 
ATOM   752  N  NZ  . LYS A 1 117 ? 3.091   -14.989 0.933   1.00 54.08 ?  96  LYS A NZ  1 
ATOM   753  N  N   . TRP A 1 118 ? 4.985   -12.141 7.445   1.00 28.34 ?  97  TRP A N   1 
ATOM   754  C  CA  . TRP A 1 118 ? 5.950   -11.994 8.525   1.00 27.28 ?  97  TRP A CA  1 
ATOM   755  C  C   . TRP A 1 118 ? 5.408   -12.721 9.746   1.00 30.09 ?  97  TRP A C   1 
ATOM   756  O  O   . TRP A 1 118 ? 4.196   -12.743 9.973   1.00 32.37 ?  97  TRP A O   1 
ATOM   757  C  CB  . TRP A 1 118 ? 6.197   -10.514 8.849   1.00 28.54 ?  97  TRP A CB  1 
ATOM   758  C  CG  . TRP A 1 118 ? 5.101   -9.892  9.679   1.00 26.46 ?  97  TRP A CG  1 
ATOM   759  C  CD1 . TRP A 1 118 ? 5.155   -9.607  11.018  1.00 30.86 ?  97  TRP A CD1 1 
ATOM   760  C  CD2 . TRP A 1 118 ? 3.788   -9.497  9.242   1.00 26.45 ?  97  TRP A CD2 1 
ATOM   761  N  NE1 . TRP A 1 118 ? 3.965   -9.059  11.436  1.00 28.47 ?  97  TRP A NE1 1 
ATOM   762  C  CE2 . TRP A 1 118 ? 3.111   -8.978  10.369  1.00 30.13 ?  97  TRP A CE2 1 
ATOM   763  C  CE3 . TRP A 1 118 ? 3.122   -9.528  8.011   1.00 25.96 ?  97  TRP A CE3 1 
ATOM   764  C  CZ2 . TRP A 1 118 ? 1.805   -8.503  10.303  1.00 27.44 ?  97  TRP A CZ2 1 
ATOM   765  C  CZ3 . TRP A 1 118 ? 1.821   -9.062  7.953   1.00 26.01 ?  97  TRP A CZ3 1 
ATOM   766  C  CH2 . TRP A 1 118 ? 1.178   -8.553  9.088   1.00 30.28 ?  97  TRP A CH2 1 
ATOM   767  N  N   . ASP A 1 119 ? 6.318   -13.318 10.525  1.00 33.03 ?  98  ASP A N   1 
ATOM   768  C  CA  . ASP A 1 119 ? 5.968   -13.952 11.807  1.00 30.11 ?  98  ASP A CA  1 
ATOM   769  C  C   . ASP A 1 119 ? 4.745   -14.854 11.677  1.00 29.34 ?  98  ASP A C   1 
ATOM   770  O  O   . ASP A 1 119 ? 3.847   -14.838 12.521  1.00 37.76 ?  98  ASP A O   1 
ATOM   771  C  CB  . ASP A 1 119 ? 5.732   -12.916 12.903  1.00 38.68 ?  98  ASP A CB  1 
ATOM   772  C  CG  . ASP A 1 119 ? 6.955   -12.076 13.187  1.00 51.73 ?  98  ASP A CG  1 
ATOM   773  O  OD1 . ASP A 1 119 ? 6.805   -10.986 13.786  1.00 66.12 ?  98  ASP A OD1 1 
ATOM   774  O  OD2 . ASP A 1 119 ? 8.063   -12.498 12.794  1.00 62.43 ?  98  ASP A OD2 1 
ATOM   775  N  N   . GLY A 1 120 ? 4.702   -15.639 10.608  1.00 30.24 ?  99  GLY A N   1 
ATOM   776  C  CA  . GLY A 1 120 ? 3.561   -16.501 10.354  1.00 35.48 ?  99  GLY A CA  1 
ATOM   777  C  C   . GLY A 1 120 ? 2.243   -15.790 10.083  1.00 41.03 ?  99  GLY A C   1 
ATOM   778  O  O   . GLY A 1 120 ? 1.203   -16.446 9.979   1.00 40.28 ?  99  GLY A O   1 
ATOM   779  N  N   . LYS A 1 121 ? 2.261   -14.464 9.967   1.00 38.62 ?  100 LYS A N   1 
ATOM   780  C  CA  . LYS A 1 121 ? 1.074   -13.691 9.628   1.00 29.71 ?  100 LYS A CA  1 
ATOM   781  C  C   . LYS A 1 121 ? 1.149   -13.227 8.178   1.00 29.04 ?  100 LYS A C   1 
ATOM   782  O  O   . LYS A 1 121 ? 2.203   -13.264 7.541   1.00 28.14 ?  100 LYS A O   1 
ATOM   783  C  CB  . LYS A 1 121 ? 0.923   -12.477 10.548  1.00 30.06 ?  100 LYS A CB  1 
ATOM   784  C  CG  . LYS A 1 121 ? 0.973   -12.786 12.034  1.00 36.99 ?  100 LYS A CG  1 
ATOM   785  C  CD  . LYS A 1 121 ? 1.124   -11.498 12.816  1.00 35.75 ?  100 LYS A CD  1 
ATOM   786  C  CE  . LYS A 1 121 ? 1.785   -11.735 14.151  1.00 43.45 ?  100 LYS A CE  1 
ATOM   787  N  NZ  . LYS A 1 121 ? 2.167   -10.436 14.770  1.00 54.39 ?  100 LYS A NZ  1 
ATOM   788  N  N   . SER A 1 122 ? 0.012   -12.746 7.680   1.00 30.79 ?  101 SER A N   1 
ATOM   789  C  CA  . SER A 1 122 ? -0.117  -12.315 6.297   1.00 26.17 ?  101 SER A CA  1 
ATOM   790  C  C   . SER A 1 122 ? -1.173  -11.225 6.200   1.00 27.98 ?  101 SER A C   1 
ATOM   791  O  O   . SER A 1 122 ? -2.222  -11.312 6.837   1.00 31.43 ?  101 SER A O   1 
ATOM   792  C  CB  . SER A 1 122 ? -0.495  -13.500 5.402   1.00 30.10 ?  101 SER A CB  1 
ATOM   793  O  OG  . SER A 1 122 ? -0.946  -13.082 4.138   1.00 43.56 ?  101 SER A OG  1 
ATOM   794  N  N   . THR A 1 123 ? -0.900  -10.208 5.388   1.00 26.66 ?  102 THR A N   1 
ATOM   795  C  CA  . THR A 1 123 ? -1.885  -9.191  5.065   1.00 23.93 ?  102 THR A CA  1 
ATOM   796  C  C   . THR A 1 123 ? -1.846  -8.956  3.562   1.00 24.30 ?  102 THR A C   1 
ATOM   797  O  O   . THR A 1 123 ? -0.819  -9.183  2.914   1.00 25.45 ?  102 THR A O   1 
ATOM   798  C  CB  . THR A 1 123 ? -1.645  -7.881  5.839   1.00 27.70 ?  102 THR A CB  1 
ATOM   799  O  OG1 . THR A 1 123 ? -2.723  -6.970  5.593   1.00 30.31 ?  102 THR A OG1 1 
ATOM   800  C  CG2 . THR A 1 123 ? -0.333  -7.236  5.441   1.00 28.84 ?  102 THR A CG2 1 
ATOM   801  N  N   . THR A 1 124 ? -2.980  -8.533  3.007   1.00 23.75 ?  103 THR A N   1 
ATOM   802  C  CA  . THR A 1 124 ? -3.106  -8.311  1.572   1.00 25.27 ?  103 THR A CA  1 
ATOM   803  C  C   . THR A 1 124 ? -3.569  -6.884  1.324   1.00 23.81 ?  103 THR A C   1 
ATOM   804  O  O   . THR A 1 124 ? -4.508  -6.404  1.966   1.00 24.07 ?  103 THR A O   1 
ATOM   805  C  CB  . THR A 1 124 ? -4.081  -9.306  0.933   1.00 27.29 ?  103 THR A CB  1 
ATOM   806  O  OG1 . THR A 1 124 ? -3.658  -10.644 1.223   1.00 34.10 ?  103 THR A OG1 1 
ATOM   807  C  CG2 . THR A 1 124 ? -4.098  -9.139  -0.574  1.00 28.11 ?  103 THR A CG2 1 
ATOM   808  N  N   . ILE A 1 125 ? -2.901  -6.215  0.393   1.00 25.04 ?  104 ILE A N   1 
ATOM   809  C  CA  . ILE A 1 125 ? -3.170  -4.827  0.044   1.00 20.96 ?  104 ILE A CA  1 
ATOM   810  C  C   . ILE A 1 125 ? -3.452  -4.806  -1.450  1.00 20.62 ?  104 ILE A C   1 
ATOM   811  O  O   . ILE A 1 125 ? -2.578  -5.167  -2.249  1.00 22.00 ?  104 ILE A O   1 
ATOM   812  C  CB  . ILE A 1 125 ? -1.975  -3.920  0.384   1.00 25.04 ?  104 ILE A CB  1 
ATOM   813  C  CG1 . ILE A 1 125 ? -1.653  -3.981  1.875   1.00 26.12 ?  104 ILE A CG1 1 
ATOM   814  C  CG2 . ILE A 1 125 ? -2.233  -2.487  -0.036  1.00 26.99 ?  104 ILE A CG2 1 
ATOM   815  C  CD1 . ILE A 1 125 ? -0.197  -3.679  2.167   1.00 33.68 ?  104 ILE A CD1 1 
ATOM   816  N  N   . LYS A 1 126 ? -4.665  -4.422  -1.829  1.00 21.31 ?  105 LYS A N   1 
ATOM   817  C  CA  . LYS A 1 126 ? -5.038  -4.370  -3.239  1.00 22.63 ?  105 LYS A CA  1 
ATOM   818  C  C   . LYS A 1 126 ? -5.227  -2.925  -3.676  1.00 24.11 ?  105 LYS A C   1 
ATOM   819  O  O   . LYS A 1 126 ? -5.904  -2.153  -2.998  1.00 26.26 ?  105 LYS A O   1 
ATOM   820  C  CB  . LYS A 1 126 ? -6.311  -5.178  -3.492  1.00 27.04 ?  105 LYS A CB  1 
ATOM   821  C  CG  . LYS A 1 126 ? -6.145  -6.644  -3.108  1.00 30.54 ?  105 LYS A CG  1 
ATOM   822  C  CD  . LYS A 1 126 ? -7.368  -7.461  -3.482  1.00 39.60 ?  105 LYS A CD  1 
ATOM   823  C  CE  . LYS A 1 126 ? -7.105  -8.947  -3.289  1.00 47.02 ?  105 LYS A CE  1 
ATOM   824  N  NZ  . LYS A 1 126 ? -8.306  -9.783  -3.573  1.00 58.61 ?  105 LYS A NZ  1 
ATOM   825  N  N   . ARG A 1 127 ? -4.607  -2.565  -4.794  1.00 22.81 ?  106 ARG A N   1 
ATOM   826  C  CA  . ARG A 1 127 ? -4.754  -1.247  -5.394  1.00 23.01 ?  106 ARG A CA  1 
ATOM   827  C  C   . ARG A 1 127 ? -5.549  -1.390  -6.678  1.00 25.76 ?  106 ARG A C   1 
ATOM   828  O  O   . ARG A 1 127 ? -5.174  -2.175  -7.552  1.00 23.39 ?  106 ARG A O   1 
ATOM   829  C  CB  . ARG A 1 127 ? -3.397  -0.619  -5.703  1.00 22.19 ?  106 ARG A CB  1 
ATOM   830  C  CG  . ARG A 1 127 ? -2.557  -0.313  -4.476  1.00 23.45 ?  106 ARG A CG  1 
ATOM   831  C  CD  . ARG A 1 127 ? -1.170  0.144   -4.919  1.00 30.13 ?  106 ARG A CD  1 
ATOM   832  N  NE  . ARG A 1 127 ? -0.392  0.749   -3.842  1.00 31.09 ?  106 ARG A NE  1 
ATOM   833  C  CZ  . ARG A 1 127 ? 0.286   0.066   -2.928  1.00 27.27 ?  106 ARG A CZ  1 
ATOM   834  N  NH1 . ARG A 1 127 ? 0.271   -1.262  -2.922  1.00 27.61 ?  106 ARG A NH1 1 
ATOM   835  N  NH2 . ARG A 1 127 ? 0.977   0.717   -2.001  1.00 33.80 ?  106 ARG A NH2 1 
ATOM   836  N  N   . LYS A 1 128 ? -6.628  -0.628  -6.806  1.00 20.79 ?  107 LYS A N   1 
ATOM   837  C  CA  . LYS A 1 128 ? -7.432  -0.711  -8.015  1.00 24.15 ?  107 LYS A CA  1 
ATOM   838  C  C   . LYS A 1 128 ? -7.842  0.679   -8.464  1.00 22.23 ?  107 LYS A C   1 
ATOM   839  O  O   . LYS A 1 128 ? -7.885  1.625   -7.680  1.00 25.46 ?  107 LYS A O   1 
ATOM   840  C  CB  . LYS A 1 128 ? -8.670  -1.594  -7.822  1.00 29.92 ?  107 LYS A CB  1 
ATOM   841  C  CG  . LYS A 1 128 ? -9.699  -1.065  -6.881  1.00 40.27 ?  107 LYS A CG  1 
ATOM   842  C  CD  . LYS A 1 128 ? -10.542 -2.210  -6.334  1.00 53.44 ?  107 LYS A CD  1 
ATOM   843  C  CE  . LYS A 1 128 ? -9.708  -3.131  -5.444  1.00 54.04 ?  107 LYS A CE  1 
ATOM   844  N  NZ  . LYS A 1 128 ? -9.255  -2.472  -4.176  1.00 41.55 ?  107 LYS A NZ  1 
ATOM   845  N  N   . ARG A 1 129 ? -8.156  0.794   -9.745  1.00 22.88 ?  108 ARG A N   1 
ATOM   846  C  CA  . ARG A 1 129 ? -8.683  2.037   -10.279 1.00 25.54 ?  108 ARG A CA  1 
ATOM   847  C  C   . ARG A 1 129 ? -10.200 1.960   -10.316 1.00 24.13 ?  108 ARG A C   1 
ATOM   848  O  O   . ARG A 1 129 ? -10.766 1.000   -10.846 1.00 28.38 ?  108 ARG A O   1 
ATOM   849  C  CB  . ARG A 1 129 ? -8.113  2.313   -11.668 1.00 23.90 ?  108 ARG A CB  1 
ATOM   850  C  CG  . ARG A 1 129 ? -6.654  2.732   -11.620 1.00 22.57 ?  108 ARG A CG  1 
ATOM   851  C  CD  . ARG A 1 129 ? -6.544  4.180   -11.123 1.00 26.09 ?  108 ARG A CD  1 
ATOM   852  N  NE  . ARG A 1 129 ? -7.620  5.012   -11.658 1.00 29.83 ?  108 ARG A NE  1 
ATOM   853  C  CZ  . ARG A 1 129 ? -7.569  5.659   -12.818 1.00 35.53 ?  108 ARG A CZ  1 
ATOM   854  N  NH1 . ARG A 1 129 ? -6.483  5.597   -13.574 1.00 30.86 ?  108 ARG A NH1 1 
ATOM   855  N  NH2 . ARG A 1 129 ? -8.607  6.380   -13.216 1.00 39.21 ?  108 ARG A NH2 1 
ATOM   856  N  N   . GLU A 1 130 ? -10.846 2.981   -9.756  1.00 20.39 ?  109 GLU A N   1 
ATOM   857  C  CA  . GLU A 1 130 ? -12.302 3.097   -9.705  1.00 22.43 ?  109 GLU A CA  1 
ATOM   858  C  C   . GLU A 1 130 ? -12.615 4.541   -10.055 1.00 24.73 ?  109 GLU A C   1 
ATOM   859  O  O   . GLU A 1 130 ? -12.245 5.456   -9.311  1.00 24.80 ?  109 GLU A O   1 
ATOM   860  C  CB  . GLU A 1 130 ? -12.855 2.717   -8.330  1.00 27.07 ?  109 GLU A CB  1 
ATOM   861  N  N   . ASP A 1 131 ? -13.245 4.756   -11.211 1.00 24.74 ?  110 ASP A N   1 
ATOM   862  C  CA  . ASP A 1 131 ? -13.466 6.108   -11.730 1.00 23.31 ?  110 ASP A CA  1 
ATOM   863  C  C   . ASP A 1 131 ? -12.104 6.795   -11.784 1.00 22.23 ?  110 ASP A C   1 
ATOM   864  O  O   . ASP A 1 131 ? -11.136 6.187   -12.265 1.00 23.01 ?  110 ASP A O   1 
ATOM   865  C  CB  . ASP A 1 131 ? -14.532 6.823   -10.905 1.00 24.53 ?  110 ASP A CB  1 
ATOM   866  C  CG  . ASP A 1 131 ? -15.856 6.097   -10.914 1.00 34.45 ?  110 ASP A CG  1 
ATOM   867  O  OD1 . ASP A 1 131 ? -16.274 5.647   -11.999 1.00 37.55 ?  110 ASP A OD1 1 
ATOM   868  O  OD2 . ASP A 1 131 ? -16.479 5.971   -9.836  1.00 46.22 ?  110 ASP A OD2 1 
ATOM   869  N  N   . ASP A 1 132 ? -11.971 8.037   -11.328 1.00 21.49 ?  111 ASP A N   1 
ATOM   870  C  CA  . ASP A 1 132 ? -10.693 8.730   -11.373 1.00 26.83 ?  111 ASP A CA  1 
ATOM   871  C  C   . ASP A 1 132 ? -9.858  8.495   -10.128 1.00 26.97 ?  111 ASP A C   1 
ATOM   872  O  O   . ASP A 1 132 ? -8.828  9.152   -9.956  1.00 27.64 ?  111 ASP A O   1 
ATOM   873  C  CB  . ASP A 1 132 ? -10.909 10.228  -11.567 1.00 25.23 ?  111 ASP A CB  1 
ATOM   874  C  CG  . ASP A 1 132 ? -11.433 10.562  -12.950 1.00 27.91 ?  111 ASP A CG  1 
ATOM   875  O  OD1 . ASP A 1 132 ? -10.956 9.964   -13.939 1.00 28.63 ?  111 ASP A OD1 1 
ATOM   876  O  OD2 . ASP A 1 132 ? -12.330 11.418  -13.039 1.00 29.26 ?  111 ASP A OD2 1 
ATOM   877  N  N   . LYS A 1 133 ? -10.279 7.581   -9.265  1.00 23.53 ?  112 LYS A N   1 
ATOM   878  C  CA  . LYS A 1 133 ? -9.635  7.323   -7.987  1.00 21.04 ?  112 LYS A CA  1 
ATOM   879  C  C   . LYS A 1 133 ? -8.761  6.079   -8.046  1.00 22.80 ?  112 LYS A C   1 
ATOM   880  O  O   . LYS A 1 133 ? -8.943  5.188   -8.880  1.00 21.58 ?  112 LYS A O   1 
ATOM   881  C  CB  . LYS A 1 133 ? -10.689 7.139   -6.889  1.00 23.43 ?  112 LYS A CB  1 
ATOM   882  C  CG  . LYS A 1 133 ? -11.795 8.194   -6.838  1.00 29.23 ?  112 LYS A CG  1 
ATOM   883  C  CD  . LYS A 1 133 ? -11.393 9.401   -6.024  1.00 32.15 ?  112 LYS A CD  1 
ATOM   884  C  CE  . LYS A 1 133 ? -12.592 10.310  -5.783  1.00 44.75 ?  112 LYS A CE  1 
ATOM   885  N  NZ  . LYS A 1 133 ? -12.378 11.211  -4.622  1.00 51.39 ?  112 LYS A NZ  1 
ATOM   886  N  N   . LEU A 1 134 ? -7.824  6.008   -7.105  1.00 19.40 ?  113 LEU A N   1 
ATOM   887  C  CA  . LEU A 1 134 ? -7.060  4.803   -6.841  1.00 18.05 ?  113 LEU A CA  1 
ATOM   888  C  C   . LEU A 1 134 ? -7.513  4.350   -5.459  1.00 20.82 ?  113 LEU A C   1 
ATOM   889  O  O   . LEU A 1 134 ? -7.362  5.090   -4.482  1.00 23.48 ?  113 LEU A O   1 
ATOM   890  C  CB  . LEU A 1 134 ? -5.553  5.073   -6.903  1.00 18.43 ?  113 LEU A CB  1 
ATOM   891  C  CG  . LEU A 1 134 ? -4.546  3.901   -6.866  1.00 23.35 ?  113 LEU A CG  1 
ATOM   892  C  CD1 . LEU A 1 134 ? -3.147  4.376   -7.250  1.00 24.16 ?  113 LEU A CD1 1 
ATOM   893  C  CD2 . LEU A 1 134 ? -4.472  3.250   -5.517  1.00 29.12 ?  113 LEU A CD2 1 
ATOM   894  N  N   . VAL A 1 135 ? -8.135  3.181   -5.394  1.00 20.94 ?  114 VAL A N   1 
ATOM   895  C  CA  . VAL A 1 135 ? -8.735  2.684   -4.163  1.00 21.35 ?  114 VAL A CA  1 
ATOM   896  C  C   . VAL A 1 135 ? -7.867  1.556   -3.631  1.00 24.64 ?  114 VAL A C   1 
ATOM   897  O  O   . VAL A 1 135 ? -7.545  0.614   -4.365  1.00 24.63 ?  114 VAL A O   1 
ATOM   898  C  CB  . VAL A 1 135 ? -10.183 2.214   -4.390  1.00 23.86 ?  114 VAL A CB  1 
ATOM   899  C  CG1 . VAL A 1 135 ? -10.763 1.624   -3.089  1.00 26.64 ?  114 VAL A CG1 1 
ATOM   900  C  CG2 . VAL A 1 135 ? -11.034 3.374   -4.861  1.00 23.46 ?  114 VAL A CG2 1 
ATOM   901  N  N   . VAL A 1 136 ? -7.495  1.645   -2.354  1.00 20.89 ?  115 VAL A N   1 
ATOM   902  C  CA  . VAL A 1 136 ? -6.646  0.644   -1.719  1.00 23.06 ?  115 VAL A CA  1 
ATOM   903  C  C   . VAL A 1 136 ? -7.479  -0.092  -0.680  1.00 21.88 ?  115 VAL A C   1 
ATOM   904  O  O   . VAL A 1 136 ? -8.070  0.537   0.207   1.00 26.51 ?  115 VAL A O   1 
ATOM   905  C  CB  . VAL A 1 136 ? -5.401  1.269   -1.078  1.00 23.65 ?  115 VAL A CB  1 
ATOM   906  C  CG1 . VAL A 1 136 ? -4.437  0.173   -0.638  1.00 24.85 ?  115 VAL A CG1 1 
ATOM   907  C  CG2 . VAL A 1 136 ? -4.719  2.212   -2.053  1.00 24.38 ?  115 VAL A CG2 1 
ATOM   908  N  N   . GLU A 1 137 ? -7.549  -1.412  -0.802  1.00 21.58 ?  116 GLU A N   1 
ATOM   909  C  CA  . GLU A 1 137 ? -8.182  -2.263  0.203   1.00 25.27 ?  116 GLU A CA  1 
ATOM   910  C  C   . GLU A 1 137 ? -7.104  -3.048  0.939   1.00 25.94 ?  116 GLU A C   1 
ATOM   911  O  O   . GLU A 1 137 ? -6.352  -3.814  0.325   1.00 24.41 ?  116 GLU A O   1 
ATOM   912  C  CB  . GLU A 1 137 ? -9.204  -3.211  -0.427  1.00 29.87 ?  116 GLU A CB  1 
ATOM   913  N  N   . CYS A 1 138 ? -7.044  -2.869  2.255   1.00 25.85 ?  117 CYS A N   1 
ATOM   914  C  CA  . CYS A 1 138 ? -6.073  -3.527  3.120   1.00 25.27 ?  117 CYS A CA  1 
ATOM   915  C  C   . CYS A 1 138 ? -6.824  -4.517  3.992   1.00 24.84 ?  117 CYS A C   1 
ATOM   916  O  O   . CYS A 1 138 ? -7.762  -4.127  4.692   1.00 28.57 ?  117 CYS A O   1 
ATOM   917  C  CB  . CYS A 1 138 ? -5.345  -2.506  3.990   1.00 27.86 ?  117 CYS A CB  1 
ATOM   918  S  SG  . CYS A 1 138 ? -4.546  -1.203  3.035   1.00 35.55 ?  117 CYS A SG  1 
ATOM   919  N  N   . VAL A 1 139 ? -6.430  -5.786  3.942   1.00 24.93 ?  118 VAL A N   1 
ATOM   920  C  CA  . VAL A 1 139 ? -7.119  -6.841  4.679   1.00 28.71 ?  118 VAL A CA  1 
ATOM   921  C  C   . VAL A 1 139 ? -6.125  -7.555  5.581   1.00 24.61 ?  118 VAL A C   1 
ATOM   922  O  O   . VAL A 1 139 ? -5.078  -8.022  5.117   1.00 24.51 ?  118 VAL A O   1 
ATOM   923  C  CB  . VAL A 1 139 ? -7.803  -7.837  3.727   1.00 30.72 ?  118 VAL A CB  1 
ATOM   924  C  CG1 . VAL A 1 139 ? -8.664  -8.801  4.516   1.00 37.81 ?  118 VAL A CG1 1 
ATOM   925  C  CG2 . VAL A 1 139 ? -8.639  -7.094  2.709   1.00 36.29 ?  118 VAL A CG2 1 
ATOM   926  N  N   . MET A 1 140 ? -6.456  -7.644  6.867   1.00 26.68 ?  119 MET A N   1 
ATOM   927  C  CA  . MET A 1 140 ? -5.703  -8.441  7.823   1.00 29.40 ?  119 MET A CA  1 
ATOM   928  C  C   . MET A 1 140 ? -6.722  -9.272  8.580   1.00 35.11 ?  119 MET A C   1 
ATOM   929  O  O   . MET A 1 140 ? -7.589  -8.709  9.255   1.00 32.79 ?  119 MET A O   1 
ATOM   930  C  CB  . MET A 1 140 ? -4.900  -7.550  8.772   1.00 31.08 ?  119 MET A CB  1 
ATOM   931  C  CG  . MET A 1 140 ? -4.273  -8.291  9.936   1.00 36.68 ?  119 MET A CG  1 
ATOM   932  S  SD  . MET A 1 140 ? -2.690  -8.966  9.489   1.00 37.10 ?  119 MET A SD  1 
ATOM   933  C  CE  . MET A 1 140 ? -2.229  -9.828  10.990  1.00 30.81 ?  119 MET A CE  1 
ATOM   934  N  N   . LYS A 1 141 ? -6.646  -10.597 8.432   1.00 37.65 ?  120 LYS A N   1 
ATOM   935  C  CA  . LYS A 1 141 ? -7.627  -11.491 9.039   1.00 38.33 ?  120 LYS A CA  1 
ATOM   936  C  C   . LYS A 1 141 ? -9.045  -11.035 8.702   1.00 38.91 ?  120 LYS A C   1 
ATOM   937  O  O   . LYS A 1 141 ? -9.418  -10.970 7.528   1.00 45.13 ?  120 LYS A O   1 
ATOM   938  C  CB  . LYS A 1 141 ? -7.397  -11.567 10.548  1.00 41.51 ?  120 LYS A CB  1 
ATOM   939  C  CG  . LYS A 1 141 ? -6.103  -12.285 10.890  1.00 41.98 ?  120 LYS A CG  1 
ATOM   940  C  CD  . LYS A 1 141 ? -5.499  -11.810 12.200  1.00 51.45 ?  120 LYS A CD  1 
ATOM   941  C  CE  . LYS A 1 141 ? -4.766  -12.947 12.891  1.00 53.82 ?  120 LYS A CE  1 
ATOM   942  N  NZ  . LYS A 1 141 ? -5.731  -13.982 13.369  1.00 64.20 ?  120 LYS A NZ  1 
ATOM   943  N  N   . GLY A 1 142 ? -9.838  -10.690 9.701   1.00 44.54 ?  121 GLY A N   1 
ATOM   944  C  CA  . GLY A 1 142 ? -11.182 -10.267 9.369   1.00 46.09 ?  121 GLY A CA  1 
ATOM   945  C  C   . GLY A 1 142 ? -11.377 -8.783  9.133   1.00 45.91 ?  121 GLY A C   1 
ATOM   946  O  O   . GLY A 1 142 ? -12.508 -8.356  8.878   1.00 49.16 ?  121 GLY A O   1 
ATOM   947  N  N   . VAL A 1 143 ? -10.320 -7.981  9.196   1.00 33.69 ?  122 VAL A N   1 
ATOM   948  C  CA  . VAL A 1 143 ? -10.445 -6.529  9.264   1.00 28.34 ?  122 VAL A CA  1 
ATOM   949  C  C   . VAL A 1 143 ? -10.069 -5.946  7.913   1.00 36.56 ?  122 VAL A C   1 
ATOM   950  O  O   . VAL A 1 143 ? -8.962  -6.182  7.417   1.00 30.27 ?  122 VAL A O   1 
ATOM   951  C  CB  . VAL A 1 143 ? -9.565  -5.942  10.377  1.00 33.17 ?  122 VAL A CB  1 
ATOM   952  C  CG1 . VAL A 1 143 ? -9.714  -4.438  10.423  1.00 36.05 ?  122 VAL A CG1 1 
ATOM   953  C  CG2 . VAL A 1 143 ? -9.919  -6.574  11.723  1.00 41.07 ?  122 VAL A CG2 1 
ATOM   954  N  N   . THR A 1 144 ? -10.978 -5.167  7.328   1.00 28.56 ?  123 THR A N   1 
ATOM   955  C  CA  . THR A 1 144 ? -10.747 -4.537  6.033   1.00 30.69 ?  123 THR A CA  1 
ATOM   956  C  C   . THR A 1 144 ? -10.781 -3.023  6.177   1.00 33.99 ?  123 THR A C   1 
ATOM   957  O  O   . THR A 1 144 ? -11.713 -2.473  6.776   1.00 38.84 ?  123 THR A O   1 
ATOM   958  C  CB  . THR A 1 144 ? -11.781 -4.989  5.000   1.00 33.84 ?  123 THR A CB  1 
ATOM   959  O  OG1 . THR A 1 144 ? -11.605 -6.387  4.731   1.00 39.34 ?  123 THR A OG1 1 
ATOM   960  C  CG2 . THR A 1 144 ? -11.598 -4.209  3.701   1.00 32.35 ?  123 THR A CG2 1 
ATOM   961  N  N   . SER A 1 145 ? -9.764  -2.359  5.636   1.00 28.13 ?  124 SER A N   1 
ATOM   962  C  CA  . SER A 1 145 ? -9.708  -0.912  5.576   1.00 24.00 ?  124 SER A CA  1 
ATOM   963  C  C   . SER A 1 145 ? -9.683  -0.459  4.125   1.00 27.04 ?  124 SER A C   1 
ATOM   964  O  O   . SER A 1 145 ? -9.154  -1.157  3.255   1.00 29.61 ?  124 SER A O   1 
ATOM   965  C  CB  . SER A 1 145 ? -8.476  -0.377  6.283   1.00 26.66 ?  124 SER A CB  1 
ATOM   966  O  OG  . SER A 1 145 ? -8.414  1.029   6.140   1.00 30.07 ?  124 SER A OG  1 
ATOM   967  N  N   . THR A 1 146 ? -10.243 0.720   3.873   1.00 27.78 ?  125 THR A N   1 
ATOM   968  C  CA  . THR A 1 146 ? -10.245 1.302   2.539   1.00 24.83 ?  125 THR A CA  1 
ATOM   969  C  C   . THR A 1 146 ? -9.604  2.680   2.594   1.00 29.97 ?  125 THR A C   1 
ATOM   970  O  O   . THR A 1 146 ? -10.021 3.533   3.388   1.00 28.47 ?  125 THR A O   1 
ATOM   971  C  CB  . THR A 1 146 ? -11.667 1.396   1.974   1.00 29.38 ?  125 THR A CB  1 
ATOM   972  O  OG1 . THR A 1 146 ? -12.314 0.123   2.092   1.00 37.15 ?  125 THR A OG1 1 
ATOM   973  C  CG2 . THR A 1 146 ? -11.615 1.773   0.496   1.00 27.70 ?  125 THR A CG2 1 
ATOM   974  N  N   . ARG A 1 147 ? -8.605  2.894   1.744   1.00 23.62 ?  126 ARG A N   1 
ATOM   975  C  CA  . ARG A 1 147 ? -7.922  4.175   1.604   1.00 20.50 ?  126 ARG A CA  1 
ATOM   976  C  C   . ARG A 1 147 ? -8.110  4.636   0.168   1.00 21.30 ?  126 ARG A C   1 
ATOM   977  O  O   . ARG A 1 147 ? -7.732  3.914   -0.756  1.00 24.01 ?  126 ARG A O   1 
ATOM   978  C  CB  . ARG A 1 147 ? -6.434  4.040   1.921   1.00 21.45 ?  126 ARG A CB  1 
ATOM   979  C  CG  . ARG A 1 147 ? -6.161  3.384   3.277   1.00 32.95 ?  126 ARG A CG  1 
ATOM   980  C  CD  . ARG A 1 147 ? -6.031  4.420   4.376   1.00 30.46 ?  126 ARG A CD  1 
ATOM   981  N  NE  . ARG A 1 147 ? -4.679  4.965   4.429   1.00 21.94 ?  126 ARG A NE  1 
ATOM   982  C  CZ  . ARG A 1 147 ? -4.288  5.894   5.290   1.00 25.99 ?  126 ARG A CZ  1 
ATOM   983  N  NH1 . ARG A 1 147 ? -5.159  6.379   6.165   1.00 28.42 ?  126 ARG A NH1 1 
ATOM   984  N  NH2 . ARG A 1 147 ? -3.040  6.340   5.276   1.00 41.08 ?  126 ARG A NH2 1 
ATOM   985  N  N   . VAL A 1 148 ? -8.695  5.819   -0.020  1.00 22.11 ?  127 VAL A N   1 
ATOM   986  C  CA  . VAL A 1 148 ? -9.005  6.344   -1.348  1.00 19.59 ?  127 VAL A CA  1 
ATOM   987  C  C   . VAL A 1 148 ? -8.033  7.469   -1.683  1.00 23.59 ?  127 VAL A C   1 
ATOM   988  O  O   . VAL A 1 148 ? -7.861  8.411   -0.897  1.00 21.63 ?  127 VAL A O   1 
ATOM   989  C  CB  . VAL A 1 148 ? -10.459 6.836   -1.435  1.00 22.60 ?  127 VAL A CB  1 
ATOM   990  C  CG1 . VAL A 1 148 ? -10.737 7.365   -2.852  1.00 23.75 ?  127 VAL A CG1 1 
ATOM   991  C  CG2 . VAL A 1 148 ? -11.411 5.696   -1.131  1.00 25.21 ?  127 VAL A CG2 1 
ATOM   992  N  N   . TYR A 1 149 ? -7.400  7.366   -2.850  1.00 20.04 ?  128 TYR A N   1 
ATOM   993  C  CA  . TYR A 1 149 ? -6.478  8.372   -3.355  1.00 18.48 ?  128 TYR A CA  1 
ATOM   994  C  C   . TYR A 1 149 ? -7.035  9.039   -4.606  1.00 21.84 ?  128 TYR A C   1 
ATOM   995  O  O   . TYR A 1 149 ? -7.687  8.396   -5.437  1.00 24.00 ?  128 TYR A O   1 
ATOM   996  C  CB  . TYR A 1 149 ? -5.113  7.756   -3.689  1.00 19.28 ?  128 TYR A CB  1 
ATOM   997  C  CG  . TYR A 1 149 ? -4.351  7.352   -2.449  1.00 18.23 ?  128 TYR A CG  1 
ATOM   998  C  CD1 . TYR A 1 149 ? -4.717  6.241   -1.729  1.00 17.33 ?  128 TYR A CD1 1 
ATOM   999  C  CD2 . TYR A 1 149 ? -3.279  8.110   -1.997  1.00 20.32 ?  128 TYR A CD2 1 
ATOM   1000 C  CE1 . TYR A 1 149 ? -4.019  5.869   -0.561  1.00 19.86 ?  128 TYR A CE1 1 
ATOM   1001 C  CE2 . TYR A 1 149 ? -2.575  7.755   -0.855  1.00 19.59 ?  128 TYR A CE2 1 
ATOM   1002 C  CZ  . TYR A 1 149 ? -2.952  6.642   -0.143  1.00 20.40 ?  128 TYR A CZ  1 
ATOM   1003 O  OH  . TYR A 1 149 ? -2.250  6.310   0.989   1.00 23.68 ?  128 TYR A OH  1 
ATOM   1004 N  N   . GLU A 1 150 ? -6.751  10.329  -4.746  1.00 21.01 ?  129 GLU A N   1 
ATOM   1005 C  CA  . GLU A 1 150 ? -7.069  11.064  -5.963  1.00 20.43 ?  129 GLU A CA  1 
ATOM   1006 C  C   . GLU A 1 150 ? -5.793  11.640  -6.557  1.00 20.55 ?  129 GLU A C   1 
ATOM   1007 O  O   . GLU A 1 150 ? -4.789  11.816  -5.872  1.00 20.89 ?  129 GLU A O   1 
ATOM   1008 C  CB  . GLU A 1 150 ? -8.085  12.201  -5.699  1.00 25.68 ?  129 GLU A CB  1 
ATOM   1009 N  N   . ARG A 1 151 ? -5.833  11.955  -7.852  1.00 23.84 ?  130 ARG A N   1 
ATOM   1010 C  CA  . ARG A 1 151 ? -4.668  12.546  -8.494  1.00 21.44 ?  130 ARG A CA  1 
ATOM   1011 C  C   . ARG A 1 151 ? -4.255  13.845  -7.814  1.00 26.77 ?  130 ARG A C   1 
ATOM   1012 O  O   . ARG A 1 151 ? -5.097  14.678  -7.455  1.00 28.38 ?  130 ARG A O   1 
ATOM   1013 C  CB  . ARG A 1 151 ? -4.969  12.824  -9.970  1.00 26.23 ?  130 ARG A CB  1 
ATOM   1014 C  CG  . ARG A 1 151 ? -5.313  11.587  -10.753 1.00 32.21 ?  130 ARG A CG  1 
ATOM   1015 C  CD  . ARG A 1 151 ? -4.176  11.210  -11.650 1.00 37.58 ?  130 ARG A CD  1 
ATOM   1016 N  NE  . ARG A 1 151 ? -4.493  10.039  -12.461 1.00 34.76 ?  130 ARG A NE  1 
ATOM   1017 C  CZ  . ARG A 1 151 ? -3.576  9.166   -12.858 1.00 27.66 ?  130 ARG A CZ  1 
ATOM   1018 N  NH1 . ARG A 1 151 ? -2.312  9.369   -12.517 1.00 27.20 ?  130 ARG A NH1 1 
ATOM   1019 N  NH2 . ARG A 1 151 ? -3.915  8.106   -13.579 1.00 27.03 ?  130 ARG A NH2 1 
ATOM   1020 N  N   . ALA A 1 152 ? -2.947  14.023  -7.658  1.00 27.82 ?  131 ALA A N   1 
ATOM   1021 C  CA  . ALA A 1 152 ? -2.387  15.218  -7.041  1.00 32.91 ?  131 ALA A CA  1 
ATOM   1022 C  C   . ALA A 1 152 ? -1.842  16.177  -8.082  1.00 45.14 ?  131 ALA A C   1 
ATOM   1023 O  O   . ALA A 1 152 ? -2.428  16.345  -9.153  1.00 60.08 ?  131 ALA A O   1 
ATOM   1024 C  CB  . ALA A 1 152 ? -1.304  14.846  -6.070  1.00 32.82 ?  131 ALA A CB  1 
HETATM 1025 N  N1  . W6K B 2 .   ? -0.203  2.402   5.048   1.00 24.50 ?  201 W6K A N1  1 
HETATM 1026 C  C4  . W6K B 2 .   ? 0.093   0.025   2.224   1.00 30.35 ?  201 W6K A C4  1 
HETATM 1027 C  C5  . W6K B 2 .   ? 0.223   0.578   3.483   1.00 27.06 ?  201 W6K A C5  1 
HETATM 1028 C  C6  . W6K B 2 .   ? -0.334  1.834   3.766   1.00 23.90 ?  201 W6K A C6  1 
HETATM 1029 C  C7  . W6K B 2 .   ? -1.900  2.649   0.366   1.00 28.49 ?  201 W6K A C7  1 
HETATM 1030 C  C8  . W6K B 2 .   ? 0.116   1.795   6.281   1.00 26.54 ?  201 W6K A C8  1 
HETATM 1031 C  C10 . W6K B 2 .   ? 0.127   -0.118  7.744   1.00 30.41 ?  201 W6K A C10 1 
HETATM 1032 C  C13 . W6K B 2 .   ? 0.750   2.558   7.276   1.00 21.18 ?  201 W6K A C13 1 
HETATM 1033 C  C15 . W6K B 2 .   ? 0.315   5.003   7.632   1.00 24.35 ?  201 W6K A C15 1 
HETATM 1034 C  C17 . W6K B 2 .   ? 1.597   6.692   6.510   1.00 26.34 ?  201 W6K A C17 1 
HETATM 1035 C  C20 . W6K B 2 .   ? -1.649  3.895   3.037   1.00 26.88 ?  201 W6K A C20 1 
HETATM 1036 C  C1  . W6K B 2 .   ? -1.038  2.538   2.757   1.00 24.30 ?  201 W6K A C1  1 
HETATM 1037 C  C11 . W6K B 2 .   ? 0.736   0.620   8.735   1.00 30.23 ?  201 W6K A C11 1 
HETATM 1038 C  C12 . W6K B 2 .   ? 1.035   1.956   8.499   1.00 28.18 ?  201 W6K A C12 1 
HETATM 1039 C  C14 . W6K B 2 .   ? 1.061   3.992   7.032   1.00 24.63 ?  201 W6K A C14 1 
HETATM 1040 C  C16 . W6K B 2 .   ? 0.590   6.338   7.381   1.00 23.01 ?  201 W6K A C16 1 
HETATM 1041 C  C18 . W6K B 2 .   ? 2.329   5.710   5.887   1.00 28.73 ?  201 W6K A C18 1 
HETATM 1042 C  C19 . W6K B 2 .   ? 2.060   4.372   6.140   1.00 28.41 ?  201 W6K A C19 1 
HETATM 1043 C  C2  . W6K B 2 .   ? -1.170  1.956   1.485   1.00 27.39 ?  201 W6K A C2  1 
HETATM 1044 C  C3  . W6K B 2 .   ? -0.594  0.712   1.244   1.00 29.77 ?  201 W6K A C3  1 
HETATM 1045 C  C9  . W6K B 2 .   ? -0.186  0.459   6.527   1.00 27.09 ?  201 W6K A C9  1 
HETATM 1046 O  O1  . W6K B 2 .   ? -1.039  4.653   3.827   1.00 26.10 ?  201 W6K A O1  1 
HETATM 1047 O  O2  . W6K B 2 .   ? -2.745  4.174   2.493   1.00 25.59 -1 201 W6K A O2  1 
HETATM 1048 CL CL1 . W6K B 2 .   ? 1.827   2.853   9.754   1.00 40.18 ?  201 W6K A CL1 1 
HETATM 1049 C  C1  . EDO C 3 .   ? 5.542   2.207   -0.409  1.00 31.37 ?  202 EDO A C1  1 
HETATM 1050 O  O1  . EDO C 3 .   ? 5.910   2.161   0.971   1.00 45.10 ?  202 EDO A O1  1 
HETATM 1051 C  C2  . EDO C 3 .   ? 4.571   1.037   -0.598  1.00 31.41 ?  202 EDO A C2  1 
HETATM 1052 O  O2  . EDO C 3 .   ? 3.533   1.149   0.393   1.00 45.78 ?  202 EDO A O2  1 
HETATM 1053 O  O   . HOH D 4 .   ? 6.778   -0.015  2.665   1.00 33.51 ?  301 HOH A O   1 
HETATM 1054 O  O   . HOH D 4 .   ? 1.538   4.654   2.805   1.00 29.88 ?  302 HOH A O   1 
HETATM 1055 O  O   . HOH D 4 .   ? -8.452  11.577  -9.255  1.00 29.04 ?  303 HOH A O   1 
HETATM 1056 O  O   . HOH D 4 .   ? 7.147   -6.036  -13.500 1.00 24.90 ?  304 HOH A O   1 
HETATM 1057 O  O   . HOH D 4 .   ? 5.092   13.790  -1.555  1.00 40.04 ?  305 HOH A O   1 
HETATM 1058 O  O   . HOH D 4 .   ? -1.376  14.203  0.608   1.00 38.90 ?  306 HOH A O   1 
HETATM 1059 O  O   . HOH D 4 .   ? 1.011   12.482  12.154  1.00 25.35 ?  307 HOH A O   1 
HETATM 1060 O  O   . HOH D 4 .   ? 3.361   -1.229  1.474   1.00 34.81 ?  308 HOH A O   1 
HETATM 1061 O  O   . HOH D 4 .   ? 0.269   13.775  9.747   1.00 29.38 ?  309 HOH A O   1 
HETATM 1062 O  O   . HOH D 4 .   ? 10.551  4.379   -11.776 1.00 34.18 ?  310 HOH A O   1 
HETATM 1063 O  O   . HOH D 4 .   ? 3.910   -3.130  13.766  1.00 35.57 ?  311 HOH A O   1 
HETATM 1064 O  O   . HOH D 4 .   ? -5.376  5.604   14.058  1.00 33.97 ?  312 HOH A O   1 
HETATM 1065 O  O   . HOH D 4 .   ? 4.046   7.976   4.173   1.00 28.78 ?  313 HOH A O   1 
HETATM 1066 O  O   . HOH D 4 .   ? -7.101  9.243   -12.498 1.00 33.70 ?  314 HOH A O   1 
HETATM 1067 O  O   . HOH D 4 .   ? -3.110  7.946   7.596   1.00 26.73 ?  315 HOH A O   1 
HETATM 1068 O  O   . HOH D 4 .   ? 14.053  -9.919  -4.804  1.00 31.96 ?  316 HOH A O   1 
HETATM 1069 O  O   . HOH D 4 .   ? -4.783  -1.925  -14.386 1.00 35.02 ?  317 HOH A O   1 
HETATM 1070 O  O   . HOH D 4 .   ? 5.833   -15.277 -3.465  1.00 44.42 ?  318 HOH A O   1 
HETATM 1071 O  O   . HOH D 4 .   ? 2.937   -7.561  13.865  1.00 37.64 ?  319 HOH A O   1 
HETATM 1072 O  O   . HOH D 4 .   ? 6.724   -8.611  -6.455  1.00 22.06 ?  320 HOH A O   1 
HETATM 1073 O  O   . HOH D 4 .   ? 10.878  2.057   -11.355 1.00 27.03 ?  321 HOH A O   1 
HETATM 1074 O  O   . HOH D 4 .   ? -4.968  9.590   14.770  1.00 34.33 ?  322 HOH A O   1 
HETATM 1075 O  O   . HOH D 4 .   ? 1.536   3.240   -0.885  1.00 34.63 ?  323 HOH A O   1 
HETATM 1076 O  O   . HOH D 4 .   ? 7.833   6.386   -7.889  1.00 26.16 ?  324 HOH A O   1 
HETATM 1077 O  O   . HOH D 4 .   ? 0.693   -11.078 -4.893  1.00 31.29 ?  325 HOH A O   1 
HETATM 1078 O  O   . HOH D 4 .   ? 0.504   -0.096  22.115  1.00 35.75 ?  326 HOH A O   1 
HETATM 1079 O  O   . HOH D 4 .   ? 12.503  -6.045  -5.617  1.00 23.82 ?  327 HOH A O   1 
HETATM 1080 O  O   . HOH D 4 .   ? -9.756  5.463   8.858   1.00 31.67 ?  328 HOH A O   1 
HETATM 1081 O  O   . HOH D 4 .   ? 10.983  8.553   6.725   1.00 36.90 ?  329 HOH A O   1 
HETATM 1082 O  O   . HOH D 4 .   ? -1.309  -3.372  -4.103  1.00 25.16 ?  330 HOH A O   1 
HETATM 1083 O  O   . HOH D 4 .   ? 0.748   -3.175  5.625   1.00 31.32 ?  331 HOH A O   1 
HETATM 1084 O  O   . HOH D 4 .   ? -13.377 -0.928  4.545   1.00 42.93 ?  332 HOH A O   1 
HETATM 1085 O  O   . HOH D 4 .   ? -7.918  -1.500  -11.470 1.00 29.93 ?  333 HOH A O   1 
HETATM 1086 O  O   . HOH D 4 .   ? 1.499   -10.542 -12.147 1.00 30.80 ?  334 HOH A O   1 
HETATM 1087 O  O   . HOH D 4 .   ? 12.514  -15.460 -2.391  1.00 43.40 ?  335 HOH A O   1 
HETATM 1088 O  O   . HOH D 4 .   ? -0.907  11.716  -11.557 1.00 28.54 ?  336 HOH A O   1 
HETATM 1089 O  O   . HOH D 4 .   ? 3.794   2.619   18.927  1.00 33.17 ?  337 HOH A O   1 
HETATM 1090 O  O   . HOH D 4 .   ? -13.527 -4.893  8.699   1.00 39.47 ?  338 HOH A O   1 
HETATM 1091 O  O   . HOH D 4 .   ? 5.382   -12.842 -0.172  1.00 35.49 ?  339 HOH A O   1 
HETATM 1092 O  O   . HOH D 4 .   ? 4.757   0.728   4.570   1.00 28.39 ?  340 HOH A O   1 
HETATM 1093 O  O   . HOH D 4 .   ? -17.720 7.760   -13.428 1.00 37.71 ?  341 HOH A O   1 
HETATM 1094 O  O   . HOH D 4 .   ? -6.864  -6.681  -0.042  1.00 36.17 ?  342 HOH A O   1 
HETATM 1095 O  O   . HOH D 4 .   ? 6.839   6.089   -14.912 1.00 24.19 ?  343 HOH A O   1 
HETATM 1096 O  O   . HOH D 4 .   ? 10.591  2.277   -19.470 1.00 34.72 ?  344 HOH A O   1 
HETATM 1097 O  O   . HOH D 4 .   ? -12.164 -7.302  1.963   1.00 55.66 ?  345 HOH A O   1 
HETATM 1098 O  O   . HOH D 4 .   ? -13.138 -3.561  12.087  1.00 44.24 ?  346 HOH A O   1 
HETATM 1099 O  O   . HOH D 4 .   ? 2.713   -1.675  4.371   1.00 32.91 ?  347 HOH A O   1 
HETATM 1100 O  O   . HOH D 4 .   ? 0.607   6.010   0.097   1.00 28.05 ?  348 HOH A O   1 
HETATM 1101 O  O   . HOH D 4 .   ? -13.765 9.680   -9.542  1.00 28.66 ?  349 HOH A O   1 
HETATM 1102 O  O   . HOH D 4 .   ? -11.754 10.007  5.712   1.00 37.30 ?  350 HOH A O   1 
HETATM 1103 O  O   . HOH D 4 .   ? 10.988  -7.749  -7.006  1.00 24.06 ?  351 HOH A O   1 
HETATM 1104 O  O   . HOH D 4 .   ? -6.052  6.946   -16.266 1.00 51.08 ?  352 HOH A O   1 
HETATM 1105 O  O   . HOH D 4 .   ? -2.437  -13.270 9.451   1.00 37.00 ?  353 HOH A O   1 
HETATM 1106 O  O   . HOH D 4 .   ? 7.754   -14.270 6.210   1.00 41.62 ?  354 HOH A O   1 
HETATM 1107 O  O   . HOH D 4 .   ? 13.330  5.777   -13.709 1.00 37.34 ?  355 HOH A O   1 
HETATM 1108 O  O   . HOH D 4 .   ? 6.082   -15.580 7.845   1.00 42.80 ?  356 HOH A O   1 
HETATM 1109 O  O   . HOH D 4 .   ? 1.712   -4.032  -16.374 1.00 47.50 ?  357 HOH A O   1 
HETATM 1110 O  O   . HOH D 4 .   ? -12.424 5.295   2.316   1.00 36.01 ?  358 HOH A O   1 
HETATM 1111 O  O   . HOH D 4 .   ? 6.062   12.067  12.547  1.00 42.50 ?  359 HOH A O   1 
HETATM 1112 O  O   . HOH D 4 .   ? 3.699   2.932   3.344   1.00 33.95 ?  360 HOH A O   1 
HETATM 1113 O  O   . HOH D 4 .   ? 7.518   -15.762 4.005   1.00 45.37 ?  361 HOH A O   1 
# 
